data_1FRD
# 
_entry.id   1FRD 
# 
_audit_conform.dict_name       mmcif_pdbx.dic 
_audit_conform.dict_version    5.385 
_audit_conform.dict_location   http://mmcif.pdb.org/dictionaries/ascii/mmcif_pdbx.dic 
# 
loop_
_database_2.database_id 
_database_2.database_code 
_database_2.pdbx_database_accession 
_database_2.pdbx_DOI 
PDB   1FRD         pdb_00001frd 10.2210/pdb1frd/pdb 
WWPDB D_1000173381 ?            ?                   
# 
loop_
_pdbx_audit_revision_history.ordinal 
_pdbx_audit_revision_history.data_content_type 
_pdbx_audit_revision_history.major_revision 
_pdbx_audit_revision_history.minor_revision 
_pdbx_audit_revision_history.revision_date 
1 'Structure model' 1 0 1994-05-31 
2 'Structure model' 1 1 2008-03-24 
3 'Structure model' 1 2 2011-07-13 
4 'Structure model' 1 3 2024-02-07 
# 
_pdbx_audit_revision_details.ordinal             1 
_pdbx_audit_revision_details.revision_ordinal    1 
_pdbx_audit_revision_details.data_content_type   'Structure model' 
_pdbx_audit_revision_details.provider            repository 
_pdbx_audit_revision_details.type                'Initial release' 
_pdbx_audit_revision_details.description         ? 
_pdbx_audit_revision_details.details             ? 
# 
loop_
_pdbx_audit_revision_group.ordinal 
_pdbx_audit_revision_group.revision_ordinal 
_pdbx_audit_revision_group.data_content_type 
_pdbx_audit_revision_group.group 
1 2 'Structure model' 'Version format compliance' 
2 3 'Structure model' 'Source and taxonomy'       
3 3 'Structure model' 'Version format compliance' 
4 4 'Structure model' 'Data collection'           
5 4 'Structure model' 'Database references'       
6 4 'Structure model' 'Derived calculations'      
7 4 'Structure model' Other                       
# 
loop_
_pdbx_audit_revision_category.ordinal 
_pdbx_audit_revision_category.revision_ordinal 
_pdbx_audit_revision_category.data_content_type 
_pdbx_audit_revision_category.category 
1 4 'Structure model' chem_comp_atom         
2 4 'Structure model' chem_comp_bond         
3 4 'Structure model' database_2             
4 4 'Structure model' pdbx_database_status   
5 4 'Structure model' pdbx_struct_conn_angle 
6 4 'Structure model' struct_conn            
7 4 'Structure model' struct_site            
# 
loop_
_pdbx_audit_revision_item.ordinal 
_pdbx_audit_revision_item.revision_ordinal 
_pdbx_audit_revision_item.data_content_type 
_pdbx_audit_revision_item.item 
1  4 'Structure model' '_database_2.pdbx_DOI'                       
2  4 'Structure model' '_database_2.pdbx_database_accession'        
3  4 'Structure model' '_pdbx_database_status.process_site'         
4  4 'Structure model' '_pdbx_struct_conn_angle.ptnr1_auth_seq_id'  
5  4 'Structure model' '_pdbx_struct_conn_angle.ptnr1_label_seq_id' 
6  4 'Structure model' '_pdbx_struct_conn_angle.ptnr3_auth_seq_id'  
7  4 'Structure model' '_pdbx_struct_conn_angle.ptnr3_label_seq_id' 
8  4 'Structure model' '_pdbx_struct_conn_angle.value'              
9  4 'Structure model' '_struct_conn.pdbx_dist_value'               
10 4 'Structure model' '_struct_conn.ptnr1_auth_comp_id'            
11 4 'Structure model' '_struct_conn.ptnr1_auth_seq_id'             
12 4 'Structure model' '_struct_conn.ptnr1_label_asym_id'           
13 4 'Structure model' '_struct_conn.ptnr1_label_atom_id'           
14 4 'Structure model' '_struct_conn.ptnr1_label_comp_id'           
15 4 'Structure model' '_struct_conn.ptnr1_label_seq_id'            
16 4 'Structure model' '_struct_conn.ptnr2_auth_comp_id'            
17 4 'Structure model' '_struct_conn.ptnr2_auth_seq_id'             
18 4 'Structure model' '_struct_conn.ptnr2_label_asym_id'           
19 4 'Structure model' '_struct_conn.ptnr2_label_atom_id'           
20 4 'Structure model' '_struct_conn.ptnr2_label_comp_id'           
21 4 'Structure model' '_struct_conn.ptnr2_label_seq_id'            
22 4 'Structure model' '_struct_site.pdbx_auth_asym_id'             
23 4 'Structure model' '_struct_site.pdbx_auth_comp_id'             
24 4 'Structure model' '_struct_site.pdbx_auth_seq_id'              
# 
_pdbx_database_status.status_code                     REL 
_pdbx_database_status.entry_id                        1FRD 
_pdbx_database_status.recvd_initial_deposition_date   1993-04-14 
_pdbx_database_status.deposit_site                    ? 
_pdbx_database_status.process_site                    BNL 
_pdbx_database_status.SG_entry                        . 
_pdbx_database_status.pdb_format_compatible           Y 
_pdbx_database_status.status_code_mr                  ? 
_pdbx_database_status.status_code_sf                  ? 
_pdbx_database_status.status_code_cs                  ? 
_pdbx_database_status.status_code_nmr_data            ? 
_pdbx_database_status.methods_development_category    ? 
# 
loop_
_audit_author.name 
_audit_author.pdbx_ordinal 
'Jacobson, B.L.' 1 
'Chae, Y.K.'     2 
'Markley, J.L.'  3 
'Rayment, I.'    4 
'Holden, H.M.'   5 
# 
_citation.id                        primary 
_citation.title                     
'Molecular structure of the oxidized, recombinant, heterocyst [2Fe-2S] ferredoxin from Anabaena 7120 determined to 1.7-A resolution.' 
_citation.journal_abbrev            Biochemistry 
_citation.journal_volume            32 
_citation.page_first                6788 
_citation.page_last                 6793 
_citation.year                      1993 
_citation.journal_id_ASTM           BICHAW 
_citation.country                   US 
_citation.journal_id_ISSN           0006-2960 
_citation.journal_id_CSD            0033 
_citation.book_publisher            ? 
_citation.pdbx_database_id_PubMed   8329401 
_citation.pdbx_database_id_DOI      10.1021/bi00077a033 
# 
loop_
_citation_author.citation_id 
_citation_author.name 
_citation_author.ordinal 
_citation_author.identifier_ORCID 
primary 'Jacobson, B.L.' 1 ? 
primary 'Chae, Y.K.'     2 ? 
primary 'Markley, J.L.'  3 ? 
primary 'Rayment, I.'    4 ? 
primary 'Holden, H.M.'   5 ? 
# 
loop_
_entity.id 
_entity.type 
_entity.src_method 
_entity.pdbx_description 
_entity.formula_weight 
_entity.pdbx_number_of_molecules 
_entity.pdbx_ec 
_entity.pdbx_mutation 
_entity.pdbx_fragment 
_entity.details 
1 polymer     man 'HETEROCYST [2FE-2S] FERREDOXIN' 10826.987 1  ? ? ? ? 
2 non-polymer syn 'FE2/S2 (INORGANIC) CLUSTER'     175.820   1  ? ? ? ? 
3 water       nat water                            18.015    58 ? ? ? ? 
# 
_entity_poly.entity_id                      1 
_entity_poly.type                           'polypeptide(L)' 
_entity_poly.nstd_linkage                   no 
_entity_poly.nstd_monomer                   no 
_entity_poly.pdbx_seq_one_letter_code       
;ASYQVRLINKKQDIDTTIEIDEETTILDGAEENGIELPFSCHSGSCSSCVGKVVEGEVDQSDQIFLDDEQMGKGFALLCV
TYPRSNCTIKTHQEPYLA
;
_entity_poly.pdbx_seq_one_letter_code_can   
;ASYQVRLINKKQDIDTTIEIDEETTILDGAEENGIELPFSCHSGSCSSCVGKVVEGEVDQSDQIFLDDEQMGKGFALLCV
TYPRSNCTIKTHQEPYLA
;
_entity_poly.pdbx_strand_id                 A 
_entity_poly.pdbx_target_identifier         ? 
# 
loop_
_pdbx_entity_nonpoly.entity_id 
_pdbx_entity_nonpoly.name 
_pdbx_entity_nonpoly.comp_id 
2 'FE2/S2 (INORGANIC) CLUSTER' FES 
3 water                        HOH 
# 
loop_
_entity_poly_seq.entity_id 
_entity_poly_seq.num 
_entity_poly_seq.mon_id 
_entity_poly_seq.hetero 
1 1  ALA n 
1 2  SER n 
1 3  TYR n 
1 4  GLN n 
1 5  VAL n 
1 6  ARG n 
1 7  LEU n 
1 8  ILE n 
1 9  ASN n 
1 10 LYS n 
1 11 LYS n 
1 12 GLN n 
1 13 ASP n 
1 14 ILE n 
1 15 ASP n 
1 16 THR n 
1 17 THR n 
1 18 ILE n 
1 19 GLU n 
1 20 ILE n 
1 21 ASP n 
1 22 GLU n 
1 23 GLU n 
1 24 THR n 
1 25 THR n 
1 26 ILE n 
1 27 LEU n 
1 28 ASP n 
1 29 GLY n 
1 30 ALA n 
1 31 GLU n 
1 32 GLU n 
1 33 ASN n 
1 34 GLY n 
1 35 ILE n 
1 36 GLU n 
1 37 LEU n 
1 38 PRO n 
1 39 PHE n 
1 40 SER n 
1 41 CYS n 
1 42 HIS n 
1 43 SER n 
1 44 GLY n 
1 45 SER n 
1 46 CYS n 
1 47 SER n 
1 48 SER n 
1 49 CYS n 
1 50 VAL n 
1 51 GLY n 
1 52 LYS n 
1 53 VAL n 
1 54 VAL n 
1 55 GLU n 
1 56 GLY n 
1 57 GLU n 
1 58 VAL n 
1 59 ASP n 
1 60 GLN n 
1 61 SER n 
1 62 ASP n 
1 63 GLN n 
1 64 ILE n 
1 65 PHE n 
1 66 LEU n 
1 67 ASP n 
1 68 ASP n 
1 69 GLU n 
1 70 GLN n 
1 71 MET n 
1 72 GLY n 
1 73 LYS n 
1 74 GLY n 
1 75 PHE n 
1 76 ALA n 
1 77 LEU n 
1 78 LEU n 
1 79 CYS n 
1 80 VAL n 
1 81 THR n 
1 82 TYR n 
1 83 PRO n 
1 84 ARG n 
1 85 SER n 
1 86 ASN n 
1 87 CYS n 
1 88 THR n 
1 89 ILE n 
1 90 LYS n 
1 91 THR n 
1 92 HIS n 
1 93 GLN n 
1 94 GLU n 
1 95 PRO n 
1 96 TYR n 
1 97 LEU n 
1 98 ALA n 
# 
_entity_src_gen.entity_id                          1 
_entity_src_gen.pdbx_src_id                        1 
_entity_src_gen.pdbx_alt_source_flag               sample 
_entity_src_gen.pdbx_seq_type                      ? 
_entity_src_gen.pdbx_beg_seq_num                   ? 
_entity_src_gen.pdbx_end_seq_num                   ? 
_entity_src_gen.gene_src_common_name               ? 
_entity_src_gen.gene_src_genus                     Nostoc 
_entity_src_gen.pdbx_gene_src_gene                 ? 
_entity_src_gen.gene_src_species                   ? 
_entity_src_gen.gene_src_strain                    'PCC 7120' 
_entity_src_gen.gene_src_tissue                    ? 
_entity_src_gen.gene_src_tissue_fraction           ? 
_entity_src_gen.gene_src_details                   ? 
_entity_src_gen.pdbx_gene_src_fragment             ? 
_entity_src_gen.pdbx_gene_src_scientific_name      'Nostoc sp.' 
_entity_src_gen.pdbx_gene_src_ncbi_taxonomy_id     103690 
_entity_src_gen.pdbx_gene_src_variant              ? 
_entity_src_gen.pdbx_gene_src_cell_line            ? 
_entity_src_gen.pdbx_gene_src_atcc                 ? 
_entity_src_gen.pdbx_gene_src_organ                ? 
_entity_src_gen.pdbx_gene_src_organelle            ? 
_entity_src_gen.pdbx_gene_src_cell                 ? 
_entity_src_gen.pdbx_gene_src_cellular_location    ? 
_entity_src_gen.host_org_common_name               ? 
_entity_src_gen.pdbx_host_org_scientific_name      ? 
_entity_src_gen.pdbx_host_org_ncbi_taxonomy_id     ? 
_entity_src_gen.host_org_genus                     ? 
_entity_src_gen.pdbx_host_org_gene                 ? 
_entity_src_gen.pdbx_host_org_organ                ? 
_entity_src_gen.host_org_species                   ? 
_entity_src_gen.pdbx_host_org_tissue               ? 
_entity_src_gen.pdbx_host_org_tissue_fraction      ? 
_entity_src_gen.pdbx_host_org_strain               ? 
_entity_src_gen.pdbx_host_org_variant              ? 
_entity_src_gen.pdbx_host_org_cell_line            ? 
_entity_src_gen.pdbx_host_org_atcc                 ? 
_entity_src_gen.pdbx_host_org_culture_collection   ? 
_entity_src_gen.pdbx_host_org_cell                 ? 
_entity_src_gen.pdbx_host_org_organelle            ? 
_entity_src_gen.pdbx_host_org_cellular_location    ? 
_entity_src_gen.pdbx_host_org_vector_type          ? 
_entity_src_gen.pdbx_host_org_vector               ? 
_entity_src_gen.host_org_details                   ? 
_entity_src_gen.expression_system_id               ? 
_entity_src_gen.plasmid_name                       ? 
_entity_src_gen.plasmid_details                    ? 
_entity_src_gen.pdbx_description                   ? 
# 
loop_
_chem_comp.id 
_chem_comp.type 
_chem_comp.mon_nstd_flag 
_chem_comp.name 
_chem_comp.pdbx_synonyms 
_chem_comp.formula 
_chem_comp.formula_weight 
ALA 'L-peptide linking' y ALANINE                      ? 'C3 H7 N O2'     89.093  
ARG 'L-peptide linking' y ARGININE                     ? 'C6 H15 N4 O2 1' 175.209 
ASN 'L-peptide linking' y ASPARAGINE                   ? 'C4 H8 N2 O3'    132.118 
ASP 'L-peptide linking' y 'ASPARTIC ACID'              ? 'C4 H7 N O4'     133.103 
CYS 'L-peptide linking' y CYSTEINE                     ? 'C3 H7 N O2 S'   121.158 
FES non-polymer         . 'FE2/S2 (INORGANIC) CLUSTER' ? 'Fe2 S2'         175.820 
GLN 'L-peptide linking' y GLUTAMINE                    ? 'C5 H10 N2 O3'   146.144 
GLU 'L-peptide linking' y 'GLUTAMIC ACID'              ? 'C5 H9 N O4'     147.129 
GLY 'peptide linking'   y GLYCINE                      ? 'C2 H5 N O2'     75.067  
HIS 'L-peptide linking' y HISTIDINE                    ? 'C6 H10 N3 O2 1' 156.162 
HOH non-polymer         . WATER                        ? 'H2 O'           18.015  
ILE 'L-peptide linking' y ISOLEUCINE                   ? 'C6 H13 N O2'    131.173 
LEU 'L-peptide linking' y LEUCINE                      ? 'C6 H13 N O2'    131.173 
LYS 'L-peptide linking' y LYSINE                       ? 'C6 H15 N2 O2 1' 147.195 
MET 'L-peptide linking' y METHIONINE                   ? 'C5 H11 N O2 S'  149.211 
PHE 'L-peptide linking' y PHENYLALANINE                ? 'C9 H11 N O2'    165.189 
PRO 'L-peptide linking' y PROLINE                      ? 'C5 H9 N O2'     115.130 
SER 'L-peptide linking' y SERINE                       ? 'C3 H7 N O3'     105.093 
THR 'L-peptide linking' y THREONINE                    ? 'C4 H9 N O3'     119.119 
TYR 'L-peptide linking' y TYROSINE                     ? 'C9 H11 N O3'    181.189 
VAL 'L-peptide linking' y VALINE                       ? 'C5 H11 N O2'    117.146 
# 
loop_
_pdbx_poly_seq_scheme.asym_id 
_pdbx_poly_seq_scheme.entity_id 
_pdbx_poly_seq_scheme.seq_id 
_pdbx_poly_seq_scheme.mon_id 
_pdbx_poly_seq_scheme.ndb_seq_num 
_pdbx_poly_seq_scheme.pdb_seq_num 
_pdbx_poly_seq_scheme.auth_seq_num 
_pdbx_poly_seq_scheme.pdb_mon_id 
_pdbx_poly_seq_scheme.auth_mon_id 
_pdbx_poly_seq_scheme.pdb_strand_id 
_pdbx_poly_seq_scheme.pdb_ins_code 
_pdbx_poly_seq_scheme.hetero 
A 1 1  ALA 1  1  1  ALA ALA A . n 
A 1 2  SER 2  2  2  SER SER A . n 
A 1 3  TYR 3  3  3  TYR TYR A . n 
A 1 4  GLN 4  4  4  GLN GLN A . n 
A 1 5  VAL 5  5  5  VAL VAL A . n 
A 1 6  ARG 6  6  6  ARG ARG A . n 
A 1 7  LEU 7  7  7  LEU LEU A . n 
A 1 8  ILE 8  8  8  ILE ILE A . n 
A 1 9  ASN 9  9  9  ASN ASN A . n 
A 1 10 LYS 10 10 10 LYS LYS A . n 
A 1 11 LYS 11 11 11 LYS LYS A . n 
A 1 12 GLN 12 12 12 GLN GLN A . n 
A 1 13 ASP 13 13 13 ASP ASP A . n 
A 1 14 ILE 14 14 14 ILE ILE A . n 
A 1 15 ASP 15 15 15 ASP ASP A . n 
A 1 16 THR 16 16 16 THR THR A . n 
A 1 17 THR 17 17 17 THR THR A . n 
A 1 18 ILE 18 18 18 ILE ILE A . n 
A 1 19 GLU 19 19 19 GLU GLU A . n 
A 1 20 ILE 20 20 20 ILE ILE A . n 
A 1 21 ASP 21 21 21 ASP ASP A . n 
A 1 22 GLU 22 22 22 GLU GLU A . n 
A 1 23 GLU 23 23 23 GLU GLU A . n 
A 1 24 THR 24 24 24 THR THR A . n 
A 1 25 THR 25 25 25 THR THR A . n 
A 1 26 ILE 26 26 26 ILE ILE A . n 
A 1 27 LEU 27 27 27 LEU LEU A . n 
A 1 28 ASP 28 28 28 ASP ASP A . n 
A 1 29 GLY 29 29 29 GLY GLY A . n 
A 1 30 ALA 30 30 30 ALA ALA A . n 
A 1 31 GLU 31 31 31 GLU GLU A . n 
A 1 32 GLU 32 32 32 GLU GLU A . n 
A 1 33 ASN 33 33 33 ASN ASN A . n 
A 1 34 GLY 34 34 34 GLY GLY A . n 
A 1 35 ILE 35 35 35 ILE ILE A . n 
A 1 36 GLU 36 36 36 GLU GLU A . n 
A 1 37 LEU 37 37 37 LEU LEU A . n 
A 1 38 PRO 38 38 38 PRO PRO A . n 
A 1 39 PHE 39 39 39 PHE PHE A . n 
A 1 40 SER 40 40 40 SER SER A . n 
A 1 41 CYS 41 41 41 CYS CYS A . n 
A 1 42 HIS 42 42 42 HIS HIS A . n 
A 1 43 SER 43 43 43 SER SER A . n 
A 1 44 GLY 44 44 44 GLY GLY A . n 
A 1 45 SER 45 45 45 SER SER A . n 
A 1 46 CYS 46 46 46 CYS CYS A . n 
A 1 47 SER 47 47 47 SER SER A . n 
A 1 48 SER 48 48 48 SER SER A . n 
A 1 49 CYS 49 49 49 CYS CYS A . n 
A 1 50 VAL 50 50 50 VAL VAL A . n 
A 1 51 GLY 51 51 51 GLY GLY A . n 
A 1 52 LYS 52 52 52 LYS LYS A . n 
A 1 53 VAL 53 53 53 VAL VAL A . n 
A 1 54 VAL 54 54 54 VAL VAL A . n 
A 1 55 GLU 55 55 55 GLU GLU A . n 
A 1 56 GLY 56 56 56 GLY GLY A . n 
A 1 57 GLU 57 57 57 GLU GLU A . n 
A 1 58 VAL 58 58 58 VAL VAL A . n 
A 1 59 ASP 59 59 59 ASP ASP A . n 
A 1 60 GLN 60 60 60 GLN GLN A . n 
A 1 61 SER 61 61 61 SER SER A . n 
A 1 62 ASP 62 62 62 ASP ASP A . n 
A 1 63 GLN 63 63 63 GLN GLN A . n 
A 1 64 ILE 64 64 64 ILE ILE A . n 
A 1 65 PHE 65 65 65 PHE PHE A . n 
A 1 66 LEU 66 66 66 LEU LEU A . n 
A 1 67 ASP 67 67 67 ASP ASP A . n 
A 1 68 ASP 68 68 68 ASP ASP A . n 
A 1 69 GLU 69 69 69 GLU GLU A . n 
A 1 70 GLN 70 70 70 GLN GLN A . n 
A 1 71 MET 71 71 71 MET MET A . n 
A 1 72 GLY 72 72 72 GLY GLY A . n 
A 1 73 LYS 73 73 73 LYS LYS A . n 
A 1 74 GLY 74 74 74 GLY GLY A . n 
A 1 75 PHE 75 75 75 PHE PHE A . n 
A 1 76 ALA 76 76 76 ALA ALA A . n 
A 1 77 LEU 77 77 77 LEU LEU A . n 
A 1 78 LEU 78 78 78 LEU LEU A . n 
A 1 79 CYS 79 79 79 CYS CYS A . n 
A 1 80 VAL 80 80 80 VAL VAL A . n 
A 1 81 THR 81 81 81 THR THR A . n 
A 1 82 TYR 82 82 82 TYR TYR A . n 
A 1 83 PRO 83 83 83 PRO PRO A . n 
A 1 84 ARG 84 84 84 ARG ARG A . n 
A 1 85 SER 85 85 85 SER SER A . n 
A 1 86 ASN 86 86 86 ASN ASN A . n 
A 1 87 CYS 87 87 87 CYS CYS A . n 
A 1 88 THR 88 88 88 THR THR A . n 
A 1 89 ILE 89 89 89 ILE ILE A . n 
A 1 90 LYS 90 90 90 LYS LYS A . n 
A 1 91 THR 91 91 91 THR THR A . n 
A 1 92 HIS 92 92 92 HIS HIS A . n 
A 1 93 GLN 93 93 93 GLN GLN A . n 
A 1 94 GLU 94 94 94 GLU GLU A . n 
A 1 95 PRO 95 95 95 PRO PRO A . n 
A 1 96 TYR 96 96 96 TYR TYR A . n 
A 1 97 LEU 97 97 97 LEU LEU A . n 
A 1 98 ALA 98 98 98 ALA ALA A . n 
# 
loop_
_pdbx_nonpoly_scheme.asym_id 
_pdbx_nonpoly_scheme.entity_id 
_pdbx_nonpoly_scheme.mon_id 
_pdbx_nonpoly_scheme.ndb_seq_num 
_pdbx_nonpoly_scheme.pdb_seq_num 
_pdbx_nonpoly_scheme.auth_seq_num 
_pdbx_nonpoly_scheme.pdb_mon_id 
_pdbx_nonpoly_scheme.auth_mon_id 
_pdbx_nonpoly_scheme.pdb_strand_id 
_pdbx_nonpoly_scheme.pdb_ins_code 
B 2 FES 1  99  99 FES FES A . 
C 3 HOH 1  100 1  HOH HOH A . 
C 3 HOH 2  101 2  HOH HOH A . 
C 3 HOH 3  102 3  HOH HOH A . 
C 3 HOH 4  103 4  HOH HOH A . 
C 3 HOH 5  104 5  HOH HOH A . 
C 3 HOH 6  105 6  HOH HOH A . 
C 3 HOH 7  106 7  HOH HOH A . 
C 3 HOH 8  107 8  HOH HOH A . 
C 3 HOH 9  108 9  HOH HOH A . 
C 3 HOH 10 109 10 HOH HOH A . 
C 3 HOH 11 110 11 HOH HOH A . 
C 3 HOH 12 111 12 HOH HOH A . 
C 3 HOH 13 112 13 HOH HOH A . 
C 3 HOH 14 113 14 HOH HOH A . 
C 3 HOH 15 114 15 HOH HOH A . 
C 3 HOH 16 115 16 HOH HOH A . 
C 3 HOH 17 116 17 HOH HOH A . 
C 3 HOH 18 117 18 HOH HOH A . 
C 3 HOH 19 118 19 HOH HOH A . 
C 3 HOH 20 119 20 HOH HOH A . 
C 3 HOH 21 120 21 HOH HOH A . 
C 3 HOH 22 121 22 HOH HOH A . 
C 3 HOH 23 122 23 HOH HOH A . 
C 3 HOH 24 123 24 HOH HOH A . 
C 3 HOH 25 124 25 HOH HOH A . 
C 3 HOH 26 125 26 HOH HOH A . 
C 3 HOH 27 126 27 HOH HOH A . 
C 3 HOH 28 127 28 HOH HOH A . 
C 3 HOH 29 128 29 HOH HOH A . 
C 3 HOH 30 129 30 HOH HOH A . 
C 3 HOH 31 130 31 HOH HOH A . 
C 3 HOH 32 131 32 HOH HOH A . 
C 3 HOH 33 132 33 HOH HOH A . 
C 3 HOH 34 133 34 HOH HOH A . 
C 3 HOH 35 134 35 HOH HOH A . 
C 3 HOH 36 135 36 HOH HOH A . 
C 3 HOH 37 136 37 HOH HOH A . 
C 3 HOH 38 137 38 HOH HOH A . 
C 3 HOH 39 138 39 HOH HOH A . 
C 3 HOH 40 139 40 HOH HOH A . 
C 3 HOH 41 140 41 HOH HOH A . 
C 3 HOH 42 141 42 HOH HOH A . 
C 3 HOH 43 142 43 HOH HOH A . 
C 3 HOH 44 143 44 HOH HOH A . 
C 3 HOH 45 144 45 HOH HOH A . 
C 3 HOH 46 145 46 HOH HOH A . 
C 3 HOH 47 146 47 HOH HOH A . 
C 3 HOH 48 147 48 HOH HOH A . 
C 3 HOH 49 148 49 HOH HOH A . 
C 3 HOH 50 149 50 HOH HOH A . 
C 3 HOH 51 150 51 HOH HOH A . 
C 3 HOH 52 151 52 HOH HOH A . 
C 3 HOH 53 152 53 HOH HOH A . 
C 3 HOH 54 153 54 HOH HOH A . 
C 3 HOH 55 154 55 HOH HOH A . 
C 3 HOH 56 155 56 HOH HOH A . 
C 3 HOH 57 156 57 HOH HOH A . 
C 3 HOH 58 157 58 HOH HOH A . 
# 
_software.name             TNT 
_software.classification   refinement 
_software.version          . 
_software.citation_id      ? 
_software.pdbx_ordinal     1 
# 
_cell.entry_id           1FRD 
_cell.length_a           44.200 
_cell.length_b           44.200 
_cell.length_c           80.600 
_cell.angle_alpha        90.00 
_cell.angle_beta         90.00 
_cell.angle_gamma        120.00 
_cell.Z_PDB              6 
_cell.pdbx_unique_axis   ? 
# 
_symmetry.entry_id                         1FRD 
_symmetry.space_group_name_H-M             'P 65' 
_symmetry.pdbx_full_space_group_name_H-M   ? 
_symmetry.cell_setting                     ? 
_symmetry.Int_Tables_number                170 
# 
_exptl.entry_id          1FRD 
_exptl.method            'X-RAY DIFFRACTION' 
_exptl.crystals_number   ? 
# 
_exptl_crystal.id                    1 
_exptl_crystal.density_meas          ? 
_exptl_crystal.density_Matthews      2.10 
_exptl_crystal.density_percent_sol   41.39 
_exptl_crystal.description           ? 
# 
_diffrn.id                     1 
_diffrn.ambient_temp           ? 
_diffrn.ambient_temp_details   ? 
_diffrn.crystal_id             1 
# 
_diffrn_radiation.diffrn_id                        1 
_diffrn_radiation.wavelength_id                    1 
_diffrn_radiation.pdbx_monochromatic_or_laue_m_l   ? 
_diffrn_radiation.monochromator                    ? 
_diffrn_radiation.pdbx_diffrn_protocol             ? 
_diffrn_radiation.pdbx_scattering_type             x-ray 
# 
_diffrn_radiation_wavelength.id           1 
_diffrn_radiation_wavelength.wavelength   . 
_diffrn_radiation_wavelength.wt           1.0 
# 
_refine.entry_id                                 1FRD 
_refine.ls_number_reflns_obs                     9743 
_refine.ls_number_reflns_all                     ? 
_refine.pdbx_ls_sigma_I                          ? 
_refine.pdbx_ls_sigma_F                          ? 
_refine.pdbx_data_cutoff_high_absF               ? 
_refine.pdbx_data_cutoff_low_absF                ? 
_refine.pdbx_data_cutoff_high_rms_absF           ? 
_refine.ls_d_res_low                             30.0 
_refine.ls_d_res_high                            1.7 
_refine.ls_percent_reflns_obs                    ? 
_refine.ls_R_factor_obs                          0.1670000 
_refine.ls_R_factor_all                          ? 
_refine.ls_R_factor_R_work                       ? 
_refine.ls_R_factor_R_free                       ? 
_refine.ls_R_factor_R_free_error                 ? 
_refine.ls_R_factor_R_free_error_details         ? 
_refine.ls_percent_reflns_R_free                 ? 
_refine.ls_number_reflns_R_free                  ? 
_refine.ls_number_parameters                     ? 
_refine.ls_number_restraints                     ? 
_refine.occupancy_min                            ? 
_refine.occupancy_max                            ? 
_refine.B_iso_mean                               ? 
_refine.aniso_B[1][1]                            ? 
_refine.aniso_B[2][2]                            ? 
_refine.aniso_B[3][3]                            ? 
_refine.aniso_B[1][2]                            ? 
_refine.aniso_B[1][3]                            ? 
_refine.aniso_B[2][3]                            ? 
_refine.solvent_model_details                    ? 
_refine.solvent_model_param_ksol                 ? 
_refine.solvent_model_param_bsol                 ? 
_refine.pdbx_ls_cross_valid_method               ? 
_refine.details                                  ? 
_refine.pdbx_starting_model                      ? 
_refine.pdbx_method_to_determine_struct          ? 
_refine.pdbx_isotropic_thermal_model             ? 
_refine.pdbx_stereochemistry_target_values       ? 
_refine.pdbx_stereochem_target_val_spec_case     ? 
_refine.pdbx_R_Free_selection_details            ? 
_refine.pdbx_overall_ESU_R                       ? 
_refine.pdbx_overall_ESU_R_Free                  ? 
_refine.overall_SU_ML                            ? 
_refine.overall_SU_B                             ? 
_refine.pdbx_refine_id                           'X-RAY DIFFRACTION' 
_refine.pdbx_diffrn_id                           1 
_refine.pdbx_TLS_residual_ADP_flag               ? 
_refine.correlation_coeff_Fo_to_Fc               ? 
_refine.correlation_coeff_Fo_to_Fc_free          ? 
_refine.pdbx_solvent_vdw_probe_radii             ? 
_refine.pdbx_solvent_ion_probe_radii             ? 
_refine.pdbx_solvent_shrinkage_radii             ? 
_refine.pdbx_overall_phase_error                 ? 
_refine.overall_SU_R_Cruickshank_DPI             ? 
_refine.pdbx_overall_SU_R_free_Cruickshank_DPI   ? 
_refine.pdbx_overall_SU_R_Blow_DPI               ? 
_refine.pdbx_overall_SU_R_free_Blow_DPI          ? 
# 
_refine_hist.pdbx_refine_id                   'X-RAY DIFFRACTION' 
_refine_hist.cycle_id                         LAST 
_refine_hist.pdbx_number_atoms_protein        755 
_refine_hist.pdbx_number_atoms_nucleic_acid   0 
_refine_hist.pdbx_number_atoms_ligand         4 
_refine_hist.number_atoms_solvent             58 
_refine_hist.number_atoms_total               817 
_refine_hist.d_res_high                       1.7 
_refine_hist.d_res_low                        30.0 
# 
loop_
_refine_ls_restr.type 
_refine_ls_restr.dev_ideal 
_refine_ls_restr.dev_ideal_target 
_refine_ls_restr.weight 
_refine_ls_restr.number 
_refine_ls_restr.pdbx_refine_id 
_refine_ls_restr.pdbx_restraint_function 
t_bond_d           0.009 ? ? ? 'X-RAY DIFFRACTION' ? 
t_angle_deg        2.93  ? ? ? 'X-RAY DIFFRACTION' ? 
t_dihedral_angle_d ?     ? ? ? 'X-RAY DIFFRACTION' ? 
t_incorr_chiral_ct ?     ? ? ? 'X-RAY DIFFRACTION' ? 
t_pseud_angle      ?     ? ? ? 'X-RAY DIFFRACTION' ? 
t_trig_c_planes    ?     ? ? ? 'X-RAY DIFFRACTION' ? 
t_gen_planes       ?     ? ? ? 'X-RAY DIFFRACTION' ? 
t_it               ?     ? ? ? 'X-RAY DIFFRACTION' ? 
t_nbd              ?     ? ? ? 'X-RAY DIFFRACTION' ? 
# 
_struct.entry_id                  1FRD 
_struct.title                     
;MOLECULAR STRUCTURE OF THE OXIDIZED, RECOMBINANT, HETEROCYST (2FE-2S) FERREDOXIN FROM ANABAENA 7120 DETERMINED TO 1.7 ANGSTROMS RESOLUTION
;
_struct.pdbx_model_details        ? 
_struct.pdbx_CASP_flag            ? 
_struct.pdbx_model_type_details   ? 
# 
_struct_keywords.entry_id        1FRD 
_struct_keywords.pdbx_keywords   'ELECTRON TRANSPORT' 
_struct_keywords.text            'ELECTRON TRANSPORT' 
# 
loop_
_struct_asym.id 
_struct_asym.pdbx_blank_PDB_chainid_flag 
_struct_asym.pdbx_modified 
_struct_asym.entity_id 
_struct_asym.details 
A N N 1 ? 
B N N 2 ? 
C N N 3 ? 
# 
_struct_ref.id                         1 
_struct_ref.db_name                    UNP 
_struct_ref.db_code                    FERH_ANASP 
_struct_ref.entity_id                  1 
_struct_ref.pdbx_db_accession          P11053 
_struct_ref.pdbx_align_begin           1 
_struct_ref.pdbx_seq_one_letter_code   
;ASYQVRLINKKQDIDTTIEIDEETTILDGAEENGIELPFSCHSGSCSSCVGKVVEGEVDQSDQIFLDDEQMGKGFALLCV
TYPRSNCTIKTHQEPYLA
;
_struct_ref.pdbx_db_isoform            ? 
# 
_struct_ref_seq.align_id                      1 
_struct_ref_seq.ref_id                        1 
_struct_ref_seq.pdbx_PDB_id_code              1FRD 
_struct_ref_seq.pdbx_strand_id                A 
_struct_ref_seq.seq_align_beg                 1 
_struct_ref_seq.pdbx_seq_align_beg_ins_code   ? 
_struct_ref_seq.seq_align_end                 98 
_struct_ref_seq.pdbx_seq_align_end_ins_code   ? 
_struct_ref_seq.pdbx_db_accession             P11053 
_struct_ref_seq.db_align_beg                  1 
_struct_ref_seq.pdbx_db_align_beg_ins_code    ? 
_struct_ref_seq.db_align_end                  98 
_struct_ref_seq.pdbx_db_align_end_ins_code    ? 
_struct_ref_seq.pdbx_auth_seq_align_beg       1 
_struct_ref_seq.pdbx_auth_seq_align_end       98 
# 
_pdbx_struct_assembly.id                   1 
_pdbx_struct_assembly.details              author_defined_assembly 
_pdbx_struct_assembly.method_details       ? 
_pdbx_struct_assembly.oligomeric_details   monomeric 
_pdbx_struct_assembly.oligomeric_count     1 
# 
_pdbx_struct_assembly_gen.assembly_id       1 
_pdbx_struct_assembly_gen.oper_expression   1 
_pdbx_struct_assembly_gen.asym_id_list      A,B,C 
# 
_pdbx_struct_oper_list.id                   1 
_pdbx_struct_oper_list.type                 'identity operation' 
_pdbx_struct_oper_list.name                 1_555 
_pdbx_struct_oper_list.symmetry_operation   x,y,z 
_pdbx_struct_oper_list.matrix[1][1]         1.0000000000 
_pdbx_struct_oper_list.matrix[1][2]         0.0000000000 
_pdbx_struct_oper_list.matrix[1][3]         0.0000000000 
_pdbx_struct_oper_list.vector[1]            0.0000000000 
_pdbx_struct_oper_list.matrix[2][1]         0.0000000000 
_pdbx_struct_oper_list.matrix[2][2]         1.0000000000 
_pdbx_struct_oper_list.matrix[2][3]         0.0000000000 
_pdbx_struct_oper_list.vector[2]            0.0000000000 
_pdbx_struct_oper_list.matrix[3][1]         0.0000000000 
_pdbx_struct_oper_list.matrix[3][2]         0.0000000000 
_pdbx_struct_oper_list.matrix[3][3]         1.0000000000 
_pdbx_struct_oper_list.vector[3]            0.0000000000 
# 
_struct_biol.id   1 
# 
loop_
_struct_conf.conf_type_id 
_struct_conf.id 
_struct_conf.pdbx_PDB_helix_id 
_struct_conf.beg_label_comp_id 
_struct_conf.beg_label_asym_id 
_struct_conf.beg_label_seq_id 
_struct_conf.pdbx_beg_PDB_ins_code 
_struct_conf.end_label_comp_id 
_struct_conf.end_label_asym_id 
_struct_conf.end_label_seq_id 
_struct_conf.pdbx_end_PDB_ins_code 
_struct_conf.beg_auth_comp_id 
_struct_conf.beg_auth_asym_id 
_struct_conf.beg_auth_seq_id 
_struct_conf.end_auth_comp_id 
_struct_conf.end_auth_asym_id 
_struct_conf.end_auth_seq_id 
_struct_conf.pdbx_PDB_helix_class 
_struct_conf.details 
_struct_conf.pdbx_PDB_helix_length 
HELX_P HELX_P1 1 THR A 25 ? ASN A 33 ? THR A 25 ASN A 33 1 ? 9 
HELX_P HELX_P2 2 ASP A 67 ? LYS A 73 ? ASP A 67 LYS A 73 1 ? 7 
HELX_P HELX_P3 3 CYS A 79 ? THR A 81 ? CYS A 79 THR A 81 5 ? 3 
HELX_P HELX_P4 4 GLN A 93 ? LEU A 97 ? GLN A 93 LEU A 97 5 ? 5 
# 
_struct_conf_type.id          HELX_P 
_struct_conf_type.criteria    ? 
_struct_conf_type.reference   ? 
# 
loop_
_struct_conn.id 
_struct_conn.conn_type_id 
_struct_conn.pdbx_leaving_atom_flag 
_struct_conn.pdbx_PDB_id 
_struct_conn.ptnr1_label_asym_id 
_struct_conn.ptnr1_label_comp_id 
_struct_conn.ptnr1_label_seq_id 
_struct_conn.ptnr1_label_atom_id 
_struct_conn.pdbx_ptnr1_label_alt_id 
_struct_conn.pdbx_ptnr1_PDB_ins_code 
_struct_conn.pdbx_ptnr1_standard_comp_id 
_struct_conn.ptnr1_symmetry 
_struct_conn.ptnr2_label_asym_id 
_struct_conn.ptnr2_label_comp_id 
_struct_conn.ptnr2_label_seq_id 
_struct_conn.ptnr2_label_atom_id 
_struct_conn.pdbx_ptnr2_label_alt_id 
_struct_conn.pdbx_ptnr2_PDB_ins_code 
_struct_conn.ptnr1_auth_asym_id 
_struct_conn.ptnr1_auth_comp_id 
_struct_conn.ptnr1_auth_seq_id 
_struct_conn.ptnr2_auth_asym_id 
_struct_conn.ptnr2_auth_comp_id 
_struct_conn.ptnr2_auth_seq_id 
_struct_conn.ptnr2_symmetry 
_struct_conn.pdbx_ptnr3_label_atom_id 
_struct_conn.pdbx_ptnr3_label_seq_id 
_struct_conn.pdbx_ptnr3_label_comp_id 
_struct_conn.pdbx_ptnr3_label_asym_id 
_struct_conn.pdbx_ptnr3_label_alt_id 
_struct_conn.pdbx_ptnr3_PDB_ins_code 
_struct_conn.details 
_struct_conn.pdbx_dist_value 
_struct_conn.pdbx_value_order 
_struct_conn.pdbx_role 
metalc1 metalc ? ? A CYS 41 SG ? ? ? 1_555 B FES . FE1 ? ? A CYS 41 A FES 99 1_555 ? ? ? ? ? ? ? 2.288 ? ? 
metalc2 metalc ? ? A CYS 46 SG ? ? ? 1_555 B FES . FE1 ? ? A CYS 46 A FES 99 1_555 ? ? ? ? ? ? ? 2.280 ? ? 
metalc3 metalc ? ? A CYS 49 SG ? ? ? 1_555 B FES . FE2 ? ? A CYS 49 A FES 99 1_555 ? ? ? ? ? ? ? 2.321 ? ? 
metalc4 metalc ? ? A CYS 79 SG ? ? ? 1_555 B FES . FE2 ? ? A CYS 79 A FES 99 1_555 ? ? ? ? ? ? ? 2.256 ? ? 
# 
_struct_conn_type.id          metalc 
_struct_conn_type.criteria    ? 
_struct_conn_type.reference   ? 
# 
loop_
_pdbx_struct_conn_angle.id 
_pdbx_struct_conn_angle.ptnr1_label_atom_id 
_pdbx_struct_conn_angle.ptnr1_label_alt_id 
_pdbx_struct_conn_angle.ptnr1_label_asym_id 
_pdbx_struct_conn_angle.ptnr1_label_comp_id 
_pdbx_struct_conn_angle.ptnr1_label_seq_id 
_pdbx_struct_conn_angle.ptnr1_auth_atom_id 
_pdbx_struct_conn_angle.ptnr1_auth_asym_id 
_pdbx_struct_conn_angle.ptnr1_auth_comp_id 
_pdbx_struct_conn_angle.ptnr1_auth_seq_id 
_pdbx_struct_conn_angle.ptnr1_PDB_ins_code 
_pdbx_struct_conn_angle.ptnr1_symmetry 
_pdbx_struct_conn_angle.ptnr2_label_atom_id 
_pdbx_struct_conn_angle.ptnr2_label_alt_id 
_pdbx_struct_conn_angle.ptnr2_label_asym_id 
_pdbx_struct_conn_angle.ptnr2_label_comp_id 
_pdbx_struct_conn_angle.ptnr2_label_seq_id 
_pdbx_struct_conn_angle.ptnr2_auth_atom_id 
_pdbx_struct_conn_angle.ptnr2_auth_asym_id 
_pdbx_struct_conn_angle.ptnr2_auth_comp_id 
_pdbx_struct_conn_angle.ptnr2_auth_seq_id 
_pdbx_struct_conn_angle.ptnr2_PDB_ins_code 
_pdbx_struct_conn_angle.ptnr2_symmetry 
_pdbx_struct_conn_angle.ptnr3_label_atom_id 
_pdbx_struct_conn_angle.ptnr3_label_alt_id 
_pdbx_struct_conn_angle.ptnr3_label_asym_id 
_pdbx_struct_conn_angle.ptnr3_label_comp_id 
_pdbx_struct_conn_angle.ptnr3_label_seq_id 
_pdbx_struct_conn_angle.ptnr3_auth_atom_id 
_pdbx_struct_conn_angle.ptnr3_auth_asym_id 
_pdbx_struct_conn_angle.ptnr3_auth_comp_id 
_pdbx_struct_conn_angle.ptnr3_auth_seq_id 
_pdbx_struct_conn_angle.ptnr3_PDB_ins_code 
_pdbx_struct_conn_angle.ptnr3_symmetry 
_pdbx_struct_conn_angle.value 
_pdbx_struct_conn_angle.value_esd 
1  SG ? A CYS 41 ? A CYS 41 ? 1_555 FE1 ? B FES . ? A FES 99 ? 1_555 S1 ? B FES .  ? A FES 99 ? 1_555 117.0 ? 
2  SG ? A CYS 41 ? A CYS 41 ? 1_555 FE1 ? B FES . ? A FES 99 ? 1_555 S2 ? B FES .  ? A FES 99 ? 1_555 100.3 ? 
3  S1 ? B FES .  ? A FES 99 ? 1_555 FE1 ? B FES . ? A FES 99 ? 1_555 S2 ? B FES .  ? A FES 99 ? 1_555 104.3 ? 
4  SG ? A CYS 41 ? A CYS 41 ? 1_555 FE1 ? B FES . ? A FES 99 ? 1_555 SG ? A CYS 46 ? A CYS 46 ? 1_555 108.0 ? 
5  S1 ? B FES .  ? A FES 99 ? 1_555 FE1 ? B FES . ? A FES 99 ? 1_555 SG ? A CYS 46 ? A CYS 46 ? 1_555 107.1 ? 
6  S2 ? B FES .  ? A FES 99 ? 1_555 FE1 ? B FES . ? A FES 99 ? 1_555 SG ? A CYS 46 ? A CYS 46 ? 1_555 120.8 ? 
7  SG ? A CYS 49 ? A CYS 49 ? 1_555 FE2 ? B FES . ? A FES 99 ? 1_555 S1 ? B FES .  ? A FES 99 ? 1_555 111.0 ? 
8  SG ? A CYS 49 ? A CYS 49 ? 1_555 FE2 ? B FES . ? A FES 99 ? 1_555 S2 ? B FES .  ? A FES 99 ? 1_555 111.4 ? 
9  S1 ? B FES .  ? A FES 99 ? 1_555 FE2 ? B FES . ? A FES 99 ? 1_555 S2 ? B FES .  ? A FES 99 ? 1_555 103.8 ? 
10 SG ? A CYS 49 ? A CYS 49 ? 1_555 FE2 ? B FES . ? A FES 99 ? 1_555 SG ? A CYS 79 ? A CYS 79 ? 1_555 109.8 ? 
11 S1 ? B FES .  ? A FES 99 ? 1_555 FE2 ? B FES . ? A FES 99 ? 1_555 SG ? A CYS 79 ? A CYS 79 ? 1_555 114.4 ? 
12 S2 ? B FES .  ? A FES 99 ? 1_555 FE2 ? B FES . ? A FES 99 ? 1_555 SG ? A CYS 79 ? A CYS 79 ? 1_555 106.2 ? 
# 
loop_
_struct_sheet.id 
_struct_sheet.type 
_struct_sheet.number_strands 
_struct_sheet.details 
A ? 5 ? 
B ? 2 ? 
# 
loop_
_struct_sheet_order.sheet_id 
_struct_sheet_order.range_id_1 
_struct_sheet_order.range_id_2 
_struct_sheet_order.offset 
_struct_sheet_order.sense 
A 1 2 ? anti-parallel 
A 2 3 ? parallel      
A 3 4 ? anti-parallel 
A 4 5 ? anti-parallel 
B 1 2 ? anti-parallel 
# 
loop_
_struct_sheet_range.sheet_id 
_struct_sheet_range.id 
_struct_sheet_range.beg_label_comp_id 
_struct_sheet_range.beg_label_asym_id 
_struct_sheet_range.beg_label_seq_id 
_struct_sheet_range.pdbx_beg_PDB_ins_code 
_struct_sheet_range.end_label_comp_id 
_struct_sheet_range.end_label_asym_id 
_struct_sheet_range.end_label_seq_id 
_struct_sheet_range.pdbx_end_PDB_ins_code 
_struct_sheet_range.beg_auth_comp_id 
_struct_sheet_range.beg_auth_asym_id 
_struct_sheet_range.beg_auth_seq_id 
_struct_sheet_range.end_auth_comp_id 
_struct_sheet_range.end_auth_asym_id 
_struct_sheet_range.end_auth_seq_id 
A 1 ILE A 14 ? ASP A 21 ? ILE A 14 ASP A 21 
A 2 SER A 2  ? ASN A 9  ? SER A 2  ASN A 9  
A 3 CYS A 87 ? LYS A 90 ? CYS A 87 LYS A 90 
A 4 VAL A 50 ? GLU A 55 ? VAL A 50 GLU A 55 
A 5 PHE A 75 ? LEU A 77 ? PHE A 75 LEU A 77 
B 1 VAL A 58 ? ASP A 59 ? VAL A 58 ASP A 59 
B 2 TYR A 82 ? PRO A 83 ? TYR A 82 PRO A 83 
# 
loop_
_pdbx_struct_sheet_hbond.sheet_id 
_pdbx_struct_sheet_hbond.range_id_1 
_pdbx_struct_sheet_hbond.range_id_2 
_pdbx_struct_sheet_hbond.range_1_label_atom_id 
_pdbx_struct_sheet_hbond.range_1_label_comp_id 
_pdbx_struct_sheet_hbond.range_1_label_asym_id 
_pdbx_struct_sheet_hbond.range_1_label_seq_id 
_pdbx_struct_sheet_hbond.range_1_PDB_ins_code 
_pdbx_struct_sheet_hbond.range_1_auth_atom_id 
_pdbx_struct_sheet_hbond.range_1_auth_comp_id 
_pdbx_struct_sheet_hbond.range_1_auth_asym_id 
_pdbx_struct_sheet_hbond.range_1_auth_seq_id 
_pdbx_struct_sheet_hbond.range_2_label_atom_id 
_pdbx_struct_sheet_hbond.range_2_label_comp_id 
_pdbx_struct_sheet_hbond.range_2_label_asym_id 
_pdbx_struct_sheet_hbond.range_2_label_seq_id 
_pdbx_struct_sheet_hbond.range_2_PDB_ins_code 
_pdbx_struct_sheet_hbond.range_2_auth_atom_id 
_pdbx_struct_sheet_hbond.range_2_auth_comp_id 
_pdbx_struct_sheet_hbond.range_2_auth_asym_id 
_pdbx_struct_sheet_hbond.range_2_auth_seq_id 
A 1 2 O ILE A 20 ? O ILE A 20 N TYR A 3  ? N TYR A 3  
A 2 3 N ARG A 6  ? N ARG A 6  O CYS A 87 ? O CYS A 87 
A 3 4 N LYS A 90 ? N LYS A 90 O LYS A 52 ? O LYS A 52 
A 4 5 N GLY A 51 ? N GLY A 51 O ALA A 76 ? O ALA A 76 
B 1 2 N ASP A 59 ? N ASP A 59 O TYR A 82 ? O TYR A 82 
# 
_struct_site.id                   AC1 
_struct_site.pdbx_evidence_code   Software 
_struct_site.pdbx_auth_asym_id    A 
_struct_site.pdbx_auth_comp_id    FES 
_struct_site.pdbx_auth_seq_id     99 
_struct_site.pdbx_auth_ins_code   ? 
_struct_site.pdbx_num_residues    8 
_struct_site.details              'BINDING SITE FOR RESIDUE FES A 99' 
# 
loop_
_struct_site_gen.id 
_struct_site_gen.site_id 
_struct_site_gen.pdbx_num_res 
_struct_site_gen.label_comp_id 
_struct_site_gen.label_asym_id 
_struct_site_gen.label_seq_id 
_struct_site_gen.pdbx_auth_ins_code 
_struct_site_gen.auth_comp_id 
_struct_site_gen.auth_asym_id 
_struct_site_gen.auth_seq_id 
_struct_site_gen.label_atom_id 
_struct_site_gen.label_alt_id 
_struct_site_gen.symmetry 
_struct_site_gen.details 
1 AC1 8 SER A 40 ? SER A 40 . ? 1_555 ? 
2 AC1 8 CYS A 41 ? CYS A 41 . ? 1_555 ? 
3 AC1 8 HIS A 42 ? HIS A 42 . ? 1_555 ? 
4 AC1 8 GLY A 44 ? GLY A 44 . ? 1_555 ? 
5 AC1 8 SER A 45 ? SER A 45 . ? 1_555 ? 
6 AC1 8 CYS A 46 ? CYS A 46 . ? 1_555 ? 
7 AC1 8 CYS A 49 ? CYS A 49 . ? 1_555 ? 
8 AC1 8 CYS A 79 ? CYS A 79 . ? 1_555 ? 
# 
_pdbx_validate_rmsd_bond.id                        1 
_pdbx_validate_rmsd_bond.PDB_model_num             1 
_pdbx_validate_rmsd_bond.auth_atom_id_1            CD 
_pdbx_validate_rmsd_bond.auth_asym_id_1            A 
_pdbx_validate_rmsd_bond.auth_comp_id_1            GLU 
_pdbx_validate_rmsd_bond.auth_seq_id_1             94 
_pdbx_validate_rmsd_bond.PDB_ins_code_1            ? 
_pdbx_validate_rmsd_bond.label_alt_id_1            ? 
_pdbx_validate_rmsd_bond.auth_atom_id_2            OE2 
_pdbx_validate_rmsd_bond.auth_asym_id_2            A 
_pdbx_validate_rmsd_bond.auth_comp_id_2            GLU 
_pdbx_validate_rmsd_bond.auth_seq_id_2             94 
_pdbx_validate_rmsd_bond.PDB_ins_code_2            ? 
_pdbx_validate_rmsd_bond.label_alt_id_2            ? 
_pdbx_validate_rmsd_bond.bond_value                1.318 
_pdbx_validate_rmsd_bond.bond_target_value         1.252 
_pdbx_validate_rmsd_bond.bond_deviation            0.066 
_pdbx_validate_rmsd_bond.bond_standard_deviation   0.011 
_pdbx_validate_rmsd_bond.linker_flag               N 
# 
loop_
_pdbx_validate_rmsd_angle.id 
_pdbx_validate_rmsd_angle.PDB_model_num 
_pdbx_validate_rmsd_angle.auth_atom_id_1 
_pdbx_validate_rmsd_angle.auth_asym_id_1 
_pdbx_validate_rmsd_angle.auth_comp_id_1 
_pdbx_validate_rmsd_angle.auth_seq_id_1 
_pdbx_validate_rmsd_angle.PDB_ins_code_1 
_pdbx_validate_rmsd_angle.label_alt_id_1 
_pdbx_validate_rmsd_angle.auth_atom_id_2 
_pdbx_validate_rmsd_angle.auth_asym_id_2 
_pdbx_validate_rmsd_angle.auth_comp_id_2 
_pdbx_validate_rmsd_angle.auth_seq_id_2 
_pdbx_validate_rmsd_angle.PDB_ins_code_2 
_pdbx_validate_rmsd_angle.label_alt_id_2 
_pdbx_validate_rmsd_angle.auth_atom_id_3 
_pdbx_validate_rmsd_angle.auth_asym_id_3 
_pdbx_validate_rmsd_angle.auth_comp_id_3 
_pdbx_validate_rmsd_angle.auth_seq_id_3 
_pdbx_validate_rmsd_angle.PDB_ins_code_3 
_pdbx_validate_rmsd_angle.label_alt_id_3 
_pdbx_validate_rmsd_angle.angle_value 
_pdbx_validate_rmsd_angle.angle_target_value 
_pdbx_validate_rmsd_angle.angle_deviation 
_pdbx_validate_rmsd_angle.angle_standard_deviation 
_pdbx_validate_rmsd_angle.linker_flag 
1 1 CB A ASP 13 ? ? CG A ASP 13 ? ? OD1 A ASP 13 ? ? 112.23 118.30 -6.07 0.90 N 
2 1 CB A ASP 13 ? ? CG A ASP 13 ? ? OD2 A ASP 13 ? ? 124.06 118.30 5.76  0.90 N 
3 1 CB A ASP 15 ? ? CG A ASP 15 ? ? OD1 A ASP 15 ? ? 126.70 118.30 8.40  0.90 N 
# 
loop_
_pdbx_validate_torsion.id 
_pdbx_validate_torsion.PDB_model_num 
_pdbx_validate_torsion.auth_comp_id 
_pdbx_validate_torsion.auth_asym_id 
_pdbx_validate_torsion.auth_seq_id 
_pdbx_validate_torsion.PDB_ins_code 
_pdbx_validate_torsion.label_alt_id 
_pdbx_validate_torsion.phi 
_pdbx_validate_torsion.psi 
1 1 ASN A 9  ? ? -167.09 100.76 
2 1 ASP A 15 ? ? -164.20 67.82  
3 1 SER A 40 ? ? -136.19 -77.04 
4 1 ILE A 64 ? ? -134.91 -34.43 
# 
loop_
_chem_comp_atom.comp_id 
_chem_comp_atom.atom_id 
_chem_comp_atom.type_symbol 
_chem_comp_atom.pdbx_aromatic_flag 
_chem_comp_atom.pdbx_stereo_config 
_chem_comp_atom.pdbx_ordinal 
ALA N    N  N N 1   
ALA CA   C  N S 2   
ALA C    C  N N 3   
ALA O    O  N N 4   
ALA CB   C  N N 5   
ALA OXT  O  N N 6   
ALA H    H  N N 7   
ALA H2   H  N N 8   
ALA HA   H  N N 9   
ALA HB1  H  N N 10  
ALA HB2  H  N N 11  
ALA HB3  H  N N 12  
ALA HXT  H  N N 13  
ARG N    N  N N 14  
ARG CA   C  N S 15  
ARG C    C  N N 16  
ARG O    O  N N 17  
ARG CB   C  N N 18  
ARG CG   C  N N 19  
ARG CD   C  N N 20  
ARG NE   N  N N 21  
ARG CZ   C  N N 22  
ARG NH1  N  N N 23  
ARG NH2  N  N N 24  
ARG OXT  O  N N 25  
ARG H    H  N N 26  
ARG H2   H  N N 27  
ARG HA   H  N N 28  
ARG HB2  H  N N 29  
ARG HB3  H  N N 30  
ARG HG2  H  N N 31  
ARG HG3  H  N N 32  
ARG HD2  H  N N 33  
ARG HD3  H  N N 34  
ARG HE   H  N N 35  
ARG HH11 H  N N 36  
ARG HH12 H  N N 37  
ARG HH21 H  N N 38  
ARG HH22 H  N N 39  
ARG HXT  H  N N 40  
ASN N    N  N N 41  
ASN CA   C  N S 42  
ASN C    C  N N 43  
ASN O    O  N N 44  
ASN CB   C  N N 45  
ASN CG   C  N N 46  
ASN OD1  O  N N 47  
ASN ND2  N  N N 48  
ASN OXT  O  N N 49  
ASN H    H  N N 50  
ASN H2   H  N N 51  
ASN HA   H  N N 52  
ASN HB2  H  N N 53  
ASN HB3  H  N N 54  
ASN HD21 H  N N 55  
ASN HD22 H  N N 56  
ASN HXT  H  N N 57  
ASP N    N  N N 58  
ASP CA   C  N S 59  
ASP C    C  N N 60  
ASP O    O  N N 61  
ASP CB   C  N N 62  
ASP CG   C  N N 63  
ASP OD1  O  N N 64  
ASP OD2  O  N N 65  
ASP OXT  O  N N 66  
ASP H    H  N N 67  
ASP H2   H  N N 68  
ASP HA   H  N N 69  
ASP HB2  H  N N 70  
ASP HB3  H  N N 71  
ASP HD2  H  N N 72  
ASP HXT  H  N N 73  
CYS N    N  N N 74  
CYS CA   C  N R 75  
CYS C    C  N N 76  
CYS O    O  N N 77  
CYS CB   C  N N 78  
CYS SG   S  N N 79  
CYS OXT  O  N N 80  
CYS H    H  N N 81  
CYS H2   H  N N 82  
CYS HA   H  N N 83  
CYS HB2  H  N N 84  
CYS HB3  H  N N 85  
CYS HG   H  N N 86  
CYS HXT  H  N N 87  
FES FE1  FE N N 88  
FES FE2  FE N N 89  
FES S1   S  N N 90  
FES S2   S  N N 91  
GLN N    N  N N 92  
GLN CA   C  N S 93  
GLN C    C  N N 94  
GLN O    O  N N 95  
GLN CB   C  N N 96  
GLN CG   C  N N 97  
GLN CD   C  N N 98  
GLN OE1  O  N N 99  
GLN NE2  N  N N 100 
GLN OXT  O  N N 101 
GLN H    H  N N 102 
GLN H2   H  N N 103 
GLN HA   H  N N 104 
GLN HB2  H  N N 105 
GLN HB3  H  N N 106 
GLN HG2  H  N N 107 
GLN HG3  H  N N 108 
GLN HE21 H  N N 109 
GLN HE22 H  N N 110 
GLN HXT  H  N N 111 
GLU N    N  N N 112 
GLU CA   C  N S 113 
GLU C    C  N N 114 
GLU O    O  N N 115 
GLU CB   C  N N 116 
GLU CG   C  N N 117 
GLU CD   C  N N 118 
GLU OE1  O  N N 119 
GLU OE2  O  N N 120 
GLU OXT  O  N N 121 
GLU H    H  N N 122 
GLU H2   H  N N 123 
GLU HA   H  N N 124 
GLU HB2  H  N N 125 
GLU HB3  H  N N 126 
GLU HG2  H  N N 127 
GLU HG3  H  N N 128 
GLU HE2  H  N N 129 
GLU HXT  H  N N 130 
GLY N    N  N N 131 
GLY CA   C  N N 132 
GLY C    C  N N 133 
GLY O    O  N N 134 
GLY OXT  O  N N 135 
GLY H    H  N N 136 
GLY H2   H  N N 137 
GLY HA2  H  N N 138 
GLY HA3  H  N N 139 
GLY HXT  H  N N 140 
HIS N    N  N N 141 
HIS CA   C  N S 142 
HIS C    C  N N 143 
HIS O    O  N N 144 
HIS CB   C  N N 145 
HIS CG   C  Y N 146 
HIS ND1  N  Y N 147 
HIS CD2  C  Y N 148 
HIS CE1  C  Y N 149 
HIS NE2  N  Y N 150 
HIS OXT  O  N N 151 
HIS H    H  N N 152 
HIS H2   H  N N 153 
HIS HA   H  N N 154 
HIS HB2  H  N N 155 
HIS HB3  H  N N 156 
HIS HD1  H  N N 157 
HIS HD2  H  N N 158 
HIS HE1  H  N N 159 
HIS HE2  H  N N 160 
HIS HXT  H  N N 161 
HOH O    O  N N 162 
HOH H1   H  N N 163 
HOH H2   H  N N 164 
ILE N    N  N N 165 
ILE CA   C  N S 166 
ILE C    C  N N 167 
ILE O    O  N N 168 
ILE CB   C  N S 169 
ILE CG1  C  N N 170 
ILE CG2  C  N N 171 
ILE CD1  C  N N 172 
ILE OXT  O  N N 173 
ILE H    H  N N 174 
ILE H2   H  N N 175 
ILE HA   H  N N 176 
ILE HB   H  N N 177 
ILE HG12 H  N N 178 
ILE HG13 H  N N 179 
ILE HG21 H  N N 180 
ILE HG22 H  N N 181 
ILE HG23 H  N N 182 
ILE HD11 H  N N 183 
ILE HD12 H  N N 184 
ILE HD13 H  N N 185 
ILE HXT  H  N N 186 
LEU N    N  N N 187 
LEU CA   C  N S 188 
LEU C    C  N N 189 
LEU O    O  N N 190 
LEU CB   C  N N 191 
LEU CG   C  N N 192 
LEU CD1  C  N N 193 
LEU CD2  C  N N 194 
LEU OXT  O  N N 195 
LEU H    H  N N 196 
LEU H2   H  N N 197 
LEU HA   H  N N 198 
LEU HB2  H  N N 199 
LEU HB3  H  N N 200 
LEU HG   H  N N 201 
LEU HD11 H  N N 202 
LEU HD12 H  N N 203 
LEU HD13 H  N N 204 
LEU HD21 H  N N 205 
LEU HD22 H  N N 206 
LEU HD23 H  N N 207 
LEU HXT  H  N N 208 
LYS N    N  N N 209 
LYS CA   C  N S 210 
LYS C    C  N N 211 
LYS O    O  N N 212 
LYS CB   C  N N 213 
LYS CG   C  N N 214 
LYS CD   C  N N 215 
LYS CE   C  N N 216 
LYS NZ   N  N N 217 
LYS OXT  O  N N 218 
LYS H    H  N N 219 
LYS H2   H  N N 220 
LYS HA   H  N N 221 
LYS HB2  H  N N 222 
LYS HB3  H  N N 223 
LYS HG2  H  N N 224 
LYS HG3  H  N N 225 
LYS HD2  H  N N 226 
LYS HD3  H  N N 227 
LYS HE2  H  N N 228 
LYS HE3  H  N N 229 
LYS HZ1  H  N N 230 
LYS HZ2  H  N N 231 
LYS HZ3  H  N N 232 
LYS HXT  H  N N 233 
MET N    N  N N 234 
MET CA   C  N S 235 
MET C    C  N N 236 
MET O    O  N N 237 
MET CB   C  N N 238 
MET CG   C  N N 239 
MET SD   S  N N 240 
MET CE   C  N N 241 
MET OXT  O  N N 242 
MET H    H  N N 243 
MET H2   H  N N 244 
MET HA   H  N N 245 
MET HB2  H  N N 246 
MET HB3  H  N N 247 
MET HG2  H  N N 248 
MET HG3  H  N N 249 
MET HE1  H  N N 250 
MET HE2  H  N N 251 
MET HE3  H  N N 252 
MET HXT  H  N N 253 
PHE N    N  N N 254 
PHE CA   C  N S 255 
PHE C    C  N N 256 
PHE O    O  N N 257 
PHE CB   C  N N 258 
PHE CG   C  Y N 259 
PHE CD1  C  Y N 260 
PHE CD2  C  Y N 261 
PHE CE1  C  Y N 262 
PHE CE2  C  Y N 263 
PHE CZ   C  Y N 264 
PHE OXT  O  N N 265 
PHE H    H  N N 266 
PHE H2   H  N N 267 
PHE HA   H  N N 268 
PHE HB2  H  N N 269 
PHE HB3  H  N N 270 
PHE HD1  H  N N 271 
PHE HD2  H  N N 272 
PHE HE1  H  N N 273 
PHE HE2  H  N N 274 
PHE HZ   H  N N 275 
PHE HXT  H  N N 276 
PRO N    N  N N 277 
PRO CA   C  N S 278 
PRO C    C  N N 279 
PRO O    O  N N 280 
PRO CB   C  N N 281 
PRO CG   C  N N 282 
PRO CD   C  N N 283 
PRO OXT  O  N N 284 
PRO H    H  N N 285 
PRO HA   H  N N 286 
PRO HB2  H  N N 287 
PRO HB3  H  N N 288 
PRO HG2  H  N N 289 
PRO HG3  H  N N 290 
PRO HD2  H  N N 291 
PRO HD3  H  N N 292 
PRO HXT  H  N N 293 
SER N    N  N N 294 
SER CA   C  N S 295 
SER C    C  N N 296 
SER O    O  N N 297 
SER CB   C  N N 298 
SER OG   O  N N 299 
SER OXT  O  N N 300 
SER H    H  N N 301 
SER H2   H  N N 302 
SER HA   H  N N 303 
SER HB2  H  N N 304 
SER HB3  H  N N 305 
SER HG   H  N N 306 
SER HXT  H  N N 307 
THR N    N  N N 308 
THR CA   C  N S 309 
THR C    C  N N 310 
THR O    O  N N 311 
THR CB   C  N R 312 
THR OG1  O  N N 313 
THR CG2  C  N N 314 
THR OXT  O  N N 315 
THR H    H  N N 316 
THR H2   H  N N 317 
THR HA   H  N N 318 
THR HB   H  N N 319 
THR HG1  H  N N 320 
THR HG21 H  N N 321 
THR HG22 H  N N 322 
THR HG23 H  N N 323 
THR HXT  H  N N 324 
TYR N    N  N N 325 
TYR CA   C  N S 326 
TYR C    C  N N 327 
TYR O    O  N N 328 
TYR CB   C  N N 329 
TYR CG   C  Y N 330 
TYR CD1  C  Y N 331 
TYR CD2  C  Y N 332 
TYR CE1  C  Y N 333 
TYR CE2  C  Y N 334 
TYR CZ   C  Y N 335 
TYR OH   O  N N 336 
TYR OXT  O  N N 337 
TYR H    H  N N 338 
TYR H2   H  N N 339 
TYR HA   H  N N 340 
TYR HB2  H  N N 341 
TYR HB3  H  N N 342 
TYR HD1  H  N N 343 
TYR HD2  H  N N 344 
TYR HE1  H  N N 345 
TYR HE2  H  N N 346 
TYR HH   H  N N 347 
TYR HXT  H  N N 348 
VAL N    N  N N 349 
VAL CA   C  N S 350 
VAL C    C  N N 351 
VAL O    O  N N 352 
VAL CB   C  N N 353 
VAL CG1  C  N N 354 
VAL CG2  C  N N 355 
VAL OXT  O  N N 356 
VAL H    H  N N 357 
VAL H2   H  N N 358 
VAL HA   H  N N 359 
VAL HB   H  N N 360 
VAL HG11 H  N N 361 
VAL HG12 H  N N 362 
VAL HG13 H  N N 363 
VAL HG21 H  N N 364 
VAL HG22 H  N N 365 
VAL HG23 H  N N 366 
VAL HXT  H  N N 367 
# 
loop_
_chem_comp_bond.comp_id 
_chem_comp_bond.atom_id_1 
_chem_comp_bond.atom_id_2 
_chem_comp_bond.value_order 
_chem_comp_bond.pdbx_aromatic_flag 
_chem_comp_bond.pdbx_stereo_config 
_chem_comp_bond.pdbx_ordinal 
ALA N   CA   sing N N 1   
ALA N   H    sing N N 2   
ALA N   H2   sing N N 3   
ALA CA  C    sing N N 4   
ALA CA  CB   sing N N 5   
ALA CA  HA   sing N N 6   
ALA C   O    doub N N 7   
ALA C   OXT  sing N N 8   
ALA CB  HB1  sing N N 9   
ALA CB  HB2  sing N N 10  
ALA CB  HB3  sing N N 11  
ALA OXT HXT  sing N N 12  
ARG N   CA   sing N N 13  
ARG N   H    sing N N 14  
ARG N   H2   sing N N 15  
ARG CA  C    sing N N 16  
ARG CA  CB   sing N N 17  
ARG CA  HA   sing N N 18  
ARG C   O    doub N N 19  
ARG C   OXT  sing N N 20  
ARG CB  CG   sing N N 21  
ARG CB  HB2  sing N N 22  
ARG CB  HB3  sing N N 23  
ARG CG  CD   sing N N 24  
ARG CG  HG2  sing N N 25  
ARG CG  HG3  sing N N 26  
ARG CD  NE   sing N N 27  
ARG CD  HD2  sing N N 28  
ARG CD  HD3  sing N N 29  
ARG NE  CZ   sing N N 30  
ARG NE  HE   sing N N 31  
ARG CZ  NH1  sing N N 32  
ARG CZ  NH2  doub N N 33  
ARG NH1 HH11 sing N N 34  
ARG NH1 HH12 sing N N 35  
ARG NH2 HH21 sing N N 36  
ARG NH2 HH22 sing N N 37  
ARG OXT HXT  sing N N 38  
ASN N   CA   sing N N 39  
ASN N   H    sing N N 40  
ASN N   H2   sing N N 41  
ASN CA  C    sing N N 42  
ASN CA  CB   sing N N 43  
ASN CA  HA   sing N N 44  
ASN C   O    doub N N 45  
ASN C   OXT  sing N N 46  
ASN CB  CG   sing N N 47  
ASN CB  HB2  sing N N 48  
ASN CB  HB3  sing N N 49  
ASN CG  OD1  doub N N 50  
ASN CG  ND2  sing N N 51  
ASN ND2 HD21 sing N N 52  
ASN ND2 HD22 sing N N 53  
ASN OXT HXT  sing N N 54  
ASP N   CA   sing N N 55  
ASP N   H    sing N N 56  
ASP N   H2   sing N N 57  
ASP CA  C    sing N N 58  
ASP CA  CB   sing N N 59  
ASP CA  HA   sing N N 60  
ASP C   O    doub N N 61  
ASP C   OXT  sing N N 62  
ASP CB  CG   sing N N 63  
ASP CB  HB2  sing N N 64  
ASP CB  HB3  sing N N 65  
ASP CG  OD1  doub N N 66  
ASP CG  OD2  sing N N 67  
ASP OD2 HD2  sing N N 68  
ASP OXT HXT  sing N N 69  
CYS N   CA   sing N N 70  
CYS N   H    sing N N 71  
CYS N   H2   sing N N 72  
CYS CA  C    sing N N 73  
CYS CA  CB   sing N N 74  
CYS CA  HA   sing N N 75  
CYS C   O    doub N N 76  
CYS C   OXT  sing N N 77  
CYS CB  SG   sing N N 78  
CYS CB  HB2  sing N N 79  
CYS CB  HB3  sing N N 80  
CYS SG  HG   sing N N 81  
CYS OXT HXT  sing N N 82  
FES FE1 S1   sing N N 83  
FES FE1 S2   sing N N 84  
FES FE2 S1   sing N N 85  
FES FE2 S2   sing N N 86  
GLN N   CA   sing N N 87  
GLN N   H    sing N N 88  
GLN N   H2   sing N N 89  
GLN CA  C    sing N N 90  
GLN CA  CB   sing N N 91  
GLN CA  HA   sing N N 92  
GLN C   O    doub N N 93  
GLN C   OXT  sing N N 94  
GLN CB  CG   sing N N 95  
GLN CB  HB2  sing N N 96  
GLN CB  HB3  sing N N 97  
GLN CG  CD   sing N N 98  
GLN CG  HG2  sing N N 99  
GLN CG  HG3  sing N N 100 
GLN CD  OE1  doub N N 101 
GLN CD  NE2  sing N N 102 
GLN NE2 HE21 sing N N 103 
GLN NE2 HE22 sing N N 104 
GLN OXT HXT  sing N N 105 
GLU N   CA   sing N N 106 
GLU N   H    sing N N 107 
GLU N   H2   sing N N 108 
GLU CA  C    sing N N 109 
GLU CA  CB   sing N N 110 
GLU CA  HA   sing N N 111 
GLU C   O    doub N N 112 
GLU C   OXT  sing N N 113 
GLU CB  CG   sing N N 114 
GLU CB  HB2  sing N N 115 
GLU CB  HB3  sing N N 116 
GLU CG  CD   sing N N 117 
GLU CG  HG2  sing N N 118 
GLU CG  HG3  sing N N 119 
GLU CD  OE1  doub N N 120 
GLU CD  OE2  sing N N 121 
GLU OE2 HE2  sing N N 122 
GLU OXT HXT  sing N N 123 
GLY N   CA   sing N N 124 
GLY N   H    sing N N 125 
GLY N   H2   sing N N 126 
GLY CA  C    sing N N 127 
GLY CA  HA2  sing N N 128 
GLY CA  HA3  sing N N 129 
GLY C   O    doub N N 130 
GLY C   OXT  sing N N 131 
GLY OXT HXT  sing N N 132 
HIS N   CA   sing N N 133 
HIS N   H    sing N N 134 
HIS N   H2   sing N N 135 
HIS CA  C    sing N N 136 
HIS CA  CB   sing N N 137 
HIS CA  HA   sing N N 138 
HIS C   O    doub N N 139 
HIS C   OXT  sing N N 140 
HIS CB  CG   sing N N 141 
HIS CB  HB2  sing N N 142 
HIS CB  HB3  sing N N 143 
HIS CG  ND1  sing Y N 144 
HIS CG  CD2  doub Y N 145 
HIS ND1 CE1  doub Y N 146 
HIS ND1 HD1  sing N N 147 
HIS CD2 NE2  sing Y N 148 
HIS CD2 HD2  sing N N 149 
HIS CE1 NE2  sing Y N 150 
HIS CE1 HE1  sing N N 151 
HIS NE2 HE2  sing N N 152 
HIS OXT HXT  sing N N 153 
HOH O   H1   sing N N 154 
HOH O   H2   sing N N 155 
ILE N   CA   sing N N 156 
ILE N   H    sing N N 157 
ILE N   H2   sing N N 158 
ILE CA  C    sing N N 159 
ILE CA  CB   sing N N 160 
ILE CA  HA   sing N N 161 
ILE C   O    doub N N 162 
ILE C   OXT  sing N N 163 
ILE CB  CG1  sing N N 164 
ILE CB  CG2  sing N N 165 
ILE CB  HB   sing N N 166 
ILE CG1 CD1  sing N N 167 
ILE CG1 HG12 sing N N 168 
ILE CG1 HG13 sing N N 169 
ILE CG2 HG21 sing N N 170 
ILE CG2 HG22 sing N N 171 
ILE CG2 HG23 sing N N 172 
ILE CD1 HD11 sing N N 173 
ILE CD1 HD12 sing N N 174 
ILE CD1 HD13 sing N N 175 
ILE OXT HXT  sing N N 176 
LEU N   CA   sing N N 177 
LEU N   H    sing N N 178 
LEU N   H2   sing N N 179 
LEU CA  C    sing N N 180 
LEU CA  CB   sing N N 181 
LEU CA  HA   sing N N 182 
LEU C   O    doub N N 183 
LEU C   OXT  sing N N 184 
LEU CB  CG   sing N N 185 
LEU CB  HB2  sing N N 186 
LEU CB  HB3  sing N N 187 
LEU CG  CD1  sing N N 188 
LEU CG  CD2  sing N N 189 
LEU CG  HG   sing N N 190 
LEU CD1 HD11 sing N N 191 
LEU CD1 HD12 sing N N 192 
LEU CD1 HD13 sing N N 193 
LEU CD2 HD21 sing N N 194 
LEU CD2 HD22 sing N N 195 
LEU CD2 HD23 sing N N 196 
LEU OXT HXT  sing N N 197 
LYS N   CA   sing N N 198 
LYS N   H    sing N N 199 
LYS N   H2   sing N N 200 
LYS CA  C    sing N N 201 
LYS CA  CB   sing N N 202 
LYS CA  HA   sing N N 203 
LYS C   O    doub N N 204 
LYS C   OXT  sing N N 205 
LYS CB  CG   sing N N 206 
LYS CB  HB2  sing N N 207 
LYS CB  HB3  sing N N 208 
LYS CG  CD   sing N N 209 
LYS CG  HG2  sing N N 210 
LYS CG  HG3  sing N N 211 
LYS CD  CE   sing N N 212 
LYS CD  HD2  sing N N 213 
LYS CD  HD3  sing N N 214 
LYS CE  NZ   sing N N 215 
LYS CE  HE2  sing N N 216 
LYS CE  HE3  sing N N 217 
LYS NZ  HZ1  sing N N 218 
LYS NZ  HZ2  sing N N 219 
LYS NZ  HZ3  sing N N 220 
LYS OXT HXT  sing N N 221 
MET N   CA   sing N N 222 
MET N   H    sing N N 223 
MET N   H2   sing N N 224 
MET CA  C    sing N N 225 
MET CA  CB   sing N N 226 
MET CA  HA   sing N N 227 
MET C   O    doub N N 228 
MET C   OXT  sing N N 229 
MET CB  CG   sing N N 230 
MET CB  HB2  sing N N 231 
MET CB  HB3  sing N N 232 
MET CG  SD   sing N N 233 
MET CG  HG2  sing N N 234 
MET CG  HG3  sing N N 235 
MET SD  CE   sing N N 236 
MET CE  HE1  sing N N 237 
MET CE  HE2  sing N N 238 
MET CE  HE3  sing N N 239 
MET OXT HXT  sing N N 240 
PHE N   CA   sing N N 241 
PHE N   H    sing N N 242 
PHE N   H2   sing N N 243 
PHE CA  C    sing N N 244 
PHE CA  CB   sing N N 245 
PHE CA  HA   sing N N 246 
PHE C   O    doub N N 247 
PHE C   OXT  sing N N 248 
PHE CB  CG   sing N N 249 
PHE CB  HB2  sing N N 250 
PHE CB  HB3  sing N N 251 
PHE CG  CD1  doub Y N 252 
PHE CG  CD2  sing Y N 253 
PHE CD1 CE1  sing Y N 254 
PHE CD1 HD1  sing N N 255 
PHE CD2 CE2  doub Y N 256 
PHE CD2 HD2  sing N N 257 
PHE CE1 CZ   doub Y N 258 
PHE CE1 HE1  sing N N 259 
PHE CE2 CZ   sing Y N 260 
PHE CE2 HE2  sing N N 261 
PHE CZ  HZ   sing N N 262 
PHE OXT HXT  sing N N 263 
PRO N   CA   sing N N 264 
PRO N   CD   sing N N 265 
PRO N   H    sing N N 266 
PRO CA  C    sing N N 267 
PRO CA  CB   sing N N 268 
PRO CA  HA   sing N N 269 
PRO C   O    doub N N 270 
PRO C   OXT  sing N N 271 
PRO CB  CG   sing N N 272 
PRO CB  HB2  sing N N 273 
PRO CB  HB3  sing N N 274 
PRO CG  CD   sing N N 275 
PRO CG  HG2  sing N N 276 
PRO CG  HG3  sing N N 277 
PRO CD  HD2  sing N N 278 
PRO CD  HD3  sing N N 279 
PRO OXT HXT  sing N N 280 
SER N   CA   sing N N 281 
SER N   H    sing N N 282 
SER N   H2   sing N N 283 
SER CA  C    sing N N 284 
SER CA  CB   sing N N 285 
SER CA  HA   sing N N 286 
SER C   O    doub N N 287 
SER C   OXT  sing N N 288 
SER CB  OG   sing N N 289 
SER CB  HB2  sing N N 290 
SER CB  HB3  sing N N 291 
SER OG  HG   sing N N 292 
SER OXT HXT  sing N N 293 
THR N   CA   sing N N 294 
THR N   H    sing N N 295 
THR N   H2   sing N N 296 
THR CA  C    sing N N 297 
THR CA  CB   sing N N 298 
THR CA  HA   sing N N 299 
THR C   O    doub N N 300 
THR C   OXT  sing N N 301 
THR CB  OG1  sing N N 302 
THR CB  CG2  sing N N 303 
THR CB  HB   sing N N 304 
THR OG1 HG1  sing N N 305 
THR CG2 HG21 sing N N 306 
THR CG2 HG22 sing N N 307 
THR CG2 HG23 sing N N 308 
THR OXT HXT  sing N N 309 
TYR N   CA   sing N N 310 
TYR N   H    sing N N 311 
TYR N   H2   sing N N 312 
TYR CA  C    sing N N 313 
TYR CA  CB   sing N N 314 
TYR CA  HA   sing N N 315 
TYR C   O    doub N N 316 
TYR C   OXT  sing N N 317 
TYR CB  CG   sing N N 318 
TYR CB  HB2  sing N N 319 
TYR CB  HB3  sing N N 320 
TYR CG  CD1  doub Y N 321 
TYR CG  CD2  sing Y N 322 
TYR CD1 CE1  sing Y N 323 
TYR CD1 HD1  sing N N 324 
TYR CD2 CE2  doub Y N 325 
TYR CD2 HD2  sing N N 326 
TYR CE1 CZ   doub Y N 327 
TYR CE1 HE1  sing N N 328 
TYR CE2 CZ   sing Y N 329 
TYR CE2 HE2  sing N N 330 
TYR CZ  OH   sing N N 331 
TYR OH  HH   sing N N 332 
TYR OXT HXT  sing N N 333 
VAL N   CA   sing N N 334 
VAL N   H    sing N N 335 
VAL N   H2   sing N N 336 
VAL CA  C    sing N N 337 
VAL CA  CB   sing N N 338 
VAL CA  HA   sing N N 339 
VAL C   O    doub N N 340 
VAL C   OXT  sing N N 341 
VAL CB  CG1  sing N N 342 
VAL CB  CG2  sing N N 343 
VAL CB  HB   sing N N 344 
VAL CG1 HG11 sing N N 345 
VAL CG1 HG12 sing N N 346 
VAL CG1 HG13 sing N N 347 
VAL CG2 HG21 sing N N 348 
VAL CG2 HG22 sing N N 349 
VAL CG2 HG23 sing N N 350 
VAL OXT HXT  sing N N 351 
# 
_atom_sites.entry_id                    1FRD 
_atom_sites.fract_transf_matrix[1][1]   0.00796586 
_atom_sites.fract_transf_matrix[1][2]   -0.02426181 
_atom_sites.fract_transf_matrix[1][3]   -0.00551098 
_atom_sites.fract_transf_matrix[2][1]   0.02337693 
_atom_sites.fract_transf_matrix[2][2]   -0.00825914 
_atom_sites.fract_transf_matrix[2][3]   0.00823220 
_atom_sites.fract_transf_matrix[3][1]   -0.00514821 
_atom_sites.fract_transf_matrix[3][2]   -0.00408101 
_atom_sites.fract_transf_matrix[3][3]   0.01052497 
_atom_sites.fract_transf_vector[1]      0.249194 
_atom_sites.fract_transf_vector[2]      0.655121 
_atom_sites.fract_transf_vector[3]      -0.084595 
# 
loop_
_atom_type.symbol 
C  
FE 
N  
O  
S  
# 
loop_
_atom_site.group_PDB 
_atom_site.id 
_atom_site.type_symbol 
_atom_site.label_atom_id 
_atom_site.label_alt_id 
_atom_site.label_comp_id 
_atom_site.label_asym_id 
_atom_site.label_entity_id 
_atom_site.label_seq_id 
_atom_site.pdbx_PDB_ins_code 
_atom_site.Cartn_x 
_atom_site.Cartn_y 
_atom_site.Cartn_z 
_atom_site.occupancy 
_atom_site.B_iso_or_equiv 
_atom_site.pdbx_formal_charge 
_atom_site.auth_seq_id 
_atom_site.auth_comp_id 
_atom_site.auth_asym_id 
_atom_site.auth_atom_id 
_atom_site.pdbx_PDB_model_num 
ATOM   1   N  N   . ALA A 1 1  ? 7.404   11.050  12.606  1.00 42.28  ? 1   ALA A N   1 
ATOM   2   C  CA  . ALA A 1 1  ? 7.704   11.624  11.299  1.00 33.09  ? 1   ALA A CA  1 
ATOM   3   C  C   . ALA A 1 1  ? 6.623   11.315  10.282  1.00 21.47  ? 1   ALA A C   1 
ATOM   4   O  O   . ALA A 1 1  ? 5.879   10.343  10.386  1.00 23.85  ? 1   ALA A O   1 
ATOM   5   C  CB  . ALA A 1 1  ? 9.024   11.107  10.737  1.00 22.63  ? 1   ALA A CB  1 
ATOM   6   N  N   . SER A 1 2  ? 6.548   12.175  9.280   1.00 18.36  ? 2   SER A N   1 
ATOM   7   C  CA  . SER A 1 2  ? 5.547   11.947  8.278   1.00 13.26  ? 2   SER A CA  1 
ATOM   8   C  C   . SER A 1 2  ? 6.353   11.728  7.002   1.00 20.51  ? 2   SER A C   1 
ATOM   9   O  O   . SER A 1 2  ? 7.474   12.201  6.871   1.00 16.63  ? 2   SER A O   1 
ATOM   10  C  CB  . SER A 1 2  ? 4.649   13.158  8.208   1.00 17.72  ? 2   SER A CB  1 
ATOM   11  O  OG  . SER A 1 2  ? 5.400   14.239  7.731   1.00 34.24  ? 2   SER A OG  1 
ATOM   12  N  N   . TYR A 1 3  ? 5.764   10.994  6.075   1.00 13.34  ? 3   TYR A N   1 
ATOM   13  C  CA  . TYR A 1 3  ? 6.411   10.701  4.820   1.00 14.44  ? 3   TYR A CA  1 
ATOM   14  C  C   . TYR A 1 3  ? 5.445   10.971  3.700   1.00 18.55  ? 3   TYR A C   1 
ATOM   15  O  O   . TYR A 1 3  ? 4.242   10.948  3.936   1.00 16.49  ? 3   TYR A O   1 
ATOM   16  C  CB  . TYR A 1 3  ? 6.768   9.205   4.751   1.00 10.49  ? 3   TYR A CB  1 
ATOM   17  C  CG  . TYR A 1 3  ? 7.830   8.863   5.784   1.00 18.05  ? 3   TYR A CG  1 
ATOM   18  C  CD1 . TYR A 1 3  ? 9.108   9.381   5.600   1.00 16.00  ? 3   TYR A CD1 1 
ATOM   19  C  CD2 . TYR A 1 3  ? 7.599   8.063   6.909   1.00 18.03  ? 3   TYR A CD2 1 
ATOM   20  C  CE1 . TYR A 1 3  ? 10.134  9.141   6.508   1.00 16.82  ? 3   TYR A CE1 1 
ATOM   21  C  CE2 . TYR A 1 3  ? 8.606   7.783   7.830   1.00 17.15  ? 3   TYR A CE2 1 
ATOM   22  C  CZ  . TYR A 1 3  ? 9.865   8.336   7.610   1.00 22.23  ? 3   TYR A CZ  1 
ATOM   23  O  OH  . TYR A 1 3  ? 10.902  8.122   8.462   1.00 25.83  ? 3   TYR A OH  1 
ATOM   24  N  N   . GLN A 1 4  ? 6.000   11.222  2.514   1.00 8.88   ? 4   GLN A N   1 
ATOM   25  C  CA  . GLN A 1 4  ? 5.175   11.474  1.356   1.00 11.24  ? 4   GLN A CA  1 
ATOM   26  C  C   . GLN A 1 4  ? 5.022   10.126  0.654   1.00 20.30  ? 4   GLN A C   1 
ATOM   27  O  O   . GLN A 1 4  ? 5.976   9.390   0.392   1.00 19.07  ? 4   GLN A O   1 
ATOM   28  C  CB  . GLN A 1 4  ? 5.896   12.481  0.426   1.00 12.61  ? 4   GLN A CB  1 
ATOM   29  C  CG  . GLN A 1 4  ? 5.959   13.886  1.036   1.00 15.04  ? 4   GLN A CG  1 
ATOM   30  C  CD  . GLN A 1 4  ? 6.204   15.010  0.032   1.00 21.90  ? 4   GLN A CD  1 
ATOM   31  O  OE1 . GLN A 1 4  ? 5.965   16.177  0.361   1.00 39.68  ? 4   GLN A OE1 1 
ATOM   32  N  NE2 . GLN A 1 4  ? 6.614   14.679  -1.190  1.00 29.73  ? 4   GLN A NE2 1 
ATOM   33  N  N   . VAL A 1 5  ? 3.800   9.761   0.322   1.00 7.58   ? 5   VAL A N   1 
ATOM   34  C  CA  . VAL A 1 5  ? 3.503   8.501   -0.348  1.00 9.49   ? 5   VAL A CA  1 
ATOM   35  C  C   . VAL A 1 5  ? 2.820   8.802   -1.669  1.00 11.40  ? 5   VAL A C   1 
ATOM   36  O  O   . VAL A 1 5  ? 1.724   9.373   -1.723  1.00 11.44  ? 5   VAL A O   1 
ATOM   37  C  CB  . VAL A 1 5  ? 2.570   7.659   0.529   1.00 12.76  ? 5   VAL A CB  1 
ATOM   38  C  CG1 . VAL A 1 5  ? 2.147   6.404   -0.228  1.00 12.24  ? 5   VAL A CG1 1 
ATOM   39  C  CG2 . VAL A 1 5  ? 3.291   7.276   1.825   1.00 13.10  ? 5   VAL A CG2 1 
ATOM   40  N  N   . ARG A 1 6  ? 3.461   8.402   -2.770  1.00 10.63  ? 6   ARG A N   1 
ATOM   41  C  CA  . ARG A 1 6  ? 2.830   8.650   -4.072  1.00 11.35  ? 6   ARG A CA  1 
ATOM   42  C  C   . ARG A 1 6  ? 2.083   7.394   -4.488  1.00 13.07  ? 6   ARG A C   1 
ATOM   43  O  O   . ARG A 1 6  ? 2.680   6.304   -4.495  1.00 13.51  ? 6   ARG A O   1 
ATOM   44  C  CB  . ARG A 1 6  ? 3.892   9.055   -5.102  1.00 12.81  ? 6   ARG A CB  1 
ATOM   45  C  CG  . ARG A 1 6  ? 3.375   9.135   -6.530  1.00 11.17  ? 6   ARG A CG  1 
ATOM   46  C  CD  . ARG A 1 6  ? 4.507   9.648   -7.399  1.00 16.88  ? 6   ARG A CD  1 
ATOM   47  N  NE  . ARG A 1 6  ? 4.007   9.773   -8.754  1.00 22.77  ? 6   ARG A NE  1 
ATOM   48  C  CZ  . ARG A 1 6  ? 4.787   9.859   -9.815  1.00 100.00 ? 6   ARG A CZ  1 
ATOM   49  N  NH1 . ARG A 1 6  ? 6.101   9.844   -9.728  1.00 28.92  ? 6   ARG A NH1 1 
ATOM   50  N  NH2 . ARG A 1 6  ? 4.251   9.961   -11.020 1.00 20.89  ? 6   ARG A NH2 1 
ATOM   51  N  N   . LEU A 1 7  ? 0.796   7.562   -4.824  1.00 11.51  ? 7   LEU A N   1 
ATOM   52  C  CA  . LEU A 1 7  ? -0.072  6.481   -5.216  1.00 9.38   ? 7   LEU A CA  1 
ATOM   53  C  C   . LEU A 1 7  ? -0.349  6.535   -6.709  1.00 11.27  ? 7   LEU A C   1 
ATOM   54  O  O   . LEU A 1 7  ? -0.785  7.580   -7.185  1.00 17.48  ? 7   LEU A O   1 
ATOM   55  C  CB  . LEU A 1 7  ? -1.416  6.498   -4.450  1.00 10.26  ? 7   LEU A CB  1 
ATOM   56  C  CG  . LEU A 1 7  ? -1.183  6.463   -2.929  1.00 11.90  ? 7   LEU A CG  1 
ATOM   57  C  CD1 . LEU A 1 7  ? -2.392  6.893   -2.115  1.00 22.61  ? 7   LEU A CD1 1 
ATOM   58  C  CD2 . LEU A 1 7  ? -0.714  5.086   -2.490  1.00 12.86  ? 7   LEU A CD2 1 
ATOM   59  N  N   . ILE A 1 8  ? -0.108  5.412   -7.379  1.00 13.73  ? 8   ILE A N   1 
ATOM   60  C  CA  . ILE A 1 8  ? -0.334  5.356   -8.816  1.00 16.08  ? 8   ILE A CA  1 
ATOM   61  C  C   . ILE A 1 8  ? -1.209  4.238   -9.335  1.00 20.83  ? 8   ILE A C   1 
ATOM   62  O  O   . ILE A 1 8  ? -1.102  3.083   -8.959  1.00 17.15  ? 8   ILE A O   1 
ATOM   63  C  CB  . ILE A 1 8  ? 1.019   5.263   -9.524  1.00 15.21  ? 8   ILE A CB  1 
ATOM   64  C  CG1 . ILE A 1 8  ? 1.997   6.314   -9.019  1.00 12.37  ? 8   ILE A CG1 1 
ATOM   65  C  CG2 . ILE A 1 8  ? 0.916   5.331   -11.047 1.00 22.25  ? 8   ILE A CG2 1 
ATOM   66  C  CD1 . ILE A 1 8  ? 3.376   6.199   -9.673  1.00 18.30  ? 8   ILE A CD1 1 
ATOM   67  N  N   . ASN A 1 9  ? -2.078  4.655   -10.244 1.00 17.89  ? 9   ASN A N   1 
ATOM   68  C  CA  . ASN A 1 9  ? -2.978  3.760   -10.916 1.00 24.25  ? 9   ASN A CA  1 
ATOM   69  C  C   . ASN A 1 9  ? -3.617  4.459   -12.109 1.00 19.49  ? 9   ASN A C   1 
ATOM   70  O  O   . ASN A 1 9  ? -4.561  5.245   -11.967 1.00 27.09  ? 9   ASN A O   1 
ATOM   71  C  CB  . ASN A 1 9  ? -4.030  3.100   -10.026 1.00 33.94  ? 9   ASN A CB  1 
ATOM   72  C  CG  . ASN A 1 9  ? -4.641  2.001   -10.862 1.00 26.81  ? 9   ASN A CG  1 
ATOM   73  O  OD1 . ASN A 1 9  ? -5.507  2.290   -11.685 1.00 32.01  ? 9   ASN A OD1 1 
ATOM   74  N  ND2 . ASN A 1 9  ? -4.187  0.762   -10.667 1.00 34.41  ? 9   ASN A ND2 1 
ATOM   75  N  N   . LYS A 1 10 ? -3.092  4.166   -13.283 1.00 25.90  ? 10  LYS A N   1 
ATOM   76  C  CA  . LYS A 1 10 ? -3.631  4.782   -14.479 1.00 38.87  ? 10  LYS A CA  1 
ATOM   77  C  C   . LYS A 1 10 ? -5.133  4.550   -14.682 1.00 26.63  ? 10  LYS A C   1 
ATOM   78  O  O   . LYS A 1 10 ? -5.893  5.518   -14.814 1.00 30.80  ? 10  LYS A O   1 
ATOM   79  C  CB  . LYS A 1 10 ? -2.836  4.309   -15.690 1.00 40.64  ? 10  LYS A CB  1 
ATOM   80  C  CG  . LYS A 1 10 ? -3.371  4.844   -17.011 1.00 37.11  ? 10  LYS A CG  1 
ATOM   81  C  CD  . LYS A 1 10 ? -3.061  6.319   -17.223 1.00 100.00 ? 10  LYS A CD  1 
ATOM   82  C  CE  . LYS A 1 10 ? -3.636  6.904   -18.485 1.00 79.90  ? 10  LYS A CE  1 
ATOM   83  N  NZ  . LYS A 1 10 ? -3.019  8.282   -18.700 1.00 80.41  ? 10  LYS A NZ  1 
ATOM   84  N  N   . LYS A 1 11 ? -5.564  3.276   -14.723 1.00 22.45  ? 11  LYS A N   1 
ATOM   85  C  CA  . LYS A 1 11 ? -6.979  2.952   -14.926 1.00 23.01  ? 11  LYS A CA  1 
ATOM   86  C  C   . LYS A 1 11 ? -7.925  3.743   -14.034 1.00 51.86  ? 11  LYS A C   1 
ATOM   87  O  O   . LYS A 1 11 ? -9.022  4.165   -14.400 1.00 35.94  ? 11  LYS A O   1 
ATOM   88  C  CB  . LYS A 1 11 ? -7.283  1.466   -14.735 1.00 36.93  ? 11  LYS A CB  1 
ATOM   89  C  CG  . LYS A 1 11 ? -6.506  0.580   -15.707 1.00 35.49  ? 11  LYS A CG  1 
ATOM   90  C  CD  . LYS A 1 11 ? -6.749  -0.937  -15.752 1.00 100.00 ? 11  LYS A CD  1 
ATOM   91  C  CE  . LYS A 1 11 ? -8.091  -1.525  -15.308 1.00 100.00 ? 11  LYS A CE  1 
ATOM   92  N  NZ  . LYS A 1 11 ? -8.655  -2.585  -16.174 1.00 61.99  ? 11  LYS A NZ  1 
ATOM   93  N  N   . GLN A 1 12 ? -7.497  3.954   -12.800 1.00 28.17  ? 12  GLN A N   1 
ATOM   94  C  CA  . GLN A 1 12 ? -8.326  4.686   -11.873 1.00 21.71  ? 12  GLN A CA  1 
ATOM   95  C  C   . GLN A 1 12 ? -8.051  6.176   -11.904 1.00 27.45  ? 12  GLN A C   1 
ATOM   96  O  O   . GLN A 1 12 ? -8.637  6.994   -11.187 1.00 39.42  ? 12  GLN A O   1 
ATOM   97  C  CB  . GLN A 1 12 ? -7.897  4.156   -10.501 1.00 40.08  ? 12  GLN A CB  1 
ATOM   98  C  CG  . GLN A 1 12 ? -8.036  2.630   -10.392 1.00 47.40  ? 12  GLN A CG  1 
ATOM   99  C  CD  . GLN A 1 12 ? -9.476  2.180   -10.553 1.00 58.41  ? 12  GLN A CD  1 
ATOM   100 O  OE1 . GLN A 1 12 ? -9.755  1.192   -11.244 1.00 100.00 ? 12  GLN A OE1 1 
ATOM   101 N  NE2 . GLN A 1 12 ? -10.397 2.894   -9.904  1.00 65.53  ? 12  GLN A NE2 1 
ATOM   102 N  N   . ASP A 1 13 ? -7.113  6.501   -12.770 1.00 26.74  ? 13  ASP A N   1 
ATOM   103 C  CA  . ASP A 1 13 ? -6.706  7.869   -12.920 1.00 29.30  ? 13  ASP A CA  1 
ATOM   104 C  C   . ASP A 1 13 ? -6.219  8.369   -11.580 1.00 33.56  ? 13  ASP A C   1 
ATOM   105 O  O   . ASP A 1 13 ? -6.689  9.349   -11.013 1.00 36.99  ? 13  ASP A O   1 
ATOM   106 C  CB  . ASP A 1 13 ? -7.867  8.774   -13.351 1.00 53.73  ? 13  ASP A CB  1 
ATOM   107 C  CG  . ASP A 1 13 ? -7.360  10.036  -13.990 1.00 100.00 ? 13  ASP A CG  1 
ATOM   108 O  OD1 . ASP A 1 13 ? -6.344  9.813   -14.791 1.00 100.00 ? 13  ASP A OD1 1 
ATOM   109 O  OD2 . ASP A 1 13 ? -7.822  11.142  -13.776 1.00 79.09  ? 13  ASP A OD2 1 
ATOM   110 N  N   . ILE A 1 14 ? -5.258  7.685   -11.019 1.00 21.13  ? 14  ILE A N   1 
ATOM   111 C  CA  . ILE A 1 14 ? -4.818  8.194   -9.746  1.00 21.26  ? 14  ILE A CA  1 
ATOM   112 C  C   . ILE A 1 14 ? -3.325  8.357   -9.910  1.00 24.35  ? 14  ILE A C   1 
ATOM   113 O  O   . ILE A 1 14 ? -2.664  7.468   -10.451 1.00 19.42  ? 14  ILE A O   1 
ATOM   114 C  CB  . ILE A 1 14 ? -4.862  7.053   -8.730  1.00 21.95  ? 14  ILE A CB  1 
ATOM   115 C  CG1 . ILE A 1 14 ? -6.265  6.523   -8.542  1.00 34.08  ? 14  ILE A CG1 1 
ATOM   116 C  CG2 . ILE A 1 14 ? -4.233  7.415   -7.391  1.00 21.68  ? 14  ILE A CG2 1 
ATOM   117 C  CD1 . ILE A 1 14 ? -6.194  5.038   -8.201  1.00 76.03  ? 14  ILE A CD1 1 
ATOM   118 N  N   . ASP A 1 15 ? -2.823  9.472   -9.424  1.00 15.12  ? 15  ASP A N   1 
ATOM   119 C  CA  . ASP A 1 15 ? -1.405  9.751   -9.464  1.00 17.27  ? 15  ASP A CA  1 
ATOM   120 C  C   . ASP A 1 15 ? -1.196  10.877  -8.495  1.00 29.95  ? 15  ASP A C   1 
ATOM   121 O  O   . ASP A 1 15 ? -0.873  11.985  -8.875  1.00 34.91  ? 15  ASP A O   1 
ATOM   122 C  CB  . ASP A 1 15 ? -0.782  10.140  -10.806 1.00 33.65  ? 15  ASP A CB  1 
ATOM   123 C  CG  . ASP A 1 15 ? 0.683   10.341  -10.499 1.00 71.45  ? 15  ASP A CG  1 
ATOM   124 O  OD1 . ASP A 1 15 ? 1.174   11.256  -9.872  1.00 100.00 ? 15  ASP A OD1 1 
ATOM   125 O  OD2 . ASP A 1 15 ? 1.460   9.388   -10.898 1.00 36.48  ? 15  ASP A OD2 1 
ATOM   126 N  N   . THR A 1 16 ? -1.389  10.577  -7.230  1.00 16.36  ? 16  THR A N   1 
ATOM   127 C  CA  . THR A 1 16 ? -1.257  11.626  -6.277  1.00 10.40  ? 16  THR A CA  1 
ATOM   128 C  C   . THR A 1 16 ? -0.384  11.233  -5.128  1.00 12.26  ? 16  THR A C   1 
ATOM   129 O  O   . THR A 1 16 ? -0.331  10.063  -4.773  1.00 15.49  ? 16  THR A O   1 
ATOM   130 C  CB  . THR A 1 16 ? -2.679  11.827  -5.725  1.00 22.92  ? 16  THR A CB  1 
ATOM   131 O  OG1 . THR A 1 16 ? -3.428  12.302  -6.828  1.00 41.06  ? 16  THR A OG1 1 
ATOM   132 C  CG2 . THR A 1 16 ? -2.744  12.786  -4.537  1.00 16.86  ? 16  THR A CG2 1 
ATOM   133 N  N   . THR A 1 17 ? 0.228   12.266  -4.591  1.00 12.59  ? 17  THR A N   1 
ATOM   134 C  CA  . THR A 1 17 ? 1.115   12.180  -3.451  1.00 10.37  ? 17  THR A CA  1 
ATOM   135 C  C   . THR A 1 17 ? 0.360   12.694  -2.232  1.00 18.57  ? 17  THR A C   1 
ATOM   136 O  O   . THR A 1 17 ? -0.336  13.695  -2.294  1.00 16.43  ? 17  THR A O   1 
ATOM   137 C  CB  . THR A 1 17 ? 2.458   12.878  -3.667  1.00 13.18  ? 17  THR A CB  1 
ATOM   138 O  OG1 . THR A 1 17 ? 2.959   12.272  -4.829  1.00 13.27  ? 17  THR A OG1 1 
ATOM   139 C  CG2 . THR A 1 17 ? 3.377   12.600  -2.499  1.00 12.49  ? 17  THR A CG2 1 
ATOM   140 N  N   . ILE A 1 18 ? 0.477   11.978  -1.114  1.00 15.43  ? 18  ILE A N   1 
ATOM   141 C  CA  . ILE A 1 18 ? -0.204  12.367  0.103   1.00 9.74   ? 18  ILE A CA  1 
ATOM   142 C  C   . ILE A 1 18 ? 0.851   12.384  1.172   1.00 15.11  ? 18  ILE A C   1 
ATOM   143 O  O   . ILE A 1 18 ? 1.877   11.706  1.064   1.00 14.17  ? 18  ILE A O   1 
ATOM   144 C  CB  . ILE A 1 18 ? -1.353  11.420  0.520   1.00 11.92  ? 18  ILE A CB  1 
ATOM   145 C  CG1 . ILE A 1 18 ? -0.819  9.989   0.738   1.00 14.10  ? 18  ILE A CG1 1 
ATOM   146 C  CG2 . ILE A 1 18 ? -2.447  11.406  -0.543  1.00 15.83  ? 18  ILE A CG2 1 
ATOM   147 C  CD1 . ILE A 1 18 ? -1.788  8.891   1.175   1.00 16.02  ? 18  ILE A CD1 1 
ATOM   148 N  N   . GLU A 1 19 ? 0.592   13.172  2.220   1.00 10.84  ? 19  GLU A N   1 
ATOM   149 C  CA  . GLU A 1 19 ? 1.534   13.260  3.319   1.00 8.47   ? 19  GLU A CA  1 
ATOM   150 C  C   . GLU A 1 19 ? 0.904   12.576  4.521   1.00 14.17  ? 19  GLU A C   1 
ATOM   151 O  O   . GLU A 1 19 ? -0.155  13.006  4.973   1.00 13.18  ? 19  GLU A O   1 
ATOM   152 C  CB  . GLU A 1 19 ? 1.888   14.704  3.698   1.00 12.37  ? 19  GLU A CB  1 
ATOM   153 C  CG  . GLU A 1 19 ? 2.921   14.670  4.826   1.00 16.02  ? 19  GLU A CG  1 
ATOM   154 C  CD  . GLU A 1 19 ? 3.475   16.059  4.881   1.00 39.43  ? 19  GLU A CD  1 
ATOM   155 O  OE1 . GLU A 1 19 ? 4.362   16.450  4.146   1.00 51.54  ? 19  GLU A OE1 1 
ATOM   156 O  OE2 . GLU A 1 19 ? 2.823   16.806  5.731   1.00 33.48  ? 19  GLU A OE2 1 
ATOM   157 N  N   . ILE A 1 20 ? 1.552   11.533  5.008   1.00 11.02  ? 20  ILE A N   1 
ATOM   158 C  CA  . ILE A 1 20 ? 1.000   10.794  6.134   1.00 19.66  ? 20  ILE A CA  1 
ATOM   159 C  C   . ILE A 1 20 ? 2.009   10.503  7.207   1.00 21.73  ? 20  ILE A C   1 
ATOM   160 O  O   . ILE A 1 20 ? 3.195   10.395  6.941   1.00 16.07  ? 20  ILE A O   1 
ATOM   161 C  CB  . ILE A 1 20 ? 0.393   9.437   5.732   1.00 13.34  ? 20  ILE A CB  1 
ATOM   162 C  CG1 . ILE A 1 20 ? 1.406   8.398   5.282   1.00 12.88  ? 20  ILE A CG1 1 
ATOM   163 C  CG2 . ILE A 1 20 ? -0.732  9.628   4.716   1.00 13.81  ? 20  ILE A CG2 1 
ATOM   164 C  CD1 . ILE A 1 20 ? 0.628   7.158   4.852   1.00 17.16  ? 20  ILE A CD1 1 
ATOM   165 N  N   . ASP A 1 21 ? 1.460   10.373  8.413   1.00 16.49  ? 21  ASP A N   1 
ATOM   166 C  CA  . ASP A 1 21 ? 2.272   10.073  9.557   1.00 13.08  ? 21  ASP A CA  1 
ATOM   167 C  C   . ASP A 1 21 ? 2.775   8.634   9.455   1.00 11.65  ? 21  ASP A C   1 
ATOM   168 O  O   . ASP A 1 21 ? 2.155   7.741   8.856   1.00 13.86  ? 21  ASP A O   1 
ATOM   169 C  CB  . ASP A 1 21 ? 1.429   10.134  10.850  1.00 12.79  ? 21  ASP A CB  1 
ATOM   170 C  CG  . ASP A 1 21 ? 2.356   10.160  12.032  1.00 20.10  ? 21  ASP A CG  1 
ATOM   171 O  OD1 . ASP A 1 21 ? 2.820   11.198  12.441  1.00 23.66  ? 21  ASP A OD1 1 
ATOM   172 O  OD2 . ASP A 1 21 ? 2.614   9.001   12.588  1.00 20.01  ? 21  ASP A OD2 1 
ATOM   173 N  N   . GLU A 1 22 ? 3.930   8.361   10.051  1.00 14.70  ? 22  GLU A N   1 
ATOM   174 C  CA  . GLU A 1 22 ? 4.434   7.010   9.986   1.00 16.10  ? 22  GLU A CA  1 
ATOM   175 C  C   . GLU A 1 22 ? 3.652   5.966   10.776  1.00 24.63  ? 22  GLU A C   1 
ATOM   176 O  O   . GLU A 1 22 ? 3.833   4.764   10.596  1.00 16.90  ? 22  GLU A O   1 
ATOM   177 C  CB  . GLU A 1 22 ? 5.927   6.906   10.254  1.00 20.02  ? 22  GLU A CB  1 
ATOM   178 C  CG  . GLU A 1 22 ? 6.180   7.001   11.748  1.00 19.66  ? 22  GLU A CG  1 
ATOM   179 C  CD  . GLU A 1 22 ? 7.652   6.764   11.899  1.00 33.96  ? 22  GLU A CD  1 
ATOM   180 O  OE1 . GLU A 1 22 ? 8.257   5.775   11.497  1.00 63.04  ? 22  GLU A OE1 1 
ATOM   181 O  OE2 . GLU A 1 22 ? 8.165   7.820   12.461  1.00 28.60  ? 22  GLU A OE2 1 
ATOM   182 N  N   . GLU A 1 23 ? 2.749   6.403   11.646  1.00 14.10  ? 23  GLU A N   1 
ATOM   183 C  CA  . GLU A 1 23 ? 1.964   5.442   12.387  1.00 14.05  ? 23  GLU A CA  1 
ATOM   184 C  C   . GLU A 1 23 ? 0.618   5.218   11.718  1.00 16.61  ? 23  GLU A C   1 
ATOM   185 O  O   . GLU A 1 23 ? -0.261  4.550   12.239  1.00 17.38  ? 23  GLU A O   1 
ATOM   186 C  CB  . GLU A 1 23 ? 1.815   5.979   13.813  1.00 18.86  ? 23  GLU A CB  1 
ATOM   187 C  CG  . GLU A 1 23 ? 3.167   5.928   14.564  1.00 21.22  ? 23  GLU A CG  1 
ATOM   188 C  CD  . GLU A 1 23 ? 3.025   6.361   16.001  1.00 100.00 ? 23  GLU A CD  1 
ATOM   189 O  OE1 . GLU A 1 23 ? 1.826   6.786   16.322  1.00 95.42  ? 23  GLU A OE1 1 
ATOM   190 O  OE2 . GLU A 1 23 ? 3.927   6.312   16.815  1.00 100.00 ? 23  GLU A OE2 1 
ATOM   191 N  N   . THR A 1 24 ? 0.434   5.757   10.518  1.00 11.51  ? 24  THR A N   1 
ATOM   192 C  CA  . THR A 1 24 ? -0.795  5.595   9.761   1.00 12.18  ? 24  THR A CA  1 
ATOM   193 C  C   . THR A 1 24 ? -0.577  4.605   8.614   1.00 12.35  ? 24  THR A C   1 
ATOM   194 O  O   . THR A 1 24 ? 0.428   4.702   7.898   1.00 12.69  ? 24  THR A O   1 
ATOM   195 C  CB  . THR A 1 24 ? -1.277  6.947   9.185   1.00 11.26  ? 24  THR A CB  1 
ATOM   196 O  OG1 . THR A 1 24 ? -1.461  7.923   10.214  1.00 14.40  ? 24  THR A OG1 1 
ATOM   197 C  CG2 . THR A 1 24 ? -2.493  6.850   8.264   1.00 9.12   ? 24  THR A CG2 1 
ATOM   198 N  N   . THR A 1 25 ? -1.475  3.631   8.417   1.00 9.55   ? 25  THR A N   1 
ATOM   199 C  CA  . THR A 1 25 ? -1.291  2.684   7.315   1.00 9.28   ? 25  THR A CA  1 
ATOM   200 C  C   . THR A 1 25 ? -1.513  3.391   5.975   1.00 9.45   ? 25  THR A C   1 
ATOM   201 O  O   . THR A 1 25 ? -2.213  4.429   5.874   1.00 10.44  ? 25  THR A O   1 
ATOM   202 C  CB  . THR A 1 25 ? -2.259  1.466   7.324   1.00 10.66  ? 25  THR A CB  1 
ATOM   203 O  OG1 . THR A 1 25 ? -3.578  1.908   7.058   1.00 12.12  ? 25  THR A OG1 1 
ATOM   204 C  CG2 . THR A 1 25 ? -2.193  0.684   8.627   1.00 10.35  ? 25  THR A CG2 1 
ATOM   205 N  N   . ILE A 1 26 ? -0.936  2.787   4.920   1.00 9.86   ? 26  ILE A N   1 
ATOM   206 C  CA  . ILE A 1 26 ? -1.143  3.392   3.618   1.00 11.95  ? 26  ILE A CA  1 
ATOM   207 C  C   . ILE A 1 26 ? -2.606  3.473   3.240   1.00 10.67  ? 26  ILE A C   1 
ATOM   208 O  O   . ILE A 1 26 ? -3.112  4.453   2.721   1.00 12.14  ? 26  ILE A O   1 
ATOM   209 C  CB  . ILE A 1 26 ? -0.386  2.611   2.578   1.00 10.67  ? 26  ILE A CB  1 
ATOM   210 C  CG1 . ILE A 1 26 ? 1.075   2.558   3.006   1.00 16.97  ? 26  ILE A CG1 1 
ATOM   211 C  CG2 . ILE A 1 26 ? -0.600  3.282   1.222   1.00 13.31  ? 26  ILE A CG2 1 
ATOM   212 C  CD1 . ILE A 1 26 ? 1.782   3.887   2.991   1.00 18.57  ? 26  ILE A CD1 1 
ATOM   213 N  N   . LEU A 1 27 ? -3.367  2.432   3.500   1.00 8.69   ? 27  LEU A N   1 
ATOM   214 C  CA  . LEU A 1 27 ? -4.761  2.484   3.149   1.00 8.11   ? 27  LEU A CA  1 
ATOM   215 C  C   . LEU A 1 27 ? -5.528  3.538   3.940   1.00 10.06  ? 27  LEU A C   1 
ATOM   216 O  O   . LEU A 1 27 ? -6.350  4.287   3.392   1.00 8.84   ? 27  LEU A O   1 
ATOM   217 C  CB  . LEU A 1 27 ? -5.304  1.065   3.449   1.00 9.60   ? 27  LEU A CB  1 
ATOM   218 C  CG  . LEU A 1 27 ? -6.806  0.994   3.270   1.00 13.99  ? 27  LEU A CG  1 
ATOM   219 C  CD1 . LEU A 1 27 ? -6.996  0.842   1.766   1.00 27.47  ? 27  LEU A CD1 1 
ATOM   220 C  CD2 . LEU A 1 27 ? -7.354  -0.253  3.979   1.00 16.35  ? 27  LEU A CD2 1 
ATOM   221 N  N   . ASP A 1 28 ? -5.302  3.606   5.254   1.00 10.76  ? 28  ASP A N   1 
ATOM   222 C  CA  . ASP A 1 28 ? -6.043  4.590   6.068   1.00 16.33  ? 28  ASP A CA  1 
ATOM   223 C  C   . ASP A 1 28 ? -5.735  6.008   5.643   1.00 18.68  ? 28  ASP A C   1 
ATOM   224 O  O   . ASP A 1 28 ? -6.619  6.858   5.597   1.00 12.91  ? 28  ASP A O   1 
ATOM   225 C  CB  . ASP A 1 28 ? -5.873  4.454   7.600   1.00 16.01  ? 28  ASP A CB  1 
ATOM   226 C  CG  . ASP A 1 28 ? -6.406  3.124   8.032   1.00 17.92  ? 28  ASP A CG  1 
ATOM   227 O  OD1 . ASP A 1 28 ? -7.312  2.555   7.464   1.00 25.62  ? 28  ASP A OD1 1 
ATOM   228 O  OD2 . ASP A 1 28 ? -5.749  2.604   9.026   1.00 29.56  ? 28  ASP A OD2 1 
ATOM   229 N  N   . GLY A 1 29 ? -4.458  6.241   5.347   1.00 9.13   ? 29  GLY A N   1 
ATOM   230 C  CA  . GLY A 1 29 ? -3.963  7.534   4.904   1.00 9.52   ? 29  GLY A CA  1 
ATOM   231 C  C   . GLY A 1 29 ? -4.627  7.868   3.582   1.00 9.84   ? 29  GLY A C   1 
ATOM   232 O  O   . GLY A 1 29 ? -5.128  8.965   3.360   1.00 12.03  ? 29  GLY A O   1 
ATOM   233 N  N   . ALA A 1 30 ? -4.674  6.930   2.666   1.00 8.39   ? 30  ALA A N   1 
ATOM   234 C  CA  . ALA A 1 30 ? -5.330  7.289   1.422   1.00 11.21  ? 30  ALA A CA  1 
ATOM   235 C  C   . ALA A 1 30 ? -6.810  7.622   1.620   1.00 23.89  ? 30  ALA A C   1 
ATOM   236 O  O   . ALA A 1 30 ? -7.392  8.562   1.048   1.00 13.18  ? 30  ALA A O   1 
ATOM   237 C  CB  . ALA A 1 30 ? -5.145  6.098   0.505   1.00 10.36  ? 30  ALA A CB  1 
ATOM   238 N  N   . GLU A 1 31 ? -7.448  6.817   2.485   1.00 9.03   ? 31  GLU A N   1 
ATOM   239 C  CA  . GLU A 1 31 ? -8.861  7.041   2.746   1.00 9.74   ? 31  GLU A CA  1 
ATOM   240 C  C   . GLU A 1 31 ? -9.106  8.409   3.338   1.00 7.91   ? 31  GLU A C   1 
ATOM   241 O  O   . GLU A 1 31 ? -10.080 9.042   2.941   1.00 13.70  ? 31  GLU A O   1 
ATOM   242 C  CB  . GLU A 1 31 ? -9.497  5.962   3.667   1.00 25.11  ? 31  GLU A CB  1 
ATOM   243 C  CG  . GLU A 1 31 ? -9.853  4.614   3.012   1.00 100.00 ? 31  GLU A CG  1 
ATOM   244 C  CD  . GLU A 1 31 ? -10.920 4.668   1.958   1.00 100.00 ? 31  GLU A CD  1 
ATOM   245 O  OE1 . GLU A 1 31 ? -11.768 5.542   1.911   1.00 100.00 ? 31  GLU A OE1 1 
ATOM   246 O  OE2 . GLU A 1 31 ? -10.836 3.654   1.123   1.00 100.00 ? 31  GLU A OE2 1 
ATOM   247 N  N   . GLU A 1 32 ? -8.268  8.849   4.248   1.00 9.62   ? 32  GLU A N   1 
ATOM   248 C  CA  . GLU A 1 32 ? -8.498  10.150  4.834   1.00 10.60  ? 32  GLU A CA  1 
ATOM   249 C  C   . GLU A 1 32 ? -8.204  11.276  3.858   1.00 17.90  ? 32  GLU A C   1 
ATOM   250 O  O   . GLU A 1 32 ? -8.488  12.410  4.168   1.00 18.87  ? 32  GLU A O   1 
ATOM   251 C  CB  . GLU A 1 32 ? -7.526  10.287  6.004   1.00 13.64  ? 32  GLU A CB  1 
ATOM   252 C  CG  . GLU A 1 32 ? -7.941  9.265   7.075   1.00 19.96  ? 32  GLU A CG  1 
ATOM   253 C  CD  . GLU A 1 32 ? -7.264  9.488   8.400   1.00 51.45  ? 32  GLU A CD  1 
ATOM   254 O  OE1 . GLU A 1 32 ? -5.967  9.539   8.287   1.00 25.18  ? 32  GLU A OE1 1 
ATOM   255 O  OE2 . GLU A 1 32 ? -7.848  9.622   9.464   1.00 48.81  ? 32  GLU A OE2 1 
ATOM   256 N  N   . ASN A 1 33 ? -7.620  10.962  2.714   1.00 14.94  ? 33  ASN A N   1 
ATOM   257 C  CA  . ASN A 1 33 ? -7.276  11.938  1.696   1.00 11.77  ? 33  ASN A CA  1 
ATOM   258 C  C   . ASN A 1 33 ? -8.217  11.854  0.514   1.00 16.07  ? 33  ASN A C   1 
ATOM   259 O  O   . ASN A 1 33 ? -7.996  12.394  -0.577  1.00 21.54  ? 33  ASN A O   1 
ATOM   260 C  CB  . ASN A 1 33 ? -5.840  11.719  1.213   1.00 7.43   ? 33  ASN A CB  1 
ATOM   261 C  CG  . ASN A 1 33 ? -4.896  12.504  2.087   1.00 13.93  ? 33  ASN A CG  1 
ATOM   262 O  OD1 . ASN A 1 33 ? -4.633  13.692  1.861   1.00 20.48  ? 33  ASN A OD1 1 
ATOM   263 N  ND2 . ASN A 1 33 ? -4.343  11.861  3.104   1.00 13.45  ? 33  ASN A ND2 1 
ATOM   264 N  N   . GLY A 1 34 ? -9.304  11.131  0.707   1.00 14.87  ? 34  GLY A N   1 
ATOM   265 C  CA  . GLY A 1 34 ? -10.270 11.017  -0.370  1.00 9.38   ? 34  GLY A CA  1 
ATOM   266 C  C   . GLY A 1 34 ? -9.954  10.004  -1.438  1.00 21.12  ? 34  GLY A C   1 
ATOM   267 O  O   . GLY A 1 34 ? -10.625 9.960   -2.467  1.00 20.16  ? 34  GLY A O   1 
ATOM   268 N  N   . ILE A 1 35 ? -8.940  9.179   -1.207  1.00 13.85  ? 35  ILE A N   1 
ATOM   269 C  CA  . ILE A 1 35 ? -8.625  8.193   -2.205  1.00 11.75  ? 35  ILE A CA  1 
ATOM   270 C  C   . ILE A 1 35 ? -9.165  6.823   -1.805  1.00 18.62  ? 35  ILE A C   1 
ATOM   271 O  O   . ILE A 1 35 ? -8.683  6.185   -0.881  1.00 16.30  ? 35  ILE A O   1 
ATOM   272 C  CB  . ILE A 1 35 ? -7.110  8.207   -2.333  1.00 26.08  ? 35  ILE A CB  1 
ATOM   273 C  CG1 . ILE A 1 35 ? -6.610  9.596   -2.694  1.00 35.65  ? 35  ILE A CG1 1 
ATOM   274 C  CG2 . ILE A 1 35 ? -6.641  7.123   -3.288  1.00 16.31  ? 35  ILE A CG2 1 
ATOM   275 C  CD1 . ILE A 1 35 ? -5.100  9.764   -2.579  1.00 28.95  ? 35  ILE A CD1 1 
ATOM   276 N  N   . GLU A 1 36 ? -10.172 6.357   -2.495  1.00 15.73  ? 36  GLU A N   1 
ATOM   277 C  CA  . GLU A 1 36 ? -10.760 5.072   -2.203  1.00 26.06  ? 36  GLU A CA  1 
ATOM   278 C  C   . GLU A 1 36 ? -10.007 3.920   -2.857  1.00 24.84  ? 36  GLU A C   1 
ATOM   279 O  O   . GLU A 1 36 ? -10.066 3.729   -4.063  1.00 35.97  ? 36  GLU A O   1 
ATOM   280 C  CB  . GLU A 1 36 ? -12.255 5.061   -2.601  1.00 35.68  ? 36  GLU A CB  1 
ATOM   281 C  CG  . GLU A 1 36 ? -13.015 3.761   -2.252  1.00 100.00 ? 36  GLU A CG  1 
ATOM   282 C  CD  . GLU A 1 36 ? -14.095 3.256   -3.192  1.00 100.00 ? 36  GLU A CD  1 
ATOM   283 O  OE1 . GLU A 1 36 ? -14.352 3.728   -4.293  1.00 100.00 ? 36  GLU A OE1 1 
ATOM   284 O  OE2 . GLU A 1 36 ? -14.746 2.220   -2.703  1.00 100.00 ? 36  GLU A OE2 1 
ATOM   285 N  N   . LEU A 1 37 ? -9.282  3.165   -2.025  1.00 16.26  ? 37  LEU A N   1 
ATOM   286 C  CA  . LEU A 1 37 ? -8.509  2.018   -2.448  1.00 11.31  ? 37  LEU A CA  1 
ATOM   287 C  C   . LEU A 1 37 ? -9.304  0.790   -1.988  1.00 24.10  ? 37  LEU A C   1 
ATOM   288 O  O   . LEU A 1 37 ? -10.038 0.846   -0.991  1.00 18.08  ? 37  LEU A O   1 
ATOM   289 C  CB  . LEU A 1 37 ? -7.139  1.947   -1.741  1.00 11.37  ? 37  LEU A CB  1 
ATOM   290 C  CG  . LEU A 1 37 ? -6.220  3.112   -2.059  1.00 16.44  ? 37  LEU A CG  1 
ATOM   291 C  CD1 . LEU A 1 37 ? -4.864  2.893   -1.389  1.00 20.36  ? 37  LEU A CD1 1 
ATOM   292 C  CD2 . LEU A 1 37 ? -6.121  3.063   -3.563  1.00 16.02  ? 37  LEU A CD2 1 
ATOM   293 N  N   . PRO A 1 38 ? -9.158  -0.319  -2.714  1.00 28.68  ? 38  PRO A N   1 
ATOM   294 C  CA  . PRO A 1 38 ? -9.893  -1.532  -2.350  1.00 17.10  ? 38  PRO A CA  1 
ATOM   295 C  C   . PRO A 1 38 ? -9.390  -2.178  -1.074  1.00 22.68  ? 38  PRO A C   1 
ATOM   296 O  O   . PRO A 1 38 ? -8.218  -2.064  -0.704  1.00 17.47  ? 38  PRO A O   1 
ATOM   297 C  CB  . PRO A 1 38 ? -9.609  -2.538  -3.489  1.00 16.65  ? 38  PRO A CB  1 
ATOM   298 C  CG  . PRO A 1 38 ? -8.260  -2.090  -4.052  1.00 31.57  ? 38  PRO A CG  1 
ATOM   299 C  CD  . PRO A 1 38 ? -8.185  -0.576  -3.832  1.00 23.33  ? 38  PRO A CD  1 
ATOM   300 N  N   . PHE A 1 39 ? -10.265 -2.891  -0.390  1.00 18.97  ? 39  PHE A N   1 
ATOM   301 C  CA  . PHE A 1 39 ? -9.932  -3.610  0.835   1.00 15.79  ? 39  PHE A CA  1 
ATOM   302 C  C   . PHE A 1 39 ? -11.138 -4.455  1.205   1.00 22.87  ? 39  PHE A C   1 
ATOM   303 O  O   . PHE A 1 39 ? -12.250 -4.178  0.753   1.00 20.12  ? 39  PHE A O   1 
ATOM   304 C  CB  . PHE A 1 39 ? -9.519  -2.767  2.039   1.00 12.01  ? 39  PHE A CB  1 
ATOM   305 C  CG  . PHE A 1 39 ? -10.632 -2.038  2.754   1.00 24.67  ? 39  PHE A CG  1 
ATOM   306 C  CD1 . PHE A 1 39 ? -11.052 -0.780  2.326   1.00 35.40  ? 39  PHE A CD1 1 
ATOM   307 C  CD2 . PHE A 1 39 ? -11.260 -2.562  3.886   1.00 24.92  ? 39  PHE A CD2 1 
ATOM   308 C  CE1 . PHE A 1 39 ? -12.080 -0.079  2.980   1.00 64.27  ? 39  PHE A CE1 1 
ATOM   309 C  CE2 . PHE A 1 39 ? -12.272 -1.874  4.556   1.00 38.45  ? 39  PHE A CE2 1 
ATOM   310 C  CZ  . PHE A 1 39 ? -12.688 -0.616  4.115   1.00 27.69  ? 39  PHE A CZ  1 
ATOM   311 N  N   . SER A 1 40 ? -10.888 -5.451  2.032   1.00 19.04  ? 40  SER A N   1 
ATOM   312 C  CA  . SER A 1 40 ? -11.934 -6.362  2.485   1.00 16.47  ? 40  SER A CA  1 
ATOM   313 C  C   . SER A 1 40 ? -11.816 -6.626  3.978   1.00 13.15  ? 40  SER A C   1 
ATOM   314 O  O   . SER A 1 40 ? -12.546 -6.080  4.812   1.00 17.58  ? 40  SER A O   1 
ATOM   315 C  CB  . SER A 1 40 ? -11.768 -7.675  1.739   1.00 23.37  ? 40  SER A CB  1 
ATOM   316 O  OG  . SER A 1 40 ? -13.034 -8.275  1.824   1.00 33.57  ? 40  SER A OG  1 
ATOM   317 N  N   . CYS A 1 41 ? -10.844 -7.476  4.241   1.00 12.45  ? 41  CYS A N   1 
ATOM   318 C  CA  . CYS A 1 41 ? -10.531 -7.900  5.593   1.00 13.07  ? 41  CYS A CA  1 
ATOM   319 C  C   . CYS A 1 41 ? -9.919  -6.855  6.513   1.00 16.95  ? 41  CYS A C   1 
ATOM   320 O  O   . CYS A 1 41 ? -10.183 -6.866  7.736   1.00 15.58  ? 41  CYS A O   1 
ATOM   321 C  CB  . CYS A 1 41 ? -9.720  -9.209  5.586   1.00 13.17  ? 41  CYS A CB  1 
ATOM   322 S  SG  . CYS A 1 41 ? -7.932  -8.929  5.437   1.00 12.01  ? 41  CYS A SG  1 
ATOM   323 N  N   . HIS A 1 42 ? -9.092  -5.953  5.958   1.00 12.49  ? 42  HIS A N   1 
ATOM   324 C  CA  . HIS A 1 42 ? -8.463  -4.938  6.795   1.00 15.97  ? 42  HIS A CA  1 
ATOM   325 C  C   . HIS A 1 42 ? -7.654  -5.588  7.920   1.00 14.35  ? 42  HIS A C   1 
ATOM   326 O  O   . HIS A 1 42 ? -7.369  -4.993  8.958   1.00 18.18  ? 42  HIS A O   1 
ATOM   327 C  CB  . HIS A 1 42 ? -9.520  -3.986  7.406   1.00 18.89  ? 42  HIS A CB  1 
ATOM   328 C  CG  . HIS A 1 42 ? -8.966  -2.612  7.565   1.00 31.16  ? 42  HIS A CG  1 
ATOM   329 N  ND1 . HIS A 1 42 ? -7.772  -2.437  8.263   1.00 38.38  ? 42  HIS A ND1 1 
ATOM   330 C  CD2 . HIS A 1 42 ? -9.416  -1.401  7.125   1.00 30.17  ? 42  HIS A CD2 1 
ATOM   331 C  CE1 . HIS A 1 42 ? -7.506  -1.135  8.247   1.00 37.96  ? 42  HIS A CE1 1 
ATOM   332 N  NE2 . HIS A 1 42 ? -8.474  -0.497  7.579   1.00 36.54  ? 42  HIS A NE2 1 
ATOM   333 N  N   . SER A 1 43 ? -7.254  -6.841  7.733   1.00 12.26  ? 43  SER A N   1 
ATOM   334 C  CA  . SER A 1 43 ? -6.506  -7.540  8.767   1.00 12.63  ? 43  SER A CA  1 
ATOM   335 C  C   . SER A 1 43 ? -5.305  -8.298  8.264   1.00 15.49  ? 43  SER A C   1 
ATOM   336 O  O   . SER A 1 43 ? -4.724  -9.040  9.053   1.00 14.44  ? 43  SER A O   1 
ATOM   337 C  CB  . SER A 1 43 ? -7.379  -8.663  9.311   1.00 23.46  ? 43  SER A CB  1 
ATOM   338 O  OG  . SER A 1 43 ? -8.539  -8.124  9.908   1.00 20.08  ? 43  SER A OG  1 
ATOM   339 N  N   . GLY A 1 44 ? -4.939  -8.119  7.000   1.00 13.30  ? 44  GLY A N   1 
ATOM   340 C  CA  . GLY A 1 44 ? -3.771  -8.797  6.496   1.00 11.71  ? 44  GLY A CA  1 
ATOM   341 C  C   . GLY A 1 44 ? -3.884  -10.221 5.991   1.00 9.46   ? 44  GLY A C   1 
ATOM   342 O  O   . GLY A 1 44 ? -2.844  -10.825 5.693   1.00 16.55  ? 44  GLY A O   1 
ATOM   343 N  N   . SER A 1 45 ? -5.104  -10.740 5.883   1.00 12.56  ? 45  SER A N   1 
ATOM   344 C  CA  . SER A 1 45 ? -5.218  -12.135 5.445   1.00 12.46  ? 45  SER A CA  1 
ATOM   345 C  C   . SER A 1 45 ? -5.831  -12.291 4.077   1.00 15.16  ? 45  SER A C   1 
ATOM   346 O  O   . SER A 1 45 ? -6.261  -13.393 3.785   1.00 13.45  ? 45  SER A O   1 
ATOM   347 C  CB  . SER A 1 45 ? -6.107  -12.930 6.415   1.00 15.50  ? 45  SER A CB  1 
ATOM   348 O  OG  . SER A 1 45 ? -7.305  -12.192 6.625   1.00 17.45  ? 45  SER A OG  1 
ATOM   349 N  N   . CYS A 1 46 ? -5.871  -11.239 3.254   1.00 10.99  ? 46  CYS A N   1 
ATOM   350 C  CA  . CYS A 1 46 ? -6.475  -11.384 1.924   1.00 15.92  ? 46  CYS A CA  1 
ATOM   351 C  C   . CYS A 1 46 ? -5.662  -10.617 0.894   1.00 12.15  ? 46  CYS A C   1 
ATOM   352 O  O   . CYS A 1 46 ? -4.694  -9.940  1.242   1.00 12.33  ? 46  CYS A O   1 
ATOM   353 C  CB  . CYS A 1 46 ? -7.965  -11.009 1.827   1.00 9.01   ? 46  CYS A CB  1 
ATOM   354 S  SG  . CYS A 1 46 ? -8.306  -9.242  1.774   1.00 12.28  ? 46  CYS A SG  1 
ATOM   355 N  N   . SER A 1 47 ? -6.057  -10.750 -0.365  1.00 14.50  ? 47  SER A N   1 
ATOM   356 C  CA  . SER A 1 47 ? -5.304  -10.051 -1.401  1.00 13.91  ? 47  SER A CA  1 
ATOM   357 C  C   . SER A 1 47 ? -5.927  -8.733  -1.832  1.00 13.62  ? 47  SER A C   1 
ATOM   358 O  O   . SER A 1 47 ? -5.391  -7.983  -2.678  1.00 14.59  ? 47  SER A O   1 
ATOM   359 C  CB  . SER A 1 47 ? -5.365  -10.961 -2.637  1.00 10.47  ? 47  SER A CB  1 
ATOM   360 O  OG  . SER A 1 47 ? -6.694  -11.094 -3.133  1.00 13.62  ? 47  SER A OG  1 
ATOM   361 N  N   . SER A 1 48 ? -7.093  -8.420  -1.281  1.00 11.44  ? 48  SER A N   1 
ATOM   362 C  CA  . SER A 1 48 ? -7.806  -7.233  -1.671  1.00 11.53  ? 48  SER A CA  1 
ATOM   363 C  C   . SER A 1 48 ? -7.130  -5.871  -1.792  1.00 17.40  ? 48  SER A C   1 
ATOM   364 O  O   . SER A 1 48 ? -7.290  -5.119  -2.765  1.00 13.75  ? 48  SER A O   1 
ATOM   365 C  CB  . SER A 1 48 ? -9.143  -7.170  -0.958  1.00 14.63  ? 48  SER A CB  1 
ATOM   366 O  OG  . SER A 1 48 ? -9.898  -6.080  -1.465  1.00 24.44  ? 48  SER A OG  1 
ATOM   367 N  N   . CYS A 1 49 ? -6.365  -5.547  -0.764  1.00 10.86  ? 49  CYS A N   1 
ATOM   368 C  CA  . CYS A 1 49 ? -5.733  -4.241  -0.761  1.00 10.91  ? 49  CYS A CA  1 
ATOM   369 C  C   . CYS A 1 49 ? -4.310  -4.182  -1.266  1.00 13.97  ? 49  CYS A C   1 
ATOM   370 O  O   . CYS A 1 49 ? -3.674  -3.160  -1.051  1.00 12.54  ? 49  CYS A O   1 
ATOM   371 C  CB  . CYS A 1 49 ? -5.698  -3.896  0.739   1.00 9.44   ? 49  CYS A CB  1 
ATOM   372 S  SG  . CYS A 1 49 ? -4.518  -4.980  1.607   1.00 11.57  ? 49  CYS A SG  1 
ATOM   373 N  N   . VAL A 1 50 ? -3.843  -5.244  -1.903  1.00 11.83  ? 50  VAL A N   1 
ATOM   374 C  CA  . VAL A 1 50 ? -2.474  -5.294  -2.376  1.00 8.82   ? 50  VAL A CA  1 
ATOM   375 C  C   . VAL A 1 50 ? -2.047  -4.189  -3.323  1.00 10.88  ? 50  VAL A C   1 
ATOM   376 O  O   . VAL A 1 50 ? -2.789  -3.730  -4.187  1.00 14.30  ? 50  VAL A O   1 
ATOM   377 C  CB  . VAL A 1 50 ? -2.075  -6.687  -2.834  1.00 15.85  ? 50  VAL A CB  1 
ATOM   378 C  CG1 . VAL A 1 50 ? -2.691  -6.902  -4.212  1.00 16.48  ? 50  VAL A CG1 1 
ATOM   379 C  CG2 . VAL A 1 50 ? -0.567  -6.931  -2.798  1.00 17.58  ? 50  VAL A CG2 1 
ATOM   380 N  N   . GLY A 1 51 ? -0.810  -3.783  -3.080  1.00 11.50  ? 51  GLY A N   1 
ATOM   381 C  CA  . GLY A 1 51 ? -0.212  -2.731  -3.885  1.00 9.63   ? 51  GLY A CA  1 
ATOM   382 C  C   . GLY A 1 51 ? 1.200   -3.215  -4.175  1.00 15.06  ? 51  GLY A C   1 
ATOM   383 O  O   . GLY A 1 51 ? 1.608   -4.284  -3.727  1.00 16.22  ? 51  GLY A O   1 
ATOM   384 N  N   . LYS A 1 52 ? 1.970   -2.412  -4.930  1.00 12.10  ? 52  LYS A N   1 
ATOM   385 C  CA  . LYS A 1 52 ? 3.329   -2.801  -5.230  1.00 14.26  ? 52  LYS A CA  1 
ATOM   386 C  C   . LYS A 1 52 ? 4.193   -1.608  -4.941  1.00 10.70  ? 52  LYS A C   1 
ATOM   387 O  O   . LYS A 1 52 ? 3.936   -0.546  -5.504  1.00 13.63  ? 52  LYS A O   1 
ATOM   388 C  CB  . LYS A 1 52 ? 3.469   -3.207  -6.692  1.00 18.84  ? 52  LYS A CB  1 
ATOM   389 C  CG  . LYS A 1 52 ? 4.810   -3.883  -6.981  1.00 24.20  ? 52  LYS A CG  1 
ATOM   390 C  CD  . LYS A 1 52 ? 4.685   -4.934  -8.083  1.00 100.00 ? 52  LYS A CD  1 
ATOM   391 C  CE  . LYS A 1 52 ? 5.995   -5.577  -8.517  1.00 100.00 ? 52  LYS A CE  1 
ATOM   392 N  NZ  . LYS A 1 52 ? 7.083   -4.605  -8.733  1.00 55.43  ? 52  LYS A NZ  1 
ATOM   393 N  N   . VAL A 1 53 ? 5.170   -1.804  -4.075  1.00 9.46   ? 53  VAL A N   1 
ATOM   394 C  CA  . VAL A 1 53 ? 6.075   -0.744  -3.709  1.00 10.48  ? 53  VAL A CA  1 
ATOM   395 C  C   . VAL A 1 53 ? 7.095   -0.562  -4.851  1.00 14.66  ? 53  VAL A C   1 
ATOM   396 O  O   . VAL A 1 53 ? 7.922   -1.426  -5.109  1.00 19.25  ? 53  VAL A O   1 
ATOM   397 C  CB  . VAL A 1 53 ? 6.787   -1.095  -2.393  1.00 14.59  ? 53  VAL A CB  1 
ATOM   398 C  CG1 . VAL A 1 53 ? 7.801   0.000   -2.057  1.00 18.90  ? 53  VAL A CG1 1 
ATOM   399 C  CG2 . VAL A 1 53 ? 5.778   -1.202  -1.246  1.00 13.38  ? 53  VAL A CG2 1 
ATOM   400 N  N   . VAL A 1 54 ? 7.019   0.560   -5.546  1.00 7.98   ? 54  VAL A N   1 
ATOM   401 C  CA  . VAL A 1 54 ? 7.899   0.923   -6.657  1.00 15.15  ? 54  VAL A CA  1 
ATOM   402 C  C   . VAL A 1 54 ? 9.248   1.483   -6.193  1.00 25.43  ? 54  VAL A C   1 
ATOM   403 O  O   . VAL A 1 54 ? 10.290  1.210   -6.807  1.00 16.22  ? 54  VAL A O   1 
ATOM   404 C  CB  . VAL A 1 54 ? 7.133   1.976   -7.437  1.00 18.39  ? 54  VAL A CB  1 
ATOM   405 C  CG1 . VAL A 1 54 ? 8.110   2.600   -8.425  1.00 25.05  ? 54  VAL A CG1 1 
ATOM   406 C  CG2 . VAL A 1 54 ? 6.073   1.177   -8.186  1.00 21.04  ? 54  VAL A CG2 1 
ATOM   407 N  N   . GLU A 1 55 ? 9.220   2.272   -5.105  1.00 10.21  ? 55  GLU A N   1 
ATOM   408 C  CA  . GLU A 1 55 ? 10.386  2.860   -4.509  1.00 7.30   ? 55  GLU A CA  1 
ATOM   409 C  C   . GLU A 1 55 ? 10.065  3.187   -3.070  1.00 12.89  ? 55  GLU A C   1 
ATOM   410 O  O   . GLU A 1 55 ? 8.933   3.547   -2.778  1.00 13.92  ? 55  GLU A O   1 
ATOM   411 C  CB  . GLU A 1 55 ? 10.740  4.133   -5.311  1.00 14.98  ? 55  GLU A CB  1 
ATOM   412 C  CG  . GLU A 1 55 ? 11.874  4.926   -4.666  1.00 22.85  ? 55  GLU A CG  1 
ATOM   413 C  CD  . GLU A 1 55 ? 12.282  6.002   -5.621  1.00 51.61  ? 55  GLU A CD  1 
ATOM   414 O  OE1 . GLU A 1 55 ? 11.522  5.964   -6.680  1.00 60.84  ? 55  GLU A OE1 1 
ATOM   415 O  OE2 . GLU A 1 55 ? 13.197  6.786   -5.457  1.00 41.96  ? 55  GLU A OE2 1 
ATOM   416 N  N   . GLY A 1 56 ? 11.068  3.059   -2.202  1.00 10.29  ? 56  GLY A N   1 
ATOM   417 C  CA  . GLY A 1 56 ? 10.913  3.352   -0.788  1.00 14.46  ? 56  GLY A CA  1 
ATOM   418 C  C   . GLY A 1 56 ? 10.792  2.096   0.066   1.00 15.35  ? 56  GLY A C   1 
ATOM   419 O  O   . GLY A 1 56 ? 10.681  0.971   -0.428  1.00 16.20  ? 56  GLY A O   1 
ATOM   420 N  N   . GLU A 1 57 ? 10.831  2.310   1.383   1.00 12.42  ? 57  GLU A N   1 
ATOM   421 C  CA  . GLU A 1 57 ? 10.731  1.221   2.357   1.00 10.52  ? 57  GLU A CA  1 
ATOM   422 C  C   . GLU A 1 57 ? 9.460   1.355   3.194   1.00 7.36   ? 57  GLU A C   1 
ATOM   423 O  O   . GLU A 1 57 ? 9.018   2.467   3.535   1.00 13.44  ? 57  GLU A O   1 
ATOM   424 C  CB  . GLU A 1 57 ? 11.897  1.338   3.349   1.00 14.21  ? 57  GLU A CB  1 
ATOM   425 C  CG  . GLU A 1 57 ? 13.224  1.077   2.603   1.00 22.18  ? 57  GLU A CG  1 
ATOM   426 C  CD  . GLU A 1 57 ? 13.283  -0.403  2.337   1.00 34.10  ? 57  GLU A CD  1 
ATOM   427 O  OE1 . GLU A 1 57 ? 12.888  -1.221  3.153   1.00 26.81  ? 57  GLU A OE1 1 
ATOM   428 O  OE2 . GLU A 1 57 ? 13.761  -0.776  1.173   1.00 21.54  ? 57  GLU A OE2 1 
ATOM   429 N  N   . VAL A 1 58 ? 8.925   0.160   3.497   1.00 11.20  ? 58  VAL A N   1 
ATOM   430 C  CA  . VAL A 1 58 ? 7.708   0.074   4.279   1.00 10.90  ? 58  VAL A CA  1 
ATOM   431 C  C   . VAL A 1 58 ? 7.793   -0.986  5.358   1.00 15.58  ? 58  VAL A C   1 
ATOM   432 O  O   . VAL A 1 58 ? 8.744   -1.762  5.378   1.00 14.03  ? 58  VAL A O   1 
ATOM   433 C  CB  . VAL A 1 58 ? 6.497   -0.200  3.375   1.00 13.26  ? 58  VAL A CB  1 
ATOM   434 C  CG1 . VAL A 1 58 ? 6.269   0.924   2.367   1.00 11.88  ? 58  VAL A CG1 1 
ATOM   435 C  CG2 . VAL A 1 58 ? 6.563   -1.579  2.721   1.00 12.28  ? 58  VAL A CG2 1 
ATOM   436 N  N   . ASP A 1 59 ? 6.793   -1.020  6.246   1.00 11.62  ? 59  ASP A N   1 
ATOM   437 C  CA  . ASP A 1 59 ? 6.766   -2.029  7.294   1.00 10.55  ? 59  ASP A CA  1 
ATOM   438 C  C   . ASP A 1 59 ? 5.417   -2.719  7.164   1.00 12.31  ? 59  ASP A C   1 
ATOM   439 O  O   . ASP A 1 59 ? 4.378   -2.087  7.270   1.00 14.32  ? 59  ASP A O   1 
ATOM   440 C  CB  . ASP A 1 59 ? 6.861   -1.371  8.680   1.00 15.28  ? 59  ASP A CB  1 
ATOM   441 C  CG  . ASP A 1 59 ? 6.369   -2.354  9.717   1.00 28.54  ? 59  ASP A CG  1 
ATOM   442 O  OD1 . ASP A 1 59 ? 6.798   -3.477  9.780   1.00 30.66  ? 59  ASP A OD1 1 
ATOM   443 O  OD2 . ASP A 1 59 ? 5.405   -1.922  10.486  1.00 91.10  ? 59  ASP A OD2 1 
ATOM   444 N  N   . GLN A 1 60 ? 5.440   -4.025  6.928   1.00 8.60   ? 60  GLN A N   1 
ATOM   445 C  CA  . GLN A 1 60 ? 4.191   -4.728  6.812   1.00 12.46  ? 60  GLN A CA  1 
ATOM   446 C  C   . GLN A 1 60 ? 4.311   -6.009  7.619   1.00 9.66   ? 60  GLN A C   1 
ATOM   447 O  O   . GLN A 1 60 ? 3.770   -7.043  7.273   1.00 13.04  ? 60  GLN A O   1 
ATOM   448 C  CB  . GLN A 1 60 ? 3.825   -5.067  5.360   1.00 11.18  ? 60  GLN A CB  1 
ATOM   449 C  CG  . GLN A 1 60 ? 4.867   -5.882  4.589   1.00 14.85  ? 60  GLN A CG  1 
ATOM   450 C  CD  . GLN A 1 60 ? 4.301   -6.184  3.210   1.00 20.08  ? 60  GLN A CD  1 
ATOM   451 O  OE1 . GLN A 1 60 ? 3.084   -6.332  3.005   1.00 22.76  ? 60  GLN A OE1 1 
ATOM   452 N  NE2 . GLN A 1 60 ? 5.151   -6.284  2.208   1.00 15.03  ? 60  GLN A NE2 1 
ATOM   453 N  N   . SER A 1 61 ? 5.055   -5.898  8.700   1.00 13.02  ? 61  SER A N   1 
ATOM   454 C  CA  . SER A 1 61 ? 5.249   -7.081  9.526   1.00 20.14  ? 61  SER A CA  1 
ATOM   455 C  C   . SER A 1 61 ? 3.963   -7.717  10.076  1.00 19.90  ? 61  SER A C   1 
ATOM   456 O  O   . SER A 1 61 ? 3.950   -8.889  10.393  1.00 16.74  ? 61  SER A O   1 
ATOM   457 C  CB  . SER A 1 61 ? 6.377   -6.858  10.512  1.00 23.39  ? 61  SER A CB  1 
ATOM   458 O  OG  . SER A 1 61 ? 5.898   -5.821  11.328  1.00 24.91  ? 61  SER A OG  1 
ATOM   459 N  N   . ASP A 1 62 ? 2.844   -7.008  10.197  1.00 13.48  ? 62  ASP A N   1 
ATOM   460 C  CA  . ASP A 1 62 ? 1.603   -7.577  10.701  1.00 20.81  ? 62  ASP A CA  1 
ATOM   461 C  C   . ASP A 1 62 ? 0.857   -8.307  9.598   1.00 35.07  ? 62  ASP A C   1 
ATOM   462 O  O   . ASP A 1 62 ? -0.242  -8.775  9.881   1.00 18.57  ? 62  ASP A O   1 
ATOM   463 C  CB  . ASP A 1 62 ? 0.613   -6.516  11.250  1.00 17.72  ? 62  ASP A CB  1 
ATOM   464 C  CG  . ASP A 1 62 ? 1.120   -5.907  12.529  1.00 23.55  ? 62  ASP A CG  1 
ATOM   465 O  OD1 . ASP A 1 62 ? 2.074   -6.374  13.129  1.00 18.87  ? 62  ASP A OD1 1 
ATOM   466 O  OD2 . ASP A 1 62 ? 0.464   -4.833  12.888  1.00 47.06  ? 62  ASP A OD2 1 
ATOM   467 N  N   . GLN A 1 63 ? 1.422   -8.377  8.381   1.00 13.88  ? 63  GLN A N   1 
ATOM   468 C  CA  . GLN A 1 63 ? 0.702   -9.070  7.330   1.00 11.45  ? 63  GLN A CA  1 
ATOM   469 C  C   . GLN A 1 63 ? 0.746   -10.581 7.459   1.00 12.63  ? 63  GLN A C   1 
ATOM   470 O  O   . GLN A 1 63 ? 1.569   -11.129 8.188   1.00 20.81  ? 63  GLN A O   1 
ATOM   471 C  CB  . GLN A 1 63 ? 1.296   -8.689  5.955   1.00 15.91  ? 63  GLN A CB  1 
ATOM   472 C  CG  . GLN A 1 63 ? 2.594   -9.427  5.614   1.00 13.69  ? 63  GLN A CG  1 
ATOM   473 C  CD  . GLN A 1 63 ? 2.273   -10.588 4.706   1.00 16.57  ? 63  GLN A CD  1 
ATOM   474 O  OE1 . GLN A 1 63 ? 1.343   -10.539 3.874   1.00 17.26  ? 63  GLN A OE1 1 
ATOM   475 N  NE2 . GLN A 1 63 ? 3.038   -11.644 4.907   1.00 12.68  ? 63  GLN A NE2 1 
ATOM   476 N  N   . ILE A 1 64 ? -0.115  -11.281 6.738   1.00 12.83  ? 64  ILE A N   1 
ATOM   477 C  CA  . ILE A 1 64 ? -0.028  -12.710 6.843   1.00 15.26  ? 64  ILE A CA  1 
ATOM   478 C  C   . ILE A 1 64 ? -0.097  -13.409 5.502   1.00 13.94  ? 64  ILE A C   1 
ATOM   479 O  O   . ILE A 1 64 ? 0.479   -14.442 5.242   1.00 19.46  ? 64  ILE A O   1 
ATOM   480 C  CB  . ILE A 1 64 ? -1.304  -13.076 7.569   1.00 36.50  ? 64  ILE A CB  1 
ATOM   481 C  CG1 . ILE A 1 64 ? -1.278  -12.643 9.020   1.00 25.44  ? 64  ILE A CG1 1 
ATOM   482 C  CG2 . ILE A 1 64 ? -1.831  -14.490 7.383   1.00 31.10  ? 64  ILE A CG2 1 
ATOM   483 C  CD1 . ILE A 1 64 ? -2.716  -12.400 9.425   1.00 100.00 ? 64  ILE A CD1 1 
ATOM   484 N  N   . PHE A 1 65 ? -0.869  -12.845 4.610   1.00 14.02  ? 65  PHE A N   1 
ATOM   485 C  CA  . PHE A 1 65 ? -1.129  -13.423 3.314   1.00 12.00  ? 65  PHE A CA  1 
ATOM   486 C  C   . PHE A 1 65 ? 0.019   -13.679 2.361   1.00 18.35  ? 65  PHE A C   1 
ATOM   487 O  O   . PHE A 1 65 ? 0.165   -14.761 1.807   1.00 14.91  ? 65  PHE A O   1 
ATOM   488 C  CB  . PHE A 1 65 ? -2.296  -12.671 2.665   1.00 11.76  ? 65  PHE A CB  1 
ATOM   489 C  CG  . PHE A 1 65 ? -2.699  -13.299 1.357   1.00 21.88  ? 65  PHE A CG  1 
ATOM   490 C  CD1 . PHE A 1 65 ? -3.561  -14.393 1.310   1.00 20.11  ? 65  PHE A CD1 1 
ATOM   491 C  CD2 . PHE A 1 65 ? -2.239  -12.799 0.137   1.00 21.33  ? 65  PHE A CD2 1 
ATOM   492 C  CE1 . PHE A 1 65 ? -3.921  -14.962 0.086   1.00 24.17  ? 65  PHE A CE1 1 
ATOM   493 C  CE2 . PHE A 1 65 ? -2.586  -13.349 -1.101  1.00 24.93  ? 65  PHE A CE2 1 
ATOM   494 C  CZ  . PHE A 1 65 ? -3.438  -14.455 -1.125  1.00 19.36  ? 65  PHE A CZ  1 
ATOM   495 N  N   . LEU A 1 66 ? 0.813   -12.634 2.169   1.00 16.75  ? 66  LEU A N   1 
ATOM   496 C  CA  . LEU A 1 66 ? 1.925   -12.741 1.237   1.00 17.91  ? 66  LEU A CA  1 
ATOM   497 C  C   . LEU A 1 66 ? 3.088   -13.579 1.706   1.00 17.41  ? 66  LEU A C   1 
ATOM   498 O  O   . LEU A 1 66 ? 3.409   -13.708 2.875   1.00 16.34  ? 66  LEU A O   1 
ATOM   499 C  CB  . LEU A 1 66 ? 2.511   -11.350 0.928   1.00 12.65  ? 66  LEU A CB  1 
ATOM   500 C  CG  . LEU A 1 66 ? 1.501   -10.314 0.410   1.00 16.00  ? 66  LEU A CG  1 
ATOM   501 C  CD1 . LEU A 1 66 ? 2.242   -8.990  0.155   1.00 14.66  ? 66  LEU A CD1 1 
ATOM   502 C  CD2 . LEU A 1 66 ? 0.870   -10.673 -0.928  1.00 11.61  ? 66  LEU A CD2 1 
ATOM   503 N  N   . ASP A 1 67 ? 3.727   -14.145 0.710   1.00 17.41  ? 67  ASP A N   1 
ATOM   504 C  CA  . ASP A 1 67 ? 4.889   -14.935 1.024   1.00 27.31  ? 67  ASP A CA  1 
ATOM   505 C  C   . ASP A 1 67 ? 6.131   -14.073 0.737   1.00 21.89  ? 67  ASP A C   1 
ATOM   506 O  O   . ASP A 1 67 ? 6.033   -12.973 0.166   1.00 16.54  ? 67  ASP A O   1 
ATOM   507 C  CB  . ASP A 1 67 ? 4.896   -16.292 0.283   1.00 21.26  ? 67  ASP A CB  1 
ATOM   508 C  CG  . ASP A 1 67 ? 5.050   -16.172 -1.206  1.00 28.29  ? 67  ASP A CG  1 
ATOM   509 O  OD1 . ASP A 1 67 ? 5.574   -15.204 -1.737  1.00 19.24  ? 67  ASP A OD1 1 
ATOM   510 O  OD2 . ASP A 1 67 ? 4.564   -17.193 -1.875  1.00 27.48  ? 67  ASP A OD2 1 
ATOM   511 N  N   . ASP A 1 68 ? 7.291   -14.595 1.142   1.00 18.03  ? 68  ASP A N   1 
ATOM   512 C  CA  . ASP A 1 68 ? 8.597   -13.949 0.976   1.00 22.36  ? 68  ASP A CA  1 
ATOM   513 C  C   . ASP A 1 68 ? 8.894   -13.549 -0.440  1.00 19.26  ? 68  ASP A C   1 
ATOM   514 O  O   . ASP A 1 68 ? 9.371   -12.445 -0.656  1.00 23.37  ? 68  ASP A O   1 
ATOM   515 C  CB  . ASP A 1 68 ? 9.864   -14.600 1.544   1.00 31.34  ? 68  ASP A CB  1 
ATOM   516 C  CG  . ASP A 1 68 ? 9.642   -14.967 2.976   1.00 57.32  ? 68  ASP A CG  1 
ATOM   517 O  OD1 . ASP A 1 68 ? 8.757   -14.198 3.574   1.00 59.28  ? 68  ASP A OD1 1 
ATOM   518 O  OD2 . ASP A 1 68 ? 10.223  -15.902 3.492   1.00 100.00 ? 68  ASP A OD2 1 
ATOM   519 N  N   . GLU A 1 69 ? 8.622   -14.452 -1.348  1.00 15.85  ? 69  GLU A N   1 
ATOM   520 C  CA  . GLU A 1 69 ? 8.876   -14.104 -2.718  1.00 20.47  ? 69  GLU A CA  1 
ATOM   521 C  C   . GLU A 1 69 ? 8.027   -12.906 -3.183  1.00 22.50  ? 69  GLU A C   1 
ATOM   522 O  O   . GLU A 1 69 ? 8.551   -11.996 -3.843  1.00 17.43  ? 69  GLU A O   1 
ATOM   523 C  CB  . GLU A 1 69 ? 8.577   -15.264 -3.679  1.00 31.97  ? 69  GLU A CB  1 
ATOM   524 C  CG  . GLU A 1 69 ? 7.983   -14.682 -4.982  1.00 68.08  ? 69  GLU A CG  1 
ATOM   525 C  CD  . GLU A 1 69 ? 8.484   -15.373 -6.221  1.00 100.00 ? 69  GLU A CD  1 
ATOM   526 O  OE1 . GLU A 1 69 ? 9.070   -16.509 -5.942  1.00 100.00 ? 69  GLU A OE1 1 
ATOM   527 O  OE2 . GLU A 1 69 ? 8.373   -14.947 -7.359  1.00 100.00 ? 69  GLU A OE2 1 
ATOM   528 N  N   . GLN A 1 70 ? 6.729   -12.902 -2.845  1.00 17.16  ? 70  GLN A N   1 
ATOM   529 C  CA  . GLN A 1 70 ? 5.860   -11.817 -3.249  1.00 16.40  ? 70  GLN A CA  1 
ATOM   530 C  C   . GLN A 1 70 ? 6.332   -10.479 -2.688  1.00 20.29  ? 70  GLN A C   1 
ATOM   531 O  O   . GLN A 1 70 ? 6.373   -9.433  -3.344  1.00 13.01  ? 70  GLN A O   1 
ATOM   532 C  CB  . GLN A 1 70 ? 4.440   -12.121 -2.785  1.00 9.71   ? 70  GLN A CB  1 
ATOM   533 C  CG  . GLN A 1 70 ? 3.874   -13.216 -3.678  1.00 18.60  ? 70  GLN A CG  1 
ATOM   534 C  CD  . GLN A 1 70 ? 2.604   -13.810 -3.087  1.00 27.95  ? 70  GLN A CD  1 
ATOM   535 O  OE1 . GLN A 1 70 ? 2.484   -13.880 -1.852  1.00 22.04  ? 70  GLN A OE1 1 
ATOM   536 N  NE2 . GLN A 1 70 ? 1.663   -14.252 -3.929  1.00 22.34  ? 70  GLN A NE2 1 
ATOM   537 N  N   . MET A 1 71 ? 6.679   -10.578 -1.413  1.00 9.97   ? 71  MET A N   1 
ATOM   538 C  CA  . MET A 1 71 ? 7.139   -9.416  -0.717  1.00 11.71  ? 71  MET A CA  1 
ATOM   539 C  C   . MET A 1 71 ? 8.434   -8.875  -1.308  1.00 22.83  ? 71  MET A C   1 
ATOM   540 O  O   . MET A 1 71 ? 8.694   -7.668  -1.398  1.00 17.33  ? 71  MET A O   1 
ATOM   541 C  CB  . MET A 1 71 ? 7.246   -9.718  0.789   1.00 13.90  ? 71  MET A CB  1 
ATOM   542 C  CG  . MET A 1 71 ? 5.846   -9.827  1.379   1.00 15.49  ? 71  MET A CG  1 
ATOM   543 S  SD  . MET A 1 71 ? 5.847   -9.815  3.197   1.00 23.93  ? 71  MET A SD  1 
ATOM   544 C  CE  . MET A 1 71 ? 6.500   -11.486 3.489   1.00 19.25  ? 71  MET A CE  1 
ATOM   545 N  N   . GLY A 1 72 ? 9.249   -9.824  -1.726  1.00 17.61  ? 72  GLY A N   1 
ATOM   546 C  CA  . GLY A 1 72 ? 10.535  -9.489  -2.328  1.00 15.94  ? 72  GLY A CA  1 
ATOM   547 C  C   . GLY A 1 72 ? 10.331  -8.707  -3.605  1.00 20.79  ? 72  GLY A C   1 
ATOM   548 O  O   . GLY A 1 72 ? 11.135  -7.831  -3.920  1.00 25.61  ? 72  GLY A O   1 
ATOM   549 N  N   . LYS A 1 73 ? 9.282   -9.005  -4.344  1.00 14.14  ? 73  LYS A N   1 
ATOM   550 C  CA  . LYS A 1 73 ? 9.059   -8.262  -5.561  1.00 22.53  ? 73  LYS A CA  1 
ATOM   551 C  C   . LYS A 1 73 ? 8.411   -6.921  -5.270  1.00 20.36  ? 73  LYS A C   1 
ATOM   552 O  O   . LYS A 1 73 ? 8.116   -6.213  -6.221  1.00 21.34  ? 73  LYS A O   1 
ATOM   553 C  CB  . LYS A 1 73 ? 8.120   -9.015  -6.484  1.00 29.07  ? 73  LYS A CB  1 
ATOM   554 C  CG  . LYS A 1 73 ? 8.673   -10.327 -7.016  1.00 30.58  ? 73  LYS A CG  1 
ATOM   555 C  CD  . LYS A 1 73 ? 7.762   -10.862 -8.115  1.00 100.00 ? 73  LYS A CD  1 
ATOM   556 C  CE  . LYS A 1 73 ? 7.623   -12.378 -8.166  1.00 100.00 ? 73  LYS A CE  1 
ATOM   557 N  NZ  . LYS A 1 73 ? 8.473   -13.051 -9.165  1.00 100.00 ? 73  LYS A NZ  1 
ATOM   558 N  N   . GLY A 1 74 ? 8.150   -6.578  -4.015  1.00 15.83  ? 74  GLY A N   1 
ATOM   559 C  CA  . GLY A 1 74 ? 7.541   -5.312  -3.671  1.00 12.37  ? 74  GLY A CA  1 
ATOM   560 C  C   . GLY A 1 74 ? 6.052   -5.311  -3.385  1.00 16.46  ? 74  GLY A C   1 
ATOM   561 O  O   . GLY A 1 74 ? 5.424   -4.287  -3.120  1.00 15.25  ? 74  GLY A O   1 
ATOM   562 N  N   . PHE A 1 75 ? 5.413   -6.460  -3.436  1.00 13.07  ? 75  PHE A N   1 
ATOM   563 C  CA  . PHE A 1 75 ? 3.986   -6.425  -3.143  1.00 14.73  ? 75  PHE A CA  1 
ATOM   564 C  C   . PHE A 1 75 ? 3.801   -6.162  -1.655  1.00 10.65  ? 75  PHE A C   1 
ATOM   565 O  O   . PHE A 1 75 ? 4.623   -6.615  -0.840  1.00 14.38  ? 75  PHE A O   1 
ATOM   566 C  CB  . PHE A 1 75 ? 3.306   -7.745  -3.469  1.00 11.09  ? 75  PHE A CB  1 
ATOM   567 C  CG  . PHE A 1 75 ? 3.188   -7.902  -4.952  1.00 12.21  ? 75  PHE A CG  1 
ATOM   568 C  CD1 . PHE A 1 75 ? 2.224   -7.159  -5.633  1.00 19.50  ? 75  PHE A CD1 1 
ATOM   569 C  CD2 . PHE A 1 75 ? 4.043   -8.789  -5.602  1.00 13.08  ? 75  PHE A CD2 1 
ATOM   570 C  CE1 . PHE A 1 75 ? 2.068   -7.288  -7.013  1.00 33.28  ? 75  PHE A CE1 1 
ATOM   571 C  CE2 . PHE A 1 75 ? 3.889   -8.923  -6.980  1.00 16.89  ? 75  PHE A CE2 1 
ATOM   572 C  CZ  . PHE A 1 75 ? 2.919   -8.184  -7.660  1.00 21.02  ? 75  PHE A CZ  1 
ATOM   573 N  N   . ALA A 1 76 ? 2.747   -5.419  -1.285  1.00 13.30  ? 76  ALA A N   1 
ATOM   574 C  CA  . ALA A 1 76 ? 2.464   -5.081  0.117   1.00 10.12  ? 76  ALA A CA  1 
ATOM   575 C  C   . ALA A 1 76 ? 0.954   -4.972  0.332   1.00 13.08  ? 76  ALA A C   1 
ATOM   576 O  O   . ALA A 1 76 ? 0.200   -4.486  -0.521  1.00 12.58  ? 76  ALA A O   1 
ATOM   577 C  CB  . ALA A 1 76 ? 3.111   -3.755  0.463   1.00 9.86   ? 76  ALA A CB  1 
ATOM   578 N  N   . LEU A 1 77 ? 0.472   -5.474  1.484   1.00 10.08  ? 77  LEU A N   1 
ATOM   579 C  CA  . LEU A 1 77 ? -0.953  -5.442  1.824   1.00 8.04   ? 77  LEU A CA  1 
ATOM   580 C  C   . LEU A 1 77 ? -1.111  -4.097  2.515   1.00 9.16   ? 77  LEU A C   1 
ATOM   581 O  O   . LEU A 1 77 ? -0.727  -3.907  3.661   1.00 12.19  ? 77  LEU A O   1 
ATOM   582 C  CB  . LEU A 1 77 ? -1.313  -6.641  2.755   1.00 12.42  ? 77  LEU A CB  1 
ATOM   583 C  CG  . LEU A 1 77 ? -1.151  -8.002  2.068   1.00 12.88  ? 77  LEU A CG  1 
ATOM   584 C  CD1 . LEU A 1 77 ? -1.613  -9.096  3.042   1.00 11.50  ? 77  LEU A CD1 1 
ATOM   585 C  CD2 . LEU A 1 77 ? -1.943  -8.011  0.767   1.00 10.28  ? 77  LEU A CD2 1 
ATOM   586 N  N   . LEU A 1 78 ? -1.657  -3.165  1.739   1.00 8.06   ? 78  LEU A N   1 
ATOM   587 C  CA  . LEU A 1 78 ? -1.805  -1.810  2.211   1.00 11.81  ? 78  LEU A CA  1 
ATOM   588 C  C   . LEU A 1 78 ? -2.545  -1.534  3.511   1.00 13.95  ? 78  LEU A C   1 
ATOM   589 O  O   . LEU A 1 78 ? -2.252  -0.498  4.122   1.00 11.82  ? 78  LEU A O   1 
ATOM   590 C  CB  . LEU A 1 78 ? -2.240  -0.871  1.064   1.00 9.62   ? 78  LEU A CB  1 
ATOM   591 C  CG  . LEU A 1 78 ? -1.391  -0.958  -0.216  1.00 8.51   ? 78  LEU A CG  1 
ATOM   592 C  CD1 . LEU A 1 78 ? -1.947  0.154   -1.097  1.00 14.81  ? 78  LEU A CD1 1 
ATOM   593 C  CD2 . LEU A 1 78 ? 0.082   -0.768  0.064   1.00 10.84  ? 78  LEU A CD2 1 
ATOM   594 N  N   . CYS A 1 79 ? -3.439  -2.442  3.887   1.00 11.63  ? 79  CYS A N   1 
ATOM   595 C  CA  . CYS A 1 79 ? -4.203  -2.249  5.117   1.00 10.82  ? 79  CYS A CA  1 
ATOM   596 C  C   . CYS A 1 79 ? -3.341  -2.435  6.333   1.00 12.62  ? 79  CYS A C   1 
ATOM   597 O  O   . CYS A 1 79 ? -3.753  -2.065  7.426   1.00 11.86  ? 79  CYS A O   1 
ATOM   598 C  CB  . CYS A 1 79 ? -5.458  -3.127  5.175   1.00 11.32  ? 79  CYS A CB  1 
ATOM   599 S  SG  . CYS A 1 79 ? -4.999  -4.890  5.321   1.00 12.81  ? 79  CYS A SG  1 
ATOM   600 N  N   . VAL A 1 80 ? -2.162  -3.005  6.159   1.00 8.40   ? 80  VAL A N   1 
ATOM   601 C  CA  . VAL A 1 80 ? -1.230  -3.221  7.275   1.00 10.07  ? 80  VAL A CA  1 
ATOM   602 C  C   . VAL A 1 80 ? 0.169   -2.732  6.959   1.00 19.11  ? 80  VAL A C   1 
ATOM   603 O  O   . VAL A 1 80 ? 1.121   -3.201  7.592   1.00 15.47  ? 80  VAL A O   1 
ATOM   604 C  CB  . VAL A 1 80 ? -1.103  -4.660  7.788   1.00 15.04  ? 80  VAL A CB  1 
ATOM   605 C  CG1 . VAL A 1 80 ? -2.442  -5.024  8.433   1.00 16.00  ? 80  VAL A CG1 1 
ATOM   606 C  CG2 . VAL A 1 80 ? -0.759  -5.601  6.629   1.00 16.38  ? 80  VAL A CG2 1 
ATOM   607 N  N   . THR A 1 81 ? 0.285   -1.794  6.002   1.00 8.79   ? 81  THR A N   1 
ATOM   608 C  CA  . THR A 1 81 ? 1.621   -1.306  5.654   1.00 7.47   ? 81  THR A CA  1 
ATOM   609 C  C   . THR A 1 81 ? 1.784   0.132   6.081   1.00 7.91   ? 81  THR A C   1 
ATOM   610 O  O   . THR A 1 81 ? 0.902   0.954   5.858   1.00 9.50   ? 81  THR A O   1 
ATOM   611 C  CB  . THR A 1 81 ? 1.718   -1.316  4.108   1.00 13.15  ? 81  THR A CB  1 
ATOM   612 O  OG1 . THR A 1 81 ? 1.600   -2.662  3.656   1.00 15.37  ? 81  THR A OG1 1 
ATOM   613 C  CG2 . THR A 1 81 ? 3.043   -0.716  3.641   1.00 9.30   ? 81  THR A CG2 1 
ATOM   614 N  N   . TYR A 1 82 ? 2.925   0.383   6.722   1.00 9.49   ? 82  TYR A N   1 
ATOM   615 C  CA  . TYR A 1 82 ? 3.270   1.703   7.206   1.00 8.23   ? 82  TYR A CA  1 
ATOM   616 C  C   . TYR A 1 82 ? 4.560   2.140   6.470   1.00 11.70  ? 82  TYR A C   1 
ATOM   617 O  O   . TYR A 1 82 ? 5.485   1.368   6.232   1.00 10.75  ? 82  TYR A O   1 
ATOM   618 C  CB  . TYR A 1 82 ? 3.524   1.674   8.707   1.00 9.35   ? 82  TYR A CB  1 
ATOM   619 C  CG  . TYR A 1 82 ? 2.382   1.123   9.519   1.00 12.30  ? 82  TYR A CG  1 
ATOM   620 C  CD1 . TYR A 1 82 ? 2.245   -0.258  9.698   1.00 14.15  ? 82  TYR A CD1 1 
ATOM   621 C  CD2 . TYR A 1 82 ? 1.480   2.026   10.082  1.00 12.67  ? 82  TYR A CD2 1 
ATOM   622 C  CE1 . TYR A 1 82 ? 1.203   -0.807  10.442  1.00 14.72  ? 82  TYR A CE1 1 
ATOM   623 C  CE2 . TYR A 1 82 ? 0.436   1.503   10.847  1.00 17.68  ? 82  TYR A CE2 1 
ATOM   624 C  CZ  . TYR A 1 82 ? 0.318   0.117   11.006  1.00 18.88  ? 82  TYR A CZ  1 
ATOM   625 O  OH  . TYR A 1 82 ? -0.740  -0.347  11.755  1.00 28.68  ? 82  TYR A OH  1 
ATOM   626 N  N   . PRO A 1 83 ? 4.614   3.420   6.088   1.00 13.05  ? 83  PRO A N   1 
ATOM   627 C  CA  . PRO A 1 83 ? 5.774   3.936   5.367   1.00 14.20  ? 83  PRO A CA  1 
ATOM   628 C  C   . PRO A 1 83 ? 6.960   4.108   6.284   1.00 12.24  ? 83  PRO A C   1 
ATOM   629 O  O   . PRO A 1 83 ? 6.787   4.539   7.430   1.00 17.65  ? 83  PRO A O   1 
ATOM   630 C  CB  . PRO A 1 83 ? 5.349   5.339   4.907   1.00 8.45   ? 83  PRO A CB  1 
ATOM   631 C  CG  . PRO A 1 83 ? 4.281   5.794   5.889   1.00 12.28  ? 83  PRO A CG  1 
ATOM   632 C  CD  . PRO A 1 83 ? 3.664   4.513   6.424   1.00 12.27  ? 83  PRO A CD  1 
ATOM   633 N  N   . ARG A 1 84 ? 8.156   3.802   5.780   1.00 10.00  ? 84  ARG A N   1 
ATOM   634 C  CA  . ARG A 1 84 ? 9.365   3.955   6.568   1.00 12.33  ? 84  ARG A CA  1 
ATOM   635 C  C   . ARG A 1 84 ? 10.212  5.004   5.845   1.00 13.08  ? 84  ARG A C   1 
ATOM   636 O  O   . ARG A 1 84 ? 11.280  5.366   6.300   1.00 17.00  ? 84  ARG A O   1 
ATOM   637 C  CB  . ARG A 1 84 ? 10.070  2.620   6.744   1.00 14.59  ? 84  ARG A CB  1 
ATOM   638 C  CG  . ARG A 1 84 ? 9.271   1.691   7.651   1.00 18.72  ? 84  ARG A CG  1 
ATOM   639 C  CD  . ARG A 1 84 ? 8.949   2.475   8.921   1.00 42.84  ? 84  ARG A CD  1 
ATOM   640 N  NE  . ARG A 1 84 ? 8.296   1.735   9.999   1.00 42.03  ? 84  ARG A NE  1 
ATOM   641 C  CZ  . ARG A 1 84 ? 7.150   2.165   10.510  1.00 28.55  ? 84  ARG A CZ  1 
ATOM   642 N  NH1 . ARG A 1 84 ? 6.591   3.272   10.040  1.00 19.56  ? 84  ARG A NH1 1 
ATOM   643 N  NH2 . ARG A 1 84 ? 6.561   1.471   11.484  1.00 33.44  ? 84  ARG A NH2 1 
ATOM   644 N  N   . SER A 1 85 ? 9.725   5.534   4.727   1.00 11.55  ? 85  SER A N   1 
ATOM   645 C  CA  . SER A 1 85 ? 10.445  6.550   3.999   1.00 9.65   ? 85  SER A CA  1 
ATOM   646 C  C   . SER A 1 85 ? 9.445   7.088   3.010   1.00 11.32  ? 85  SER A C   1 
ATOM   647 O  O   . SER A 1 85 ? 8.326   6.594   2.913   1.00 13.83  ? 85  SER A O   1 
ATOM   648 C  CB  . SER A 1 85 ? 11.629  5.980   3.187   1.00 15.77  ? 85  SER A CB  1 
ATOM   649 O  OG  . SER A 1 85 ? 11.178  5.238   2.054   1.00 15.93  ? 85  SER A OG  1 
ATOM   650 N  N   . ASN A 1 86 ? 9.850   8.100   2.247   1.00 10.51  ? 86  ASN A N   1 
ATOM   651 C  CA  . ASN A 1 86 ? 8.891   8.547   1.254   1.00 10.45  ? 86  ASN A CA  1 
ATOM   652 C  C   . ASN A 1 86 ? 8.817   7.358   0.291   1.00 13.00  ? 86  ASN A C   1 
ATOM   653 O  O   . ASN A 1 86 ? 9.789   6.621   0.091   1.00 15.65  ? 86  ASN A O   1 
ATOM   654 C  CB  . ASN A 1 86 ? 9.474   9.716   0.432   1.00 15.82  ? 86  ASN A CB  1 
ATOM   655 C  CG  . ASN A 1 86 ? 9.551   11.011  1.226   1.00 27.31  ? 86  ASN A CG  1 
ATOM   656 O  OD1 . ASN A 1 86 ? 8.775   11.247  2.162   1.00 15.02  ? 86  ASN A OD1 1 
ATOM   657 N  ND2 . ASN A 1 86 ? 10.450  11.918  0.851   1.00 25.37  ? 86  ASN A ND2 1 
ATOM   658 N  N   . CYS A 1 87 ? 7.690   7.105   -0.325  1.00 9.28   ? 87  CYS A N   1 
ATOM   659 C  CA  . CYS A 1 87 ? 7.630   5.983   -1.231  1.00 9.41   ? 87  CYS A CA  1 
ATOM   660 C  C   . CYS A 1 87 ? 6.602   6.207   -2.335  1.00 14.02  ? 87  CYS A C   1 
ATOM   661 O  O   . CYS A 1 87 ? 5.745   7.103   -2.298  1.00 15.02  ? 87  CYS A O   1 
ATOM   662 C  CB  . CYS A 1 87 ? 7.383   4.679   -0.434  1.00 24.86  ? 87  CYS A CB  1 
ATOM   663 S  SG  . CYS A 1 87 ? 5.966   4.865   0.669   1.00 26.66  ? 87  CYS A SG  1 
ATOM   664 N  N   . THR A 1 88 ? 6.698   5.339   -3.335  1.00 11.43  ? 88  THR A N   1 
ATOM   665 C  CA  . THR A 1 88 ? 5.828   5.315   -4.497  1.00 10.70  ? 88  THR A CA  1 
ATOM   666 C  C   . THR A 1 88 ? 5.295   3.902   -4.555  1.00 9.52   ? 88  THR A C   1 
ATOM   667 O  O   . THR A 1 88 ? 6.065   2.937   -4.490  1.00 12.12  ? 88  THR A O   1 
ATOM   668 C  CB  . THR A 1 88 ? 6.579   5.702   -5.795  1.00 10.92  ? 88  THR A CB  1 
ATOM   669 O  OG1 . THR A 1 88 ? 7.183   6.980   -5.588  1.00 13.62  ? 88  THR A OG1 1 
ATOM   670 C  CG2 . THR A 1 88 ? 5.627   5.680   -6.990  1.00 12.81  ? 88  THR A CG2 1 
ATOM   671 N  N   . ILE A 1 89 ? 3.972   3.896   -4.654  1.00 8.61   ? 89  ILE A N   1 
ATOM   672 C  CA  . ILE A 1 89 ? 3.250   2.633   -4.692  1.00 8.05   ? 89  ILE A CA  1 
ATOM   673 C  C   . ILE A 1 89 ? 2.182   2.545   -5.752  1.00 8.56   ? 89  ILE A C   1 
ATOM   674 O  O   . ILE A 1 89 ? 1.361   3.438   -5.918  1.00 12.28  ? 89  ILE A O   1 
ATOM   675 C  CB  . ILE A 1 89 ? 2.522   2.489   -3.325  1.00 14.72  ? 89  ILE A CB  1 
ATOM   676 C  CG1 . ILE A 1 89 ? 3.573   2.393   -2.218  1.00 17.85  ? 89  ILE A CG1 1 
ATOM   677 C  CG2 . ILE A 1 89 ? 1.623   1.241   -3.250  1.00 15.88  ? 89  ILE A CG2 1 
ATOM   678 C  CD1 . ILE A 1 89 ? 3.054   2.640   -0.811  1.00 22.00  ? 89  ILE A CD1 1 
ATOM   679 N  N   . LYS A 1 90 ? 2.163   1.435   -6.457  1.00 9.18   ? 90  LYS A N   1 
ATOM   680 C  CA  . LYS A 1 90 ? 1.122   1.250   -7.455  1.00 14.30  ? 90  LYS A CA  1 
ATOM   681 C  C   . LYS A 1 90 ? -0.012  0.520   -6.693  1.00 13.49  ? 90  LYS A C   1 
ATOM   682 O  O   . LYS A 1 90 ? 0.201   -0.462  -5.991  1.00 14.07  ? 90  LYS A O   1 
ATOM   683 C  CB  . LYS A 1 90 ? 1.600   0.277   -8.515  1.00 10.71  ? 90  LYS A CB  1 
ATOM   684 C  CG  . LYS A 1 90 ? 2.491   0.970   -9.539  1.00 26.79  ? 90  LYS A CG  1 
ATOM   685 C  CD  . LYS A 1 90 ? 3.192   -0.051  -10.421 1.00 49.98  ? 90  LYS A CD  1 
ATOM   686 C  CE  . LYS A 1 90 ? 2.467   -0.537  -11.670 1.00 32.02  ? 90  LYS A CE  1 
ATOM   687 N  NZ  . LYS A 1 90 ? 3.211   -1.661  -12.289 1.00 42.23  ? 90  LYS A NZ  1 
ATOM   688 N  N   . THR A 1 91 ? -1.210  1.019   -6.863  1.00 14.70  ? 91  THR A N   1 
ATOM   689 C  CA  . THR A 1 91 ? -2.401  0.470   -6.225  1.00 13.15  ? 91  THR A CA  1 
ATOM   690 C  C   . THR A 1 91 ? -3.153  -0.511  -7.088  1.00 19.31  ? 91  THR A C   1 
ATOM   691 O  O   . THR A 1 91 ? -2.835  -0.716  -8.258  1.00 14.61  ? 91  THR A O   1 
ATOM   692 C  CB  . THR A 1 91 ? -3.340  1.634   -5.861  1.00 17.61  ? 91  THR A CB  1 
ATOM   693 O  OG1 . THR A 1 91 ? -3.847  2.302   -7.013  1.00 19.22  ? 91  THR A OG1 1 
ATOM   694 C  CG2 . THR A 1 91 ? -2.615  2.581   -4.907  1.00 17.25  ? 91  THR A CG2 1 
ATOM   695 N  N   . HIS A 1 92 ? -4.166  -1.132  -6.494  1.00 17.48  ? 92  HIS A N   1 
ATOM   696 C  CA  . HIS A 1 92 ? -4.938  -2.080  -7.284  1.00 14.60  ? 92  HIS A CA  1 
ATOM   697 C  C   . HIS A 1 92 ? -4.168  -3.164  -8.043  1.00 19.46  ? 92  HIS A C   1 
ATOM   698 O  O   . HIS A 1 92 ? -4.438  -3.443  -9.209  1.00 21.30  ? 92  HIS A O   1 
ATOM   699 C  CB  . HIS A 1 92 ? -5.876  -1.357  -8.273  1.00 20.86  ? 92  HIS A CB  1 
ATOM   700 C  CG  . HIS A 1 92 ? -6.722  -0.231  -7.759  1.00 19.45  ? 92  HIS A CG  1 
ATOM   701 N  ND1 . HIS A 1 92 ? -6.213  1.008   -7.375  1.00 23.57  ? 92  HIS A ND1 1 
ATOM   702 C  CD2 . HIS A 1 92 ? -8.075  -0.174  -7.595  1.00 22.74  ? 92  HIS A CD2 1 
ATOM   703 C  CE1 . HIS A 1 92 ? -7.225  1.781   -6.997  1.00 22.20  ? 92  HIS A CE1 1 
ATOM   704 N  NE2 . HIS A 1 92 ? -8.359  1.092   -7.117  1.00 26.17  ? 92  HIS A NE2 1 
ATOM   705 N  N   . GLN A 1 93 ? -3.195  -3.813  -7.408  1.00 14.94  ? 93  GLN A N   1 
ATOM   706 C  CA  . GLN A 1 93 ? -2.398  -4.861  -8.006  1.00 22.65  ? 93  GLN A CA  1 
ATOM   707 C  C   . GLN A 1 93 ? -2.894  -6.291  -7.822  1.00 12.74  ? 93  GLN A C   1 
ATOM   708 O  O   . GLN A 1 93 ? -2.207  -7.242  -8.175  1.00 15.93  ? 93  GLN A O   1 
ATOM   709 C  CB  . GLN A 1 93 ? -0.998  -4.721  -7.412  1.00 19.90  ? 93  GLN A CB  1 
ATOM   710 C  CG  . GLN A 1 93 ? -0.391  -3.341  -7.704  1.00 13.85  ? 93  GLN A CG  1 
ATOM   711 C  CD  . GLN A 1 93 ? -0.086  -3.263  -9.174  1.00 22.83  ? 93  GLN A CD  1 
ATOM   712 O  OE1 . GLN A 1 93 ? 0.786   -3.967  -9.701  1.00 24.66  ? 93  GLN A OE1 1 
ATOM   713 N  NE2 . GLN A 1 93 ? -0.860  -2.419  -9.835  1.00 24.02  ? 93  GLN A NE2 1 
ATOM   714 N  N   . GLU A 1 94 ? -4.090  -6.411  -7.246  1.00 20.08  ? 94  GLU A N   1 
ATOM   715 C  CA  . GLU A 1 94 ? -4.670  -7.714  -7.003  1.00 16.17  ? 94  GLU A CA  1 
ATOM   716 C  C   . GLU A 1 94 ? -4.629  -8.645  -8.220  1.00 20.69  ? 94  GLU A C   1 
ATOM   717 O  O   . GLU A 1 94 ? -4.206  -9.776  -8.048  1.00 21.95  ? 94  GLU A O   1 
ATOM   718 C  CB  . GLU A 1 94 ? -6.095  -7.537  -6.439  1.00 19.33  ? 94  GLU A CB  1 
ATOM   719 C  CG  . GLU A 1 94 ? -6.711  -8.892  -6.037  1.00 19.95  ? 94  GLU A CG  1 
ATOM   720 C  CD  . GLU A 1 94 ? -8.028  -8.663  -5.364  1.00 25.05  ? 94  GLU A CD  1 
ATOM   721 O  OE1 . GLU A 1 94 ? -8.898  -7.926  -5.804  1.00 27.40  ? 94  GLU A OE1 1 
ATOM   722 O  OE2 . GLU A 1 94 ? -8.146  -9.339  -4.238  1.00 21.84  ? 94  GLU A OE2 1 
ATOM   723 N  N   . PRO A 1 95 ? -5.017  -8.245  -9.438  1.00 28.72  ? 95  PRO A N   1 
ATOM   724 C  CA  . PRO A 1 95 ? -4.994  -9.091  -10.642 1.00 18.80  ? 95  PRO A CA  1 
ATOM   725 C  C   . PRO A 1 95 ? -3.650  -9.620  -11.089 1.00 24.84  ? 95  PRO A C   1 
ATOM   726 O  O   . PRO A 1 95 ? -3.552  -10.676 -11.707 1.00 37.87  ? 95  PRO A O   1 
ATOM   727 C  CB  . PRO A 1 95 ? -5.478  -8.231  -11.803 1.00 30.00  ? 95  PRO A CB  1 
ATOM   728 C  CG  . PRO A 1 95 ? -6.214  -7.095  -11.115 1.00 27.21  ? 95  PRO A CG  1 
ATOM   729 C  CD  . PRO A 1 95 ? -5.580  -6.901  -9.736  1.00 18.85  ? 95  PRO A CD  1 
ATOM   730 N  N   . TYR A 1 96 ? -2.625  -8.848  -10.738 1.00 26.15  ? 96  TYR A N   1 
ATOM   731 C  CA  . TYR A 1 96 ? -1.216  -9.080  -11.033 1.00 32.66  ? 96  TYR A CA  1 
ATOM   732 C  C   . TYR A 1 96 ? -0.544  -9.897  -9.970  1.00 28.72  ? 96  TYR A C   1 
ATOM   733 O  O   . TYR A 1 96 ? 0.604   -10.312 -10.098 1.00 36.24  ? 96  TYR A O   1 
ATOM   734 C  CB  . TYR A 1 96 ? -0.385  -7.818  -11.394 1.00 23.23  ? 96  TYR A CB  1 
ATOM   735 C  CG  . TYR A 1 96 ? -1.324  -6.982  -12.211 1.00 51.90  ? 96  TYR A CG  1 
ATOM   736 C  CD1 . TYR A 1 96 ? -1.821  -7.397  -13.446 1.00 61.87  ? 96  TYR A CD1 1 
ATOM   737 C  CD2 . TYR A 1 96 ? -1.774  -5.777  -11.673 1.00 40.28  ? 96  TYR A CD2 1 
ATOM   738 C  CE1 . TYR A 1 96 ? -2.726  -6.579  -14.126 1.00 65.66  ? 96  TYR A CE1 1 
ATOM   739 C  CE2 . TYR A 1 96 ? -2.681  -4.952  -12.337 1.00 34.32  ? 96  TYR A CE2 1 
ATOM   740 C  CZ  . TYR A 1 96 ? -3.161  -5.368  -13.582 1.00 100.00 ? 96  TYR A CZ  1 
ATOM   741 O  OH  . TYR A 1 96 ? -4.057  -4.633  -14.325 1.00 100.00 ? 96  TYR A OH  1 
ATOM   742 N  N   . LEU A 1 97 ? -1.308  -10.129 -8.917  1.00 33.55  ? 97  LEU A N   1 
ATOM   743 C  CA  . LEU A 1 97 ? -0.759  -10.914 -7.843  1.00 29.55  ? 97  LEU A CA  1 
ATOM   744 C  C   . LEU A 1 97 ? -0.753  -12.347 -8.297  1.00 100.00 ? 97  LEU A C   1 
ATOM   745 O  O   . LEU A 1 97 ? -1.775  -13.040 -8.406  1.00 57.01  ? 97  LEU A O   1 
ATOM   746 C  CB  . LEU A 1 97 ? -1.553  -10.734 -6.536  1.00 24.31  ? 97  LEU A CB  1 
ATOM   747 C  CG  . LEU A 1 97 ? -0.748  -10.525 -5.267  1.00 45.87  ? 97  LEU A CG  1 
ATOM   748 C  CD1 . LEU A 1 97 ? -1.438  -11.210 -4.094  1.00 27.86  ? 97  LEU A CD1 1 
ATOM   749 C  CD2 . LEU A 1 97 ? 0.664   -11.070 -5.380  1.00 33.60  ? 97  LEU A CD2 1 
ATOM   750 N  N   . ALA A 1 98 ? 0.491   -12.694 -8.565  1.00 60.55  ? 98  ALA A N   1 
ATOM   751 C  CA  . ALA A 1 98 ? 0.695   -14.044 -9.010  1.00 100.00 ? 98  ALA A CA  1 
ATOM   752 C  C   . ALA A 1 98 ? 0.548   -14.928 -7.776  1.00 100.00 ? 98  ALA A C   1 
ATOM   753 O  O   . ALA A 1 98 ? 1.587   -15.010 -7.116  1.00 100.00 ? 98  ALA A O   1 
ATOM   754 C  CB  . ALA A 1 98 ? 1.964   -14.185 -9.846  1.00 100.00 ? 98  ALA A CB  1 
ATOM   755 O  OXT . ALA A 1 98 ? -0.645  -15.310 -7.595  1.00 100.00 ? 98  ALA A OXT 1 
HETATM 756 FE FE1 . FES B 2 .  ? -7.304  -8.033  3.427   1.00 13.43  ? 99  FES A FE1 1 
HETATM 757 FE FE2 . FES B 2 .  ? -5.641  -5.909  3.414   1.00 12.63  ? 99  FES A FE2 1 
HETATM 758 S  S1  . FES B 2 .  ? -7.807  -5.914  3.075   1.00 12.96  ? 99  FES A S1  1 
HETATM 759 S  S2  . FES B 2 .  ? -5.144  -8.040  3.657   1.00 13.45  ? 99  FES A S2  1 
HETATM 760 O  O   . HOH C 3 .  ? 7.803   14.981  9.859   1.00 54.63  ? 100 HOH A O   1 
HETATM 761 O  O   . HOH C 3 .  ? 4.192   19.368  5.533   1.00 47.23  ? 101 HOH A O   1 
HETATM 762 O  O   . HOH C 3 .  ? 2.906   22.224  6.240   1.00 46.70  ? 102 HOH A O   1 
HETATM 763 O  O   . HOH C 3 .  ? 5.520   22.397  4.602   1.00 49.31  ? 103 HOH A O   1 
HETATM 764 O  O   . HOH C 3 .  ? -13.096 -2.394  -1.985  1.00 56.41  ? 104 HOH A O   1 
HETATM 765 O  O   . HOH C 3 .  ? -12.041 -2.571  -6.618  1.00 61.84  ? 105 HOH A O   1 
HETATM 766 O  O   . HOH C 3 .  ? -11.539 0.768   -5.146  1.00 64.37  ? 106 HOH A O   1 
HETATM 767 O  O   . HOH C 3 .  ? -17.593 -2.568  -5.700  1.00 70.47  ? 107 HOH A O   1 
HETATM 768 O  O   . HOH C 3 .  ? 13.414  7.498   6.258   1.00 42.17  ? 108 HOH A O   1 
HETATM 769 O  O   . HOH C 3 .  ? 12.517  9.464   3.113   1.00 26.08  ? 109 HOH A O   1 
HETATM 770 O  O   . HOH C 3 .  ? 8.725   15.271  7.322   1.00 51.08  ? 110 HOH A O   1 
HETATM 771 O  O   . HOH C 3 .  ? 8.195   0.057   14.046  1.00 55.39  ? 111 HOH A O   1 
HETATM 772 O  O   . HOH C 3 .  ? 5.642   -10.776 8.067   1.00 60.26  ? 112 HOH A O   1 
HETATM 773 O  O   . HOH C 3 .  ? 0.938   -15.869 -0.563  1.00 25.11  ? 113 HOH A O   1 
HETATM 774 O  O   . HOH C 3 .  ? -1.017  -15.682 -3.761  1.00 27.73  ? 114 HOH A O   1 
HETATM 775 O  O   . HOH C 3 .  ? -12.204 11.787  3.258   1.00 34.34  ? 115 HOH A O   1 
HETATM 776 O  O   . HOH C 3 .  ? -2.873  -8.130  10.908  1.00 23.44  ? 116 HOH A O   1 
HETATM 777 O  O   . HOH C 3 .  ? -9.435  -11.514 8.594   1.00 21.39  ? 117 HOH A O   1 
HETATM 778 O  O   . HOH C 3 .  ? 13.306  0.310   -4.666  1.00 17.74  ? 118 HOH A O   1 
HETATM 779 O  O   . HOH C 3 .  ? 13.657  1.829   -2.727  1.00 11.12  ? 119 HOH A O   1 
HETATM 780 O  O   . HOH C 3 .  ? 10.107  -2.330  2.077   1.00 19.55  ? 120 HOH A O   1 
HETATM 781 O  O   . HOH C 3 .  ? 7.646   -8.567  7.101   1.00 39.09  ? 121 HOH A O   1 
HETATM 782 O  O   . HOH C 3 .  ? -4.251  -1.296  -3.833  1.00 16.70  ? 122 HOH A O   1 
HETATM 783 O  O   . HOH C 3 .  ? -2.933  12.831  5.333   1.00 15.57  ? 123 HOH A O   1 
HETATM 784 O  O   . HOH C 3 .  ? 5.115   16.661  9.108   1.00 57.35  ? 124 HOH A O   1 
HETATM 785 O  O   . HOH C 3 .  ? 6.671   4.230   14.405  1.00 48.72  ? 125 HOH A O   1 
HETATM 786 O  O   . HOH C 3 .  ? -8.771  5.811   7.944   1.00 33.06  ? 126 HOH A O   1 
HETATM 787 O  O   . HOH C 3 .  ? 7.994   -5.074  6.848   1.00 35.25  ? 127 HOH A O   1 
HETATM 788 O  O   . HOH C 3 .  ? 7.136   -5.522  -0.157  1.00 24.67  ? 128 HOH A O   1 
HETATM 789 O  O   . HOH C 3 .  ? -5.262  8.819   10.943  1.00 26.46  ? 129 HOH A O   1 
HETATM 790 O  O   . HOH C 3 .  ? 2.410   -4.233  9.773   1.00 15.73  ? 130 HOH A O   1 
HETATM 791 O  O   . HOH C 3 .  ? -2.424  7.842   -13.394 1.00 28.95  ? 131 HOH A O   1 
HETATM 792 O  O   . HOH C 3 .  ? 1.954   13.040  -7.430  1.00 26.85  ? 132 HOH A O   1 
HETATM 793 O  O   . HOH C 3 .  ? -8.176  9.153   11.927  1.00 30.98  ? 133 HOH A O   1 
HETATM 794 O  O   . HOH C 3 .  ? -3.785  3.852   10.344  1.00 25.44  ? 134 HOH A O   1 
HETATM 795 O  O   . HOH C 3 .  ? 9.086   7.843   -3.813  1.00 24.61  ? 135 HOH A O   1 
HETATM 796 O  O   . HOH C 3 .  ? 7.221   10.022  -2.394  1.00 21.68  ? 136 HOH A O   1 
HETATM 797 O  O   . HOH C 3 .  ? -5.374  -4.421  -4.922  1.00 16.00  ? 137 HOH A O   1 
HETATM 798 O  O   . HOH C 3 .  ? -1.806  -10.479 -14.404 1.00 52.93  ? 138 HOH A O   1 
HETATM 799 O  O   . HOH C 3 .  ? -5.518  -1.042  -1.247  1.00 17.05  ? 139 HOH A O   1 
HETATM 800 O  O   . HOH C 3 .  ? -7.336  -4.985  -14.039 1.00 58.53  ? 140 HOH A O   1 
HETATM 801 O  O   . HOH C 3 .  ? 4.313   2.608   12.464  1.00 34.87  ? 141 HOH A O   1 
HETATM 802 O  O   . HOH C 3 .  ? 7.034   -17.269 2.703   1.00 46.29  ? 142 HOH A O   1 
HETATM 803 O  O   . HOH C 3 .  ? 7.705   -18.444 0.517   1.00 60.41  ? 143 HOH A O   1 
HETATM 804 O  O   . HOH C 3 .  ? -1.315  -3.346  11.411  1.00 26.72  ? 144 HOH A O   1 
HETATM 805 O  O   . HOH C 3 .  ? -9.208  13.556  6.412   1.00 29.46  ? 145 HOH A O   1 
HETATM 806 O  O   . HOH C 3 .  ? -8.379  6.718   10.362  1.00 37.80  ? 146 HOH A O   1 
HETATM 807 O  O   . HOH C 3 .  ? -12.389 8.447   1.664   1.00 32.54  ? 147 HOH A O   1 
HETATM 808 O  O   . HOH C 3 .  ? -4.835  -2.573  10.029  1.00 37.25  ? 148 HOH A O   1 
HETATM 809 O  O   . HOH C 3 .  ? 4.437   9.276   14.579  1.00 36.82  ? 149 HOH A O   1 
HETATM 810 O  O   . HOH C 3 .  ? 2.208   12.663  -11.909 1.00 51.72  ? 150 HOH A O   1 
HETATM 811 O  O   . HOH C 3 .  ? -4.396  15.747  -10.376 1.00 29.78  ? 151 HOH A O   1 
HETATM 812 O  O   . HOH C 3 .  ? 7.848   9.776   -7.030  1.00 37.28  ? 152 HOH A O   1 
HETATM 813 O  O   . HOH C 3 .  ? 7.211   12.720  -2.604  1.00 41.13  ? 153 HOH A O   1 
HETATM 814 O  O   . HOH C 3 .  ? 9.130   13.116  3.918   1.00 43.91  ? 154 HOH A O   1 
HETATM 815 O  O   . HOH C 3 .  ? 5.614   13.296  -5.450  1.00 34.08  ? 155 HOH A O   1 
HETATM 816 O  O   . HOH C 3 .  ? 6.315   14.695  4.616   1.00 46.24  ? 156 HOH A O   1 
HETATM 817 O  O   . HOH C 3 .  ? 10.227  12.891  6.611   1.00 46.53  ? 157 HOH A O   1 
# 
